data_2K4N
#
_entry.id   2K4N
#
_entity_poly.entity_id   1
_entity_poly.type   'polypeptide(L)'
_entity_poly.pdbx_seq_one_letter_code
;MNSEVIKEFLEDIGEDYIELENEIHLKPEVFYEVWKYVGEPELKTYVIEDEIVEPGEYDPPEMKYTNVKKVKIKKVYFET
LDNVRVVTDYSEFQKILKKRGTKLEHHHHHH
;
_entity_poly.pdbx_strand_id   A
#
# COMPACT_ATOMS: atom_id res chain seq x y z
N MET A 1 18.11 6.14 7.25
CA MET A 1 18.48 4.78 6.80
C MET A 1 18.28 4.66 5.28
N ASN A 2 19.01 3.76 4.66
CA ASN A 2 18.81 3.47 3.25
C ASN A 2 17.83 2.32 3.09
N SER A 3 17.34 2.13 1.88
CA SER A 3 16.41 1.05 1.57
C SER A 3 17.08 -0.31 1.79
N GLU A 4 18.39 -0.32 1.62
CA GLU A 4 19.18 -1.52 1.83
C GLU A 4 19.10 -1.97 3.28
N VAL A 5 18.96 -1.01 4.19
CA VAL A 5 18.80 -1.29 5.61
C VAL A 5 17.46 -1.98 5.87
N ILE A 6 16.45 -1.52 5.15
CA ILE A 6 15.10 -2.07 5.29
C ILE A 6 15.10 -3.54 4.85
N LYS A 7 15.82 -3.84 3.77
CA LYS A 7 15.91 -5.20 3.26
C LYS A 7 16.59 -6.11 4.27
N GLU A 8 17.63 -5.60 4.93
CA GLU A 8 18.32 -6.35 5.96
C GLU A 8 17.43 -6.54 7.19
N PHE A 9 16.64 -5.53 7.50
CA PHE A 9 15.68 -5.61 8.60
C PHE A 9 14.65 -6.72 8.31
N LEU A 10 14.18 -6.77 7.07
CA LEU A 10 13.23 -7.79 6.65
C LEU A 10 13.87 -9.17 6.69
N GLU A 11 15.17 -9.22 6.42
CA GLU A 11 15.93 -10.45 6.49
C GLU A 11 15.94 -11.00 7.91
N ASP A 12 16.20 -10.13 8.87
CA ASP A 12 16.28 -10.54 10.27
C ASP A 12 14.92 -11.02 10.77
N ILE A 13 13.89 -10.21 10.58
CA ILE A 13 12.56 -10.54 11.07
C ILE A 13 11.99 -11.76 10.33
N GLY A 14 12.42 -11.95 9.09
CA GLY A 14 11.98 -13.09 8.31
C GLY A 14 10.75 -12.78 7.49
N GLU A 15 10.87 -11.78 6.62
CA GLU A 15 9.76 -11.39 5.76
C GLU A 15 10.26 -11.15 4.34
N ASP A 16 9.41 -11.43 3.36
CA ASP A 16 9.76 -11.27 1.96
C ASP A 16 9.28 -9.92 1.44
N TYR A 17 10.10 -9.26 0.63
CA TYR A 17 9.71 -8.00 0.02
C TYR A 17 9.54 -8.16 -1.49
N ILE A 18 8.56 -7.49 -2.04
CA ILE A 18 8.34 -7.50 -3.48
C ILE A 18 8.88 -6.22 -4.10
N GLU A 19 10.10 -6.28 -4.61
CA GLU A 19 10.72 -5.10 -5.20
C GLU A 19 10.55 -5.12 -6.72
N LEU A 20 9.94 -4.06 -7.23
CA LEU A 20 9.72 -3.91 -8.65
C LEU A 20 10.60 -2.82 -9.22
N GLU A 21 11.79 -2.70 -8.64
CA GLU A 21 12.76 -1.66 -9.02
C GLU A 21 12.27 -0.29 -8.55
N ASN A 22 12.83 0.18 -7.44
CA ASN A 22 12.43 1.45 -6.82
C ASN A 22 11.02 1.40 -6.23
N GLU A 23 10.40 0.23 -6.28
CA GLU A 23 9.13 0.02 -5.61
C GLU A 23 9.19 -1.24 -4.77
N ILE A 24 9.11 -1.08 -3.46
CA ILE A 24 9.05 -2.22 -2.56
C ILE A 24 7.64 -2.37 -2.02
N HIS A 25 6.91 -3.33 -2.56
CA HIS A 25 5.55 -3.59 -2.13
C HIS A 25 5.57 -4.57 -0.97
N LEU A 26 5.04 -4.14 0.17
CA LEU A 26 5.10 -4.95 1.38
C LEU A 26 3.71 -5.33 1.85
N LYS A 27 3.69 -6.20 2.85
CA LYS A 27 2.45 -6.61 3.48
C LYS A 27 2.01 -5.54 4.48
N PRO A 28 0.71 -5.19 4.48
CA PRO A 28 0.17 -4.11 5.33
C PRO A 28 0.59 -4.17 6.79
N GLU A 29 0.56 -5.36 7.37
CA GLU A 29 0.93 -5.53 8.77
C GLU A 29 2.43 -5.26 8.98
N VAL A 30 3.23 -5.68 8.00
CA VAL A 30 4.67 -5.44 8.04
C VAL A 30 4.94 -3.94 7.87
N PHE A 31 4.24 -3.35 6.91
CA PHE A 31 4.37 -1.92 6.61
C PHE A 31 4.12 -1.08 7.84
N TYR A 32 3.06 -1.40 8.58
CA TYR A 32 2.69 -0.65 9.78
C TYR A 32 3.82 -0.63 10.80
N GLU A 33 4.52 -1.75 10.93
CA GLU A 33 5.61 -1.86 11.90
C GLU A 33 6.87 -1.17 11.39
N VAL A 34 7.17 -1.34 10.10
CA VAL A 34 8.33 -0.69 9.50
C VAL A 34 8.15 0.83 9.48
N TRP A 35 6.92 1.26 9.24
CA TRP A 35 6.58 2.67 9.24
C TRP A 35 7.01 3.33 10.55
N LYS A 36 6.57 2.77 11.67
CA LYS A 36 6.93 3.32 12.97
C LYS A 36 8.40 3.07 13.31
N TYR A 37 8.96 2.00 12.73
CA TYR A 37 10.36 1.66 12.96
C TYR A 37 11.28 2.77 12.42
N VAL A 38 10.91 3.34 11.28
CA VAL A 38 11.74 4.36 10.64
C VAL A 38 11.40 5.76 11.16
N GLY A 39 10.60 5.83 12.21
CA GLY A 39 10.29 7.11 12.82
C GLY A 39 8.94 7.65 12.39
N GLU A 40 8.18 6.81 11.68
CA GLU A 40 6.82 7.13 11.19
C GLU A 40 6.70 8.57 10.66
N PRO A 41 7.12 8.79 9.40
CA PRO A 41 6.98 10.07 8.74
C PRO A 41 5.63 10.19 8.01
N GLU A 42 5.49 11.22 7.18
CA GLU A 42 4.27 11.41 6.42
C GLU A 42 4.20 10.45 5.25
N LEU A 43 3.02 9.86 5.06
CA LEU A 43 2.81 8.89 4.01
C LEU A 43 2.19 9.55 2.78
N LYS A 44 2.54 9.07 1.61
CA LYS A 44 2.04 9.62 0.36
C LYS A 44 1.10 8.61 -0.31
N THR A 45 -0.15 9.00 -0.47
CA THR A 45 -1.16 8.11 -1.02
C THR A 45 -1.49 8.47 -2.45
N TYR A 46 -1.71 7.46 -3.29
CA TYR A 46 -2.07 7.69 -4.67
C TYR A 46 -3.31 6.86 -5.04
N VAL A 47 -4.07 7.37 -5.98
CA VAL A 47 -5.26 6.66 -6.47
C VAL A 47 -4.98 6.11 -7.85
N ILE A 48 -5.27 4.83 -8.05
CA ILE A 48 -5.10 4.21 -9.35
C ILE A 48 -6.41 3.53 -9.79
N GLU A 49 -7.02 4.09 -10.82
CA GLU A 49 -8.23 3.51 -11.37
C GLU A 49 -7.88 2.36 -12.31
N ASP A 50 -7.96 1.15 -11.80
CA ASP A 50 -7.63 -0.03 -12.58
C ASP A 50 -8.92 -0.78 -12.92
N GLU A 51 -9.22 -0.86 -14.21
CA GLU A 51 -10.46 -1.48 -14.66
C GLU A 51 -10.26 -2.98 -14.87
N ILE A 52 -11.17 -3.75 -14.33
CA ILE A 52 -11.15 -5.20 -14.54
C ILE A 52 -11.90 -5.53 -15.83
N VAL A 53 -11.24 -6.24 -16.72
CA VAL A 53 -11.81 -6.56 -18.02
C VAL A 53 -12.57 -7.88 -17.97
N GLU A 54 -13.40 -8.13 -18.98
CA GLU A 54 -14.18 -9.34 -19.05
C GLU A 54 -13.38 -10.45 -19.73
N PRO A 55 -13.38 -11.65 -19.16
CA PRO A 55 -12.67 -12.80 -19.74
C PRO A 55 -13.33 -13.30 -21.02
N GLY A 56 -14.53 -13.85 -20.90
CA GLY A 56 -15.22 -14.40 -22.04
C GLY A 56 -16.36 -15.29 -21.62
N GLU A 57 -17.11 -14.83 -20.63
CA GLU A 57 -18.15 -15.64 -20.00
C GLU A 57 -19.23 -16.04 -21.00
N TYR A 58 -19.31 -17.33 -21.29
CA TYR A 58 -20.36 -17.86 -22.13
C TYR A 58 -21.50 -18.37 -21.28
N ASP A 59 -22.38 -17.44 -20.91
CA ASP A 59 -23.56 -17.77 -20.12
C ASP A 59 -24.75 -16.94 -20.62
N PRO A 60 -24.61 -15.60 -20.72
CA PRO A 60 -25.64 -14.78 -21.34
C PRO A 60 -25.55 -14.85 -22.87
N PRO A 61 -26.70 -14.91 -23.55
CA PRO A 61 -26.75 -14.94 -25.01
C PRO A 61 -26.08 -13.72 -25.63
N GLU A 62 -25.48 -13.91 -26.81
CA GLU A 62 -24.78 -12.83 -27.49
C GLU A 62 -25.77 -11.80 -28.01
N MET A 63 -26.08 -10.84 -27.14
CA MET A 63 -26.98 -9.75 -27.45
C MET A 63 -26.81 -8.66 -26.40
N LYS A 64 -26.77 -9.09 -25.14
CA LYS A 64 -26.35 -8.21 -24.06
C LYS A 64 -24.83 -8.11 -24.04
N TYR A 65 -24.32 -7.01 -23.53
CA TYR A 65 -22.90 -6.75 -23.60
C TYR A 65 -22.31 -6.61 -22.20
N THR A 66 -21.43 -7.53 -21.83
CA THR A 66 -20.74 -7.48 -20.55
C THR A 66 -19.93 -6.18 -20.43
N ASN A 67 -19.75 -5.71 -19.21
CA ASN A 67 -19.07 -4.45 -18.99
C ASN A 67 -17.87 -4.63 -18.06
N VAL A 68 -16.83 -3.85 -18.33
CA VAL A 68 -15.67 -3.82 -17.46
C VAL A 68 -15.95 -2.91 -16.29
N LYS A 69 -15.32 -3.14 -15.16
CA LYS A 69 -15.58 -2.34 -13.97
C LYS A 69 -14.35 -1.57 -13.55
N LYS A 70 -14.54 -0.29 -13.28
CA LYS A 70 -13.44 0.62 -12.98
C LYS A 70 -13.18 0.65 -11.49
N VAL A 71 -12.13 -0.05 -11.06
CA VAL A 71 -11.77 -0.11 -9.66
C VAL A 71 -10.76 0.97 -9.32
N LYS A 72 -11.24 2.05 -8.75
CA LYS A 72 -10.37 3.13 -8.30
C LYS A 72 -9.91 2.85 -6.88
N ILE A 73 -8.71 2.32 -6.75
CA ILE A 73 -8.19 1.92 -5.45
C ILE A 73 -7.13 2.91 -4.96
N LYS A 74 -7.22 3.24 -3.68
CA LYS A 74 -6.27 4.15 -3.05
C LYS A 74 -5.18 3.34 -2.37
N LYS A 75 -3.94 3.62 -2.69
CA LYS A 75 -2.82 2.92 -2.07
C LYS A 75 -1.85 3.92 -1.45
N VAL A 76 -1.06 3.45 -0.50
CA VAL A 76 -0.15 4.32 0.25
C VAL A 76 1.29 3.86 0.09
N TYR A 77 2.22 4.80 0.09
CA TYR A 77 3.62 4.48 0.05
C TYR A 77 4.44 5.59 0.71
N PHE A 78 5.69 5.29 1.03
CA PHE A 78 6.62 6.30 1.46
C PHE A 78 7.93 6.15 0.70
N GLU A 79 8.60 7.25 0.45
CA GLU A 79 9.83 7.23 -0.34
C GLU A 79 11.05 7.37 0.55
N THR A 80 12.02 6.51 0.34
CA THR A 80 13.24 6.52 1.12
C THR A 80 14.25 7.51 0.54
N LEU A 81 15.45 7.54 1.12
CA LEU A 81 16.53 8.40 0.65
C LEU A 81 16.99 7.95 -0.72
N ASP A 82 16.71 6.71 -1.07
CA ASP A 82 17.13 6.14 -2.34
C ASP A 82 16.04 6.33 -3.39
N ASN A 83 14.99 7.08 -3.01
CA ASN A 83 13.84 7.33 -3.87
C ASN A 83 13.08 6.04 -4.15
N VAL A 84 13.25 5.07 -3.26
CA VAL A 84 12.53 3.81 -3.37
C VAL A 84 11.19 3.94 -2.66
N ARG A 85 10.12 3.62 -3.36
CA ARG A 85 8.78 3.79 -2.84
C ARG A 85 8.26 2.49 -2.25
N VAL A 86 8.13 2.45 -0.93
CA VAL A 86 7.55 1.29 -0.27
C VAL A 86 6.03 1.38 -0.31
N VAL A 87 5.43 0.60 -1.19
CA VAL A 87 3.99 0.69 -1.44
C VAL A 87 3.24 -0.39 -0.69
N THR A 88 2.05 -0.04 -0.22
CA THR A 88 1.20 -0.97 0.52
C THR A 88 -0.28 -0.63 0.33
N ASP A 89 -1.13 -1.65 0.38
CA ASP A 89 -2.57 -1.49 0.24
C ASP A 89 -3.11 -0.55 1.32
N TYR A 90 -3.58 0.62 0.90
CA TYR A 90 -4.11 1.62 1.83
C TYR A 90 -5.46 1.16 2.37
N SER A 91 -6.18 0.40 1.57
CA SER A 91 -7.45 -0.19 1.96
C SER A 91 -7.25 -1.12 3.16
N GLU A 92 -6.23 -1.97 3.05
CA GLU A 92 -5.90 -2.91 4.11
C GLU A 92 -5.26 -2.17 5.28
N PHE A 93 -4.48 -1.15 4.96
CA PHE A 93 -3.79 -0.36 5.98
C PHE A 93 -4.78 0.31 6.93
N GLN A 94 -5.75 1.03 6.37
CA GLN A 94 -6.78 1.68 7.19
C GLN A 94 -7.63 0.63 7.90
N LYS A 95 -7.80 -0.51 7.26
CA LYS A 95 -8.51 -1.64 7.86
C LYS A 95 -7.82 -2.08 9.15
N ILE A 96 -6.49 -2.12 9.12
CA ILE A 96 -5.71 -2.45 10.31
C ILE A 96 -5.75 -1.31 11.31
N LEU A 97 -5.73 -0.07 10.81
CA LEU A 97 -5.83 1.11 11.66
C LEU A 97 -7.13 1.08 12.47
N LYS A 98 -8.23 0.83 11.77
CA LYS A 98 -9.55 0.76 12.41
C LYS A 98 -9.61 -0.44 13.36
N LYS A 99 -8.86 -1.47 13.05
CA LYS A 99 -8.83 -2.69 13.85
C LYS A 99 -8.18 -2.44 15.21
N ARG A 100 -6.98 -1.85 15.18
CA ARG A 100 -6.26 -1.56 16.42
C ARG A 100 -6.73 -0.26 17.05
N GLY A 101 -7.54 0.49 16.31
CA GLY A 101 -8.04 1.75 16.81
C GLY A 101 -6.97 2.82 16.80
N THR A 102 -6.09 2.76 15.82
CA THR A 102 -5.04 3.76 15.67
C THR A 102 -5.62 5.02 15.04
N LYS A 103 -5.87 6.02 15.87
CA LYS A 103 -6.46 7.26 15.40
C LYS A 103 -5.39 8.19 14.86
N LEU A 104 -5.52 8.57 13.60
CA LEU A 104 -4.55 9.44 12.96
C LEU A 104 -4.86 10.89 13.27
N GLU A 105 -3.98 11.53 14.02
CA GLU A 105 -4.12 12.94 14.36
C GLU A 105 -4.00 13.82 13.13
N HIS A 106 -4.60 15.00 13.19
CA HIS A 106 -4.54 15.93 12.07
C HIS A 106 -3.17 16.57 12.01
N HIS A 107 -2.53 16.68 13.16
CA HIS A 107 -1.14 17.11 13.24
C HIS A 107 -0.34 16.05 13.98
N HIS A 108 0.55 15.38 13.27
CA HIS A 108 1.34 14.30 13.86
C HIS A 108 2.47 14.86 14.70
N HIS A 109 2.81 14.16 15.78
CA HIS A 109 3.87 14.60 16.68
C HIS A 109 5.25 14.25 16.13
N HIS A 110 5.41 14.37 14.82
CA HIS A 110 6.68 14.07 14.17
C HIS A 110 6.99 15.11 13.11
N HIS A 111 6.30 16.25 13.20
CA HIS A 111 6.46 17.31 12.23
C HIS A 111 6.28 18.66 12.90
N MET A 1 18.73 5.12 8.61
CA MET A 1 18.40 3.90 7.87
C MET A 1 18.21 4.21 6.40
N ASN A 2 18.50 3.24 5.55
CA ASN A 2 18.24 3.36 4.12
C ASN A 2 17.39 2.17 3.66
N SER A 3 17.06 2.13 2.37
CA SER A 3 16.19 1.09 1.84
C SER A 3 16.80 -0.30 2.05
N GLU A 4 18.11 -0.38 1.92
CA GLU A 4 18.82 -1.64 2.08
C GLU A 4 18.68 -2.17 3.50
N VAL A 5 18.68 -1.25 4.46
CA VAL A 5 18.50 -1.60 5.87
C VAL A 5 17.13 -2.20 6.09
N ILE A 6 16.13 -1.62 5.43
CA ILE A 6 14.76 -2.12 5.51
C ILE A 6 14.68 -3.53 4.94
N LYS A 7 15.30 -3.74 3.78
CA LYS A 7 15.35 -5.05 3.14
C LYS A 7 15.95 -6.08 4.08
N GLU A 8 17.09 -5.73 4.66
CA GLU A 8 17.79 -6.61 5.59
C GLU A 8 16.91 -6.97 6.78
N PHE A 9 16.25 -5.97 7.34
CA PHE A 9 15.35 -6.18 8.48
C PHE A 9 14.25 -7.17 8.10
N LEU A 10 13.74 -7.03 6.90
CA LEU A 10 12.69 -7.91 6.40
C LEU A 10 13.21 -9.33 6.24
N GLU A 11 14.41 -9.47 5.68
CA GLU A 11 15.03 -10.78 5.49
C GLU A 11 15.25 -11.46 6.83
N ASP A 12 15.58 -10.66 7.85
CA ASP A 12 15.80 -11.19 9.20
C ASP A 12 14.52 -11.75 9.79
N ILE A 13 13.44 -10.97 9.74
CA ILE A 13 12.17 -11.38 10.33
C ILE A 13 11.46 -12.42 9.46
N GLY A 14 12.01 -12.67 8.27
CA GLY A 14 11.47 -13.70 7.40
C GLY A 14 10.35 -13.18 6.52
N GLU A 15 10.36 -11.88 6.27
CA GLU A 15 9.31 -11.25 5.48
C GLU A 15 9.70 -11.24 4.00
N ASP A 16 8.69 -11.21 3.13
CA ASP A 16 8.92 -11.14 1.70
C ASP A 16 8.67 -9.74 1.19
N TYR A 17 9.69 -9.17 0.57
CA TYR A 17 9.55 -7.86 -0.03
C TYR A 17 9.70 -7.94 -1.54
N ILE A 18 8.78 -7.30 -2.24
CA ILE A 18 8.86 -7.26 -3.68
C ILE A 18 9.30 -5.87 -4.13
N GLU A 19 10.61 -5.70 -4.29
CA GLU A 19 11.16 -4.43 -4.69
C GLU A 19 11.43 -4.44 -6.18
N LEU A 20 10.59 -3.72 -6.91
CA LEU A 20 10.69 -3.63 -8.35
C LEU A 20 10.77 -2.19 -8.78
N GLU A 21 11.84 -1.85 -9.50
CA GLU A 21 11.99 -0.51 -10.05
C GLU A 21 11.97 0.56 -8.96
N ASN A 22 12.55 0.22 -7.81
CA ASN A 22 12.61 1.10 -6.64
C ASN A 22 11.25 1.21 -5.96
N GLU A 23 10.42 0.18 -6.13
CA GLU A 23 9.17 0.08 -5.38
C GLU A 23 9.21 -1.13 -4.45
N ILE A 24 9.21 -0.89 -3.14
CA ILE A 24 9.19 -1.98 -2.18
C ILE A 24 7.75 -2.32 -1.82
N HIS A 25 7.24 -3.39 -2.41
CA HIS A 25 5.88 -3.83 -2.13
C HIS A 25 5.87 -4.74 -0.92
N LEU A 26 5.10 -4.37 0.10
CA LEU A 26 5.08 -5.11 1.36
C LEU A 26 3.65 -5.42 1.81
N LYS A 27 3.54 -6.00 3.00
CA LYS A 27 2.26 -6.31 3.60
C LYS A 27 1.80 -5.15 4.49
N PRO A 28 0.48 -4.89 4.54
CA PRO A 28 -0.09 -3.76 5.27
C PRO A 28 0.39 -3.65 6.72
N GLU A 29 0.38 -4.77 7.44
CA GLU A 29 0.77 -4.76 8.84
C GLU A 29 2.26 -4.45 8.99
N VAL A 30 3.06 -4.96 8.05
CA VAL A 30 4.50 -4.72 8.06
C VAL A 30 4.78 -3.25 7.76
N PHE A 31 4.05 -2.70 6.80
CA PHE A 31 4.16 -1.29 6.44
C PHE A 31 3.92 -0.41 7.66
N TYR A 32 2.94 -0.77 8.45
CA TYR A 32 2.59 -0.04 9.67
C TYR A 32 3.77 -0.03 10.67
N GLU A 33 4.40 -1.18 10.84
CA GLU A 33 5.52 -1.31 11.76
C GLU A 33 6.75 -0.55 11.24
N VAL A 34 7.00 -0.67 9.94
CA VAL A 34 8.11 0.04 9.32
C VAL A 34 7.88 1.55 9.38
N TRP A 35 6.62 1.94 9.22
CA TRP A 35 6.22 3.34 9.32
C TRP A 35 6.70 3.94 10.64
N LYS A 36 6.42 3.26 11.74
CA LYS A 36 6.85 3.73 13.05
C LYS A 36 8.37 3.58 13.23
N TYR A 37 8.94 2.53 12.64
CA TYR A 37 10.37 2.30 12.71
C TYR A 37 11.16 3.48 12.14
N VAL A 38 10.71 3.99 11.01
CA VAL A 38 11.43 5.06 10.32
C VAL A 38 11.13 6.43 10.92
N GLY A 39 10.53 6.45 12.11
CA GLY A 39 10.29 7.71 12.79
C GLY A 39 8.86 8.18 12.68
N GLU A 40 8.04 7.37 12.01
CA GLU A 40 6.62 7.68 11.83
C GLU A 40 6.44 9.03 11.13
N PRO A 41 6.79 9.10 9.83
CA PRO A 41 6.69 10.32 9.06
C PRO A 41 5.32 10.48 8.40
N GLU A 42 5.23 11.36 7.41
CA GLU A 42 3.97 11.58 6.72
C GLU A 42 3.83 10.60 5.56
N LEU A 43 2.60 10.18 5.32
CA LEU A 43 2.32 9.16 4.31
C LEU A 43 1.97 9.79 2.97
N LYS A 44 2.15 9.01 1.91
CA LYS A 44 1.81 9.44 0.57
C LYS A 44 0.88 8.39 -0.06
N THR A 45 -0.02 8.84 -0.92
CA THR A 45 -1.01 7.94 -1.49
C THR A 45 -1.26 8.26 -2.97
N TYR A 46 -1.68 7.25 -3.71
CA TYR A 46 -2.03 7.43 -5.11
C TYR A 46 -3.19 6.51 -5.48
N VAL A 47 -4.02 6.95 -6.41
CA VAL A 47 -5.16 6.15 -6.85
C VAL A 47 -4.85 5.49 -8.18
N ILE A 48 -4.93 4.17 -8.22
CA ILE A 48 -4.62 3.41 -9.43
C ILE A 48 -5.89 2.81 -10.02
N GLU A 49 -5.91 2.65 -11.33
CA GLU A 49 -7.08 2.19 -12.05
C GLU A 49 -7.14 0.66 -12.11
N ASP A 50 -7.88 0.05 -11.18
CA ASP A 50 -8.11 -1.40 -11.22
C ASP A 50 -9.41 -1.67 -11.97
N GLU A 51 -9.26 -2.13 -13.20
CA GLU A 51 -10.37 -2.21 -14.13
C GLU A 51 -10.99 -3.61 -14.15
N ILE A 52 -12.23 -3.70 -13.69
CA ILE A 52 -12.98 -4.95 -13.80
C ILE A 52 -13.66 -4.98 -15.17
N VAL A 53 -12.89 -5.42 -16.16
CA VAL A 53 -13.39 -5.53 -17.52
C VAL A 53 -13.95 -6.93 -17.75
N GLU A 54 -14.61 -7.11 -18.88
CA GLU A 54 -15.19 -8.40 -19.21
C GLU A 54 -14.16 -9.27 -19.92
N PRO A 55 -13.66 -10.32 -19.24
CA PRO A 55 -12.65 -11.20 -19.78
C PRO A 55 -13.24 -12.40 -20.51
N GLY A 56 -13.60 -12.18 -21.76
CA GLY A 56 -14.17 -13.25 -22.57
C GLY A 56 -14.85 -12.73 -23.81
N GLU A 57 -14.39 -11.58 -24.30
CA GLU A 57 -15.00 -10.92 -25.44
C GLU A 57 -13.97 -10.67 -26.53
N TYR A 58 -14.38 -10.85 -27.77
CA TYR A 58 -13.52 -10.54 -28.90
C TYR A 58 -13.70 -9.08 -29.28
N ASP A 59 -14.90 -8.57 -29.03
CA ASP A 59 -15.21 -7.18 -29.31
C ASP A 59 -15.02 -6.35 -28.05
N PRO A 60 -14.47 -5.13 -28.21
CA PRO A 60 -14.19 -4.24 -27.07
C PRO A 60 -15.44 -3.90 -26.28
N PRO A 61 -15.48 -4.32 -24.99
CA PRO A 61 -16.61 -4.06 -24.09
C PRO A 61 -16.84 -2.57 -23.87
N GLU A 62 -15.82 -1.77 -24.16
CA GLU A 62 -15.88 -0.33 -24.07
C GLU A 62 -17.06 0.24 -24.86
N MET A 63 -17.24 -0.24 -26.07
CA MET A 63 -18.29 0.26 -26.96
C MET A 63 -19.65 -0.28 -26.57
N LYS A 64 -19.65 -1.33 -25.77
CA LYS A 64 -20.88 -1.94 -25.30
C LYS A 64 -21.31 -1.29 -23.99
N TYR A 65 -20.33 -1.08 -23.11
CA TYR A 65 -20.54 -0.44 -21.81
C TYR A 65 -21.67 -1.12 -21.04
N THR A 66 -21.43 -2.34 -20.61
CA THR A 66 -22.43 -3.08 -19.87
C THR A 66 -21.90 -3.54 -18.50
N ASN A 67 -20.85 -4.35 -18.52
CA ASN A 67 -20.27 -4.86 -17.27
C ASN A 67 -18.91 -4.24 -16.99
N VAL A 68 -18.58 -3.19 -17.74
CA VAL A 68 -17.29 -2.52 -17.57
C VAL A 68 -17.29 -1.67 -16.31
N LYS A 69 -16.80 -2.24 -15.23
CA LYS A 69 -16.81 -1.57 -13.94
C LYS A 69 -15.39 -1.35 -13.45
N LYS A 70 -14.94 -0.10 -13.48
CA LYS A 70 -13.58 0.20 -13.05
C LYS A 70 -13.57 0.71 -11.62
N VAL A 71 -12.81 0.04 -10.78
CA VAL A 71 -12.72 0.40 -9.37
C VAL A 71 -11.33 0.97 -9.07
N LYS A 72 -11.29 2.27 -8.88
CA LYS A 72 -10.03 2.96 -8.63
C LYS A 72 -9.59 2.74 -7.18
N ILE A 73 -8.49 2.01 -7.01
CA ILE A 73 -8.02 1.69 -5.68
C ILE A 73 -6.90 2.62 -5.26
N LYS A 74 -7.08 3.25 -4.11
CA LYS A 74 -6.08 4.15 -3.55
C LYS A 74 -5.09 3.35 -2.71
N LYS A 75 -3.81 3.43 -3.06
CA LYS A 75 -2.76 2.73 -2.33
C LYS A 75 -1.86 3.70 -1.60
N VAL A 76 -1.11 3.22 -0.62
CA VAL A 76 -0.28 4.07 0.22
C VAL A 76 1.20 3.70 0.07
N TYR A 77 2.07 4.70 0.16
CA TYR A 77 3.50 4.47 0.06
C TYR A 77 4.27 5.58 0.76
N PHE A 78 5.51 5.31 1.13
CA PHE A 78 6.40 6.35 1.61
C PHE A 78 7.75 6.22 0.93
N GLU A 79 8.46 7.32 0.80
CA GLU A 79 9.70 7.34 0.03
C GLU A 79 10.90 7.38 0.97
N THR A 80 11.93 6.60 0.61
CA THR A 80 13.10 6.46 1.44
C THR A 80 14.24 7.38 0.99
N LEU A 81 15.41 7.15 1.56
CA LEU A 81 16.61 7.93 1.26
C LEU A 81 17.11 7.66 -0.16
N ASP A 82 16.83 6.45 -0.64
CA ASP A 82 17.37 5.98 -1.91
C ASP A 82 16.39 6.21 -3.05
N ASN A 83 15.43 7.11 -2.82
CA ASN A 83 14.39 7.44 -3.81
C ASN A 83 13.48 6.25 -4.04
N VAL A 84 13.53 5.30 -3.13
CA VAL A 84 12.73 4.08 -3.22
C VAL A 84 11.38 4.30 -2.57
N ARG A 85 10.33 3.80 -3.21
CA ARG A 85 8.98 3.98 -2.71
C ARG A 85 8.43 2.67 -2.16
N VAL A 86 8.20 2.64 -0.87
CA VAL A 86 7.63 1.46 -0.23
C VAL A 86 6.11 1.50 -0.38
N VAL A 87 5.60 0.70 -1.30
CA VAL A 87 4.18 0.73 -1.64
C VAL A 87 3.45 -0.43 -0.97
N THR A 88 2.28 -0.13 -0.41
CA THR A 88 1.47 -1.13 0.24
C THR A 88 -0.02 -0.80 0.06
N ASP A 89 -0.88 -1.81 0.17
CA ASP A 89 -2.31 -1.60 0.01
C ASP A 89 -2.89 -0.75 1.13
N TYR A 90 -3.52 0.34 0.74
CA TYR A 90 -4.10 1.29 1.68
C TYR A 90 -5.44 0.77 2.21
N SER A 91 -6.03 -0.16 1.48
CA SER A 91 -7.31 -0.75 1.89
C SER A 91 -7.16 -1.48 3.23
N GLU A 92 -6.30 -2.48 3.25
CA GLU A 92 -6.06 -3.25 4.47
C GLU A 92 -5.29 -2.42 5.50
N PHE A 93 -4.46 -1.50 5.02
CA PHE A 93 -3.73 -0.60 5.92
C PHE A 93 -4.72 0.18 6.78
N GLN A 94 -5.76 0.70 6.14
CA GLN A 94 -6.83 1.41 6.84
C GLN A 94 -7.54 0.48 7.83
N LYS A 95 -7.76 -0.76 7.41
CA LYS A 95 -8.43 -1.73 8.26
C LYS A 95 -7.58 -2.06 9.49
N ILE A 96 -6.28 -2.18 9.30
CA ILE A 96 -5.37 -2.50 10.40
C ILE A 96 -5.22 -1.31 11.34
N LEU A 97 -5.32 -0.10 10.82
CA LEU A 97 -5.29 1.09 11.66
C LEU A 97 -6.45 1.09 12.65
N LYS A 98 -7.63 0.70 12.17
CA LYS A 98 -8.80 0.60 13.02
C LYS A 98 -8.71 -0.64 13.92
N LYS A 99 -7.88 -1.57 13.50
CA LYS A 99 -7.68 -2.83 14.24
C LYS A 99 -6.83 -2.59 15.49
N ARG A 100 -5.78 -1.79 15.35
CA ARG A 100 -4.88 -1.54 16.47
C ARG A 100 -5.19 -0.21 17.15
N GLY A 101 -6.15 0.52 16.60
CA GLY A 101 -6.56 1.78 17.19
C GLY A 101 -5.57 2.90 16.91
N THR A 102 -5.37 3.19 15.63
CA THR A 102 -4.50 4.29 15.24
C THR A 102 -5.27 5.32 14.41
N LYS A 103 -5.39 6.52 14.96
CA LYS A 103 -6.08 7.61 14.27
C LYS A 103 -5.13 8.31 13.30
N LEU A 104 -5.68 9.16 12.45
CA LEU A 104 -4.87 9.93 11.52
C LEU A 104 -4.34 11.17 12.22
N GLU A 105 -4.99 11.54 13.31
CA GLU A 105 -4.57 12.66 14.12
C GLU A 105 -3.48 12.25 15.11
N HIS A 106 -2.33 12.89 15.00
CA HIS A 106 -1.23 12.64 15.91
C HIS A 106 -1.41 13.48 17.16
N HIS A 107 -0.84 13.04 18.28
CA HIS A 107 -0.98 13.76 19.54
C HIS A 107 -0.16 15.04 19.50
N HIS A 108 0.90 15.04 18.71
CA HIS A 108 1.69 16.24 18.48
C HIS A 108 1.87 16.46 16.99
N HIS A 109 1.48 17.65 16.54
CA HIS A 109 1.61 18.01 15.14
C HIS A 109 2.91 18.76 14.92
N HIS A 110 3.36 18.79 13.68
CA HIS A 110 4.56 19.55 13.32
C HIS A 110 4.15 20.92 12.82
N HIS A 111 2.88 21.23 12.98
CA HIS A 111 2.34 22.53 12.61
C HIS A 111 1.96 23.28 13.87
N MET A 1 18.92 5.86 7.51
CA MET A 1 18.17 4.69 6.98
C MET A 1 18.04 4.79 5.47
N ASN A 2 18.47 3.75 4.78
CA ASN A 2 18.30 3.65 3.34
C ASN A 2 17.47 2.41 3.04
N SER A 3 17.22 2.14 1.77
CA SER A 3 16.51 0.93 1.38
C SER A 3 17.25 -0.31 1.86
N GLU A 4 18.58 -0.20 1.95
CA GLU A 4 19.42 -1.28 2.44
C GLU A 4 19.10 -1.62 3.90
N VAL A 5 18.81 -0.59 4.68
CA VAL A 5 18.45 -0.78 6.08
C VAL A 5 17.12 -1.51 6.18
N ILE A 6 16.16 -1.08 5.38
CA ILE A 6 14.87 -1.77 5.28
C ILE A 6 15.07 -3.22 4.81
N LYS A 7 15.95 -3.42 3.84
CA LYS A 7 16.32 -4.75 3.37
C LYS A 7 16.69 -5.65 4.55
N GLU A 8 17.70 -5.21 5.30
CA GLU A 8 18.17 -5.97 6.46
C GLU A 8 17.04 -6.24 7.43
N PHE A 9 16.21 -5.22 7.69
CA PHE A 9 15.10 -5.35 8.63
C PHE A 9 14.12 -6.43 8.17
N LEU A 10 13.73 -6.37 6.90
CA LEU A 10 12.77 -7.33 6.34
C LEU A 10 13.32 -8.75 6.39
N GLU A 11 14.56 -8.91 5.94
CA GLU A 11 15.18 -10.23 5.88
C GLU A 11 15.55 -10.72 7.28
N ASP A 12 15.70 -9.79 8.21
CA ASP A 12 16.02 -10.14 9.60
C ASP A 12 14.78 -10.67 10.30
N ILE A 13 13.62 -10.09 10.01
CA ILE A 13 12.38 -10.55 10.59
C ILE A 13 11.76 -11.66 9.75
N GLY A 14 12.39 -11.94 8.60
CA GLY A 14 11.97 -13.05 7.77
C GLY A 14 10.69 -12.75 7.01
N GLU A 15 10.60 -11.56 6.46
CA GLU A 15 9.42 -11.15 5.73
C GLU A 15 9.70 -11.05 4.23
N ASP A 16 8.66 -11.28 3.45
CA ASP A 16 8.76 -11.26 2.01
C ASP A 16 8.50 -9.85 1.48
N TYR A 17 9.10 -9.52 0.35
CA TYR A 17 8.93 -8.20 -0.23
C TYR A 17 8.94 -8.27 -1.75
N ILE A 18 8.12 -7.43 -2.37
CA ILE A 18 8.11 -7.32 -3.82
C ILE A 18 8.95 -6.10 -4.22
N GLU A 19 10.22 -6.34 -4.49
CA GLU A 19 11.14 -5.27 -4.80
C GLU A 19 11.20 -5.01 -6.29
N LEU A 20 10.65 -3.89 -6.70
CA LEU A 20 10.69 -3.44 -8.08
C LEU A 20 11.70 -2.30 -8.17
N GLU A 21 11.76 -1.63 -9.31
CA GLU A 21 12.68 -0.51 -9.44
C GLU A 21 12.10 0.73 -8.78
N ASN A 22 12.71 1.12 -7.65
CA ASN A 22 12.30 2.29 -6.87
C ASN A 22 10.97 2.05 -6.17
N GLU A 23 10.59 0.79 -6.05
CA GLU A 23 9.36 0.42 -5.35
C GLU A 23 9.53 -0.90 -4.60
N ILE A 24 9.13 -0.92 -3.35
CA ILE A 24 9.11 -2.14 -2.56
C ILE A 24 7.72 -2.34 -1.98
N HIS A 25 7.00 -3.30 -2.50
CA HIS A 25 5.64 -3.57 -2.03
C HIS A 25 5.67 -4.63 -0.93
N LEU A 26 5.06 -4.31 0.20
CA LEU A 26 5.11 -5.17 1.37
C LEU A 26 3.71 -5.65 1.76
N LYS A 27 3.68 -6.62 2.68
CA LYS A 27 2.42 -7.08 3.25
C LYS A 27 1.85 -6.00 4.16
N PRO A 28 0.53 -5.80 4.13
CA PRO A 28 -0.14 -4.74 4.91
C PRO A 28 0.32 -4.68 6.38
N GLU A 29 0.33 -5.82 7.04
CA GLU A 29 0.65 -5.86 8.47
C GLU A 29 2.14 -5.64 8.69
N VAL A 30 2.96 -6.07 7.75
CA VAL A 30 4.40 -5.88 7.84
C VAL A 30 4.75 -4.42 7.59
N PHE A 31 4.07 -3.82 6.61
CA PHE A 31 4.24 -2.41 6.29
C PHE A 31 3.96 -1.56 7.52
N TYR A 32 2.93 -1.95 8.27
CA TYR A 32 2.56 -1.27 9.51
C TYR A 32 3.74 -1.15 10.46
N GLU A 33 4.50 -2.23 10.62
CA GLU A 33 5.64 -2.24 11.52
C GLU A 33 6.84 -1.51 10.90
N VAL A 34 7.01 -1.63 9.60
CA VAL A 34 8.10 -0.95 8.89
C VAL A 34 7.88 0.56 8.93
N TRP A 35 6.63 0.97 8.75
CA TRP A 35 6.24 2.37 8.81
C TRP A 35 6.64 2.98 10.15
N LYS A 36 6.35 2.25 11.22
CA LYS A 36 6.71 2.68 12.55
C LYS A 36 8.23 2.60 12.78
N TYR A 37 8.85 1.58 12.18
CA TYR A 37 10.29 1.37 12.30
C TYR A 37 11.07 2.59 11.81
N VAL A 38 10.65 3.15 10.68
CA VAL A 38 11.35 4.28 10.08
C VAL A 38 10.96 5.61 10.74
N GLY A 39 10.31 5.53 11.90
CA GLY A 39 10.00 6.73 12.65
C GLY A 39 8.56 7.15 12.54
N GLU A 40 7.78 6.39 11.77
CA GLU A 40 6.37 6.67 11.56
C GLU A 40 6.18 8.06 10.92
N PRO A 41 6.58 8.20 9.64
CA PRO A 41 6.52 9.45 8.91
C PRO A 41 5.22 9.64 8.12
N GLU A 42 5.26 10.58 7.18
CA GLU A 42 4.10 10.90 6.34
C GLU A 42 3.60 9.69 5.57
N LEU A 43 2.28 9.62 5.41
CA LEU A 43 1.67 8.61 4.58
C LEU A 43 1.20 9.21 3.27
N LYS A 44 1.85 8.81 2.18
CA LYS A 44 1.53 9.32 0.87
C LYS A 44 0.83 8.23 0.07
N THR A 45 -0.17 8.60 -0.69
CA THR A 45 -0.98 7.62 -1.41
C THR A 45 -1.08 7.94 -2.89
N TYR A 46 -1.38 6.92 -3.68
CA TYR A 46 -1.65 7.12 -5.10
C TYR A 46 -2.83 6.24 -5.52
N VAL A 47 -3.73 6.81 -6.31
CA VAL A 47 -4.91 6.09 -6.75
C VAL A 47 -4.69 5.56 -8.17
N ILE A 48 -4.81 4.26 -8.34
CA ILE A 48 -4.63 3.63 -9.63
C ILE A 48 -5.97 3.24 -10.23
N GLU A 49 -6.20 3.65 -11.47
CA GLU A 49 -7.43 3.36 -12.17
C GLU A 49 -7.34 1.99 -12.82
N ASP A 50 -8.18 1.06 -12.40
CA ASP A 50 -8.14 -0.30 -12.93
C ASP A 50 -9.42 -0.61 -13.70
N GLU A 51 -9.27 -0.94 -14.98
CA GLU A 51 -10.40 -1.11 -15.88
C GLU A 51 -10.85 -2.57 -15.92
N ILE A 52 -12.09 -2.82 -15.52
CA ILE A 52 -12.67 -4.15 -15.64
C ILE A 52 -13.12 -4.38 -17.08
N VAL A 53 -12.32 -5.13 -17.82
CA VAL A 53 -12.64 -5.46 -19.19
C VAL A 53 -12.87 -6.97 -19.32
N GLU A 54 -13.53 -7.39 -20.38
CA GLU A 54 -13.81 -8.80 -20.59
C GLU A 54 -12.66 -9.48 -21.31
N PRO A 55 -11.89 -10.32 -20.60
CA PRO A 55 -10.78 -11.06 -21.15
C PRO A 55 -11.14 -12.52 -21.47
N GLY A 56 -11.96 -12.72 -22.48
CA GLY A 56 -12.37 -14.06 -22.84
C GLY A 56 -12.31 -14.29 -24.32
N GLU A 57 -12.64 -13.27 -25.10
CA GLU A 57 -12.52 -13.34 -26.54
C GLU A 57 -11.11 -12.99 -26.96
N TYR A 58 -10.56 -13.77 -27.88
CA TYR A 58 -9.19 -13.54 -28.36
C TYR A 58 -9.11 -12.22 -29.11
N ASP A 59 -10.18 -11.92 -29.83
CA ASP A 59 -10.28 -10.67 -30.58
C ASP A 59 -10.77 -9.55 -29.67
N PRO A 60 -9.91 -8.57 -29.37
CA PRO A 60 -10.24 -7.48 -28.47
C PRO A 60 -10.95 -6.33 -29.19
N PRO A 61 -12.18 -6.01 -28.76
CA PRO A 61 -12.93 -4.88 -29.30
C PRO A 61 -12.33 -3.55 -28.87
N GLU A 62 -11.94 -2.74 -29.85
CA GLU A 62 -11.36 -1.43 -29.56
C GLU A 62 -12.45 -0.49 -29.09
N MET A 63 -13.60 -0.54 -29.75
CA MET A 63 -14.75 0.23 -29.34
C MET A 63 -15.37 -0.41 -28.11
N LYS A 64 -15.56 0.37 -27.05
CA LYS A 64 -16.09 -0.15 -25.81
C LYS A 64 -17.60 -0.38 -25.94
N TYR A 65 -17.94 -1.58 -26.41
CA TYR A 65 -19.32 -1.99 -26.60
C TYR A 65 -20.09 -1.90 -25.29
N THR A 66 -19.67 -2.69 -24.31
CA THR A 66 -20.25 -2.63 -23.00
C THR A 66 -19.52 -1.58 -22.17
N ASN A 67 -20.19 -1.01 -21.18
CA ASN A 67 -19.59 0.03 -20.35
C ASN A 67 -18.66 -0.58 -19.33
N VAL A 68 -17.37 -0.50 -19.60
CA VAL A 68 -16.35 -1.03 -18.70
C VAL A 68 -16.39 -0.33 -17.36
N LYS A 69 -16.31 -1.10 -16.29
CA LYS A 69 -16.37 -0.54 -14.95
C LYS A 69 -14.96 -0.36 -14.40
N LYS A 70 -14.60 0.87 -14.14
CA LYS A 70 -13.27 1.17 -13.64
C LYS A 70 -13.28 1.34 -12.13
N VAL A 71 -12.42 0.59 -11.46
CA VAL A 71 -12.31 0.65 -10.02
C VAL A 71 -11.09 1.48 -9.64
N LYS A 72 -11.18 2.16 -8.51
CA LYS A 72 -10.13 3.08 -8.10
C LYS A 72 -9.46 2.57 -6.83
N ILE A 73 -8.31 1.94 -7.01
CA ILE A 73 -7.57 1.35 -5.91
C ILE A 73 -6.54 2.35 -5.38
N LYS A 74 -6.46 2.48 -4.07
CA LYS A 74 -5.62 3.48 -3.45
C LYS A 74 -4.51 2.82 -2.62
N LYS A 75 -3.30 2.89 -3.14
CA LYS A 75 -2.14 2.30 -2.47
C LYS A 75 -1.41 3.38 -1.67
N VAL A 76 -0.79 2.97 -0.57
CA VAL A 76 -0.07 3.90 0.29
C VAL A 76 1.43 3.56 0.26
N TYR A 77 2.26 4.59 0.29
CA TYR A 77 3.70 4.40 0.21
C TYR A 77 4.44 5.51 0.94
N PHE A 78 5.68 5.24 1.31
CA PHE A 78 6.59 6.26 1.77
C PHE A 78 7.92 6.11 1.05
N GLU A 79 8.60 7.22 0.82
CA GLU A 79 9.83 7.21 0.03
C GLU A 79 11.05 7.29 0.92
N THR A 80 12.06 6.50 0.60
CA THR A 80 13.30 6.48 1.36
C THR A 80 14.30 7.47 0.75
N LEU A 81 15.51 7.48 1.31
CA LEU A 81 16.58 8.32 0.79
C LEU A 81 16.91 7.94 -0.65
N ASP A 82 16.71 6.66 -0.96
CA ASP A 82 17.01 6.11 -2.28
C ASP A 82 15.88 6.44 -3.26
N ASN A 83 14.84 7.10 -2.75
CA ASN A 83 13.64 7.43 -3.52
C ASN A 83 12.83 6.17 -3.80
N VAL A 84 13.02 5.16 -2.97
CA VAL A 84 12.28 3.91 -3.12
C VAL A 84 10.95 4.01 -2.39
N ARG A 85 9.88 3.71 -3.10
CA ARG A 85 8.53 3.75 -2.56
C ARG A 85 8.19 2.43 -1.88
N VAL A 86 8.09 2.43 -0.57
CA VAL A 86 7.59 1.27 0.15
C VAL A 86 6.07 1.30 0.12
N VAL A 87 5.48 0.38 -0.64
CA VAL A 87 4.06 0.47 -0.96
C VAL A 87 3.25 -0.70 -0.40
N THR A 88 2.01 -0.42 -0.05
CA THR A 88 1.03 -1.44 0.29
C THR A 88 -0.37 -0.86 0.05
N ASP A 89 -1.41 -1.61 0.36
CA ASP A 89 -2.78 -1.13 0.15
C ASP A 89 -3.23 -0.29 1.34
N TYR A 90 -3.72 0.92 1.06
CA TYR A 90 -4.08 1.86 2.12
C TYR A 90 -5.40 1.50 2.77
N SER A 91 -6.24 0.75 2.07
CA SER A 91 -7.52 0.33 2.65
C SER A 91 -7.29 -0.73 3.72
N GLU A 92 -6.46 -1.72 3.39
CA GLU A 92 -6.08 -2.76 4.35
C GLU A 92 -5.18 -2.19 5.43
N PHE A 93 -4.40 -1.16 5.08
CA PHE A 93 -3.53 -0.51 6.05
C PHE A 93 -4.35 0.26 7.09
N GLN A 94 -5.31 1.03 6.61
CA GLN A 94 -6.23 1.75 7.50
C GLN A 94 -7.02 0.76 8.35
N LYS A 95 -7.32 -0.39 7.75
CA LYS A 95 -8.00 -1.48 8.43
C LYS A 95 -7.25 -1.85 9.72
N ILE A 96 -5.94 -1.98 9.58
CA ILE A 96 -5.08 -2.28 10.72
C ILE A 96 -5.02 -1.10 11.68
N LEU A 97 -5.00 0.10 11.14
CA LEU A 97 -4.98 1.31 11.96
C LEU A 97 -6.26 1.44 12.77
N LYS A 98 -7.37 0.95 12.21
CA LYS A 98 -8.64 0.91 12.92
C LYS A 98 -8.53 -0.06 14.09
N LYS A 99 -7.83 -1.16 13.88
CA LYS A 99 -7.62 -2.15 14.92
C LYS A 99 -6.68 -1.60 16.01
N ARG A 100 -5.73 -0.76 15.61
CA ARG A 100 -4.85 -0.10 16.57
C ARG A 100 -5.62 0.96 17.37
N GLY A 101 -6.51 1.66 16.68
CA GLY A 101 -7.28 2.71 17.31
C GLY A 101 -6.71 4.08 17.00
N THR A 102 -6.21 4.24 15.77
CA THR A 102 -5.60 5.50 15.35
C THR A 102 -6.63 6.62 15.26
N LYS A 103 -7.88 6.27 15.03
CA LYS A 103 -8.94 7.25 14.89
C LYS A 103 -9.82 7.25 16.14
N LEU A 104 -9.23 6.83 17.26
CA LEU A 104 -9.92 6.85 18.54
C LEU A 104 -8.97 7.32 19.63
N GLU A 105 -8.90 8.65 19.79
CA GLU A 105 -8.00 9.28 20.75
C GLU A 105 -6.54 9.03 20.44
N HIS A 106 -5.66 9.50 21.30
CA HIS A 106 -4.23 9.31 21.12
C HIS A 106 -3.73 8.17 21.97
N HIS A 107 -3.93 6.95 21.51
CA HIS A 107 -3.48 5.78 22.25
C HIS A 107 -2.03 5.46 21.92
N HIS A 108 -1.19 5.54 22.93
CA HIS A 108 0.23 5.25 22.77
C HIS A 108 0.48 3.77 23.02
N HIS A 109 1.74 3.38 23.10
CA HIS A 109 2.08 2.04 23.52
C HIS A 109 2.20 1.99 25.04
N HIS A 110 2.19 3.18 25.64
CA HIS A 110 2.19 3.31 27.08
C HIS A 110 0.77 3.59 27.57
N HIS A 111 0.24 4.73 27.15
CA HIS A 111 -1.12 5.13 27.47
C HIS A 111 -1.69 5.95 26.33
N MET A 1 16.24 6.68 7.22
CA MET A 1 16.75 5.35 6.82
C MET A 1 16.90 5.28 5.31
N ASN A 2 17.73 4.36 4.84
CA ASN A 2 17.85 4.08 3.42
C ASN A 2 17.08 2.81 3.07
N SER A 3 16.89 2.57 1.79
CA SER A 3 16.12 1.40 1.34
C SER A 3 16.84 0.11 1.71
N GLU A 4 18.16 0.13 1.66
CA GLU A 4 18.97 -1.03 1.99
C GLU A 4 18.69 -1.50 3.41
N VAL A 5 18.55 -0.54 4.33
CA VAL A 5 18.24 -0.82 5.73
C VAL A 5 16.95 -1.65 5.83
N ILE A 6 15.94 -1.23 5.08
CA ILE A 6 14.65 -1.90 5.09
C ILE A 6 14.79 -3.34 4.59
N LYS A 7 15.55 -3.52 3.51
CA LYS A 7 15.77 -4.83 2.94
C LYS A 7 16.46 -5.75 3.95
N GLU A 8 17.51 -5.23 4.58
CA GLU A 8 18.23 -5.99 5.60
C GLU A 8 17.29 -6.35 6.74
N PHE A 9 16.55 -5.36 7.23
CA PHE A 9 15.62 -5.56 8.34
C PHE A 9 14.56 -6.61 8.01
N LEU A 10 14.10 -6.62 6.77
CA LEU A 10 13.12 -7.61 6.33
C LEU A 10 13.72 -9.01 6.37
N GLU A 11 14.99 -9.11 6.00
CA GLU A 11 15.69 -10.39 6.06
C GLU A 11 15.94 -10.78 7.53
N ASP A 12 16.16 -9.77 8.37
CA ASP A 12 16.32 -10.00 9.81
C ASP A 12 15.08 -10.66 10.41
N ILE A 13 13.91 -10.16 10.01
CA ILE A 13 12.64 -10.70 10.53
C ILE A 13 12.19 -11.91 9.71
N GLY A 14 12.89 -12.18 8.62
CA GLY A 14 12.61 -13.37 7.83
C GLY A 14 11.44 -13.20 6.89
N GLU A 15 11.17 -11.98 6.48
CA GLU A 15 10.07 -11.70 5.58
C GLU A 15 10.59 -11.38 4.18
N ASP A 16 9.87 -11.83 3.17
CA ASP A 16 10.26 -11.61 1.78
C ASP A 16 9.43 -10.48 1.18
N TYR A 17 10.01 -9.73 0.27
CA TYR A 17 9.36 -8.56 -0.29
C TYR A 17 9.19 -8.68 -1.81
N ILE A 18 8.20 -7.98 -2.33
CA ILE A 18 7.99 -7.91 -3.77
C ILE A 18 8.52 -6.58 -4.28
N GLU A 19 9.73 -6.58 -4.79
CA GLU A 19 10.38 -5.34 -5.18
C GLU A 19 10.49 -5.20 -6.68
N LEU A 20 10.21 -3.99 -7.14
CA LEU A 20 10.45 -3.59 -8.51
C LEU A 20 11.47 -2.47 -8.49
N GLU A 21 11.74 -1.86 -9.64
CA GLU A 21 12.71 -0.78 -9.70
C GLU A 21 12.27 0.40 -8.83
N ASN A 22 12.91 0.52 -7.67
CA ASN A 22 12.65 1.61 -6.72
C ASN A 22 11.25 1.52 -6.12
N GLU A 23 10.67 0.31 -6.13
CA GLU A 23 9.38 0.09 -5.51
C GLU A 23 9.38 -1.19 -4.67
N ILE A 24 9.24 -1.04 -3.38
CA ILE A 24 9.14 -2.18 -2.48
C ILE A 24 7.68 -2.37 -2.07
N HIS A 25 7.06 -3.43 -2.56
CA HIS A 25 5.68 -3.73 -2.23
C HIS A 25 5.63 -4.66 -1.03
N LEU A 26 4.99 -4.21 0.05
CA LEU A 26 4.95 -4.97 1.28
C LEU A 26 3.51 -5.20 1.74
N LYS A 27 3.34 -6.27 2.52
CA LYS A 27 2.05 -6.59 3.10
C LYS A 27 1.65 -5.51 4.11
N PRO A 28 0.39 -5.08 4.10
CA PRO A 28 -0.09 -4.05 5.04
C PRO A 28 0.15 -4.45 6.48
N GLU A 29 0.06 -5.76 6.73
CA GLU A 29 0.26 -6.32 8.06
C GLU A 29 1.67 -6.06 8.56
N VAL A 30 2.65 -6.25 7.69
CA VAL A 30 4.05 -6.01 8.02
C VAL A 30 4.37 -4.53 7.92
N PHE A 31 3.74 -3.87 6.96
CA PHE A 31 3.97 -2.46 6.66
C PHE A 31 3.76 -1.58 7.89
N TYR A 32 2.76 -1.91 8.69
CA TYR A 32 2.44 -1.11 9.88
C TYR A 32 3.64 -1.06 10.83
N GLU A 33 4.35 -2.17 10.95
CA GLU A 33 5.52 -2.23 11.83
C GLU A 33 6.74 -1.60 11.16
N VAL A 34 6.83 -1.76 9.85
CA VAL A 34 7.91 -1.13 9.08
C VAL A 34 7.79 0.39 9.15
N TRP A 35 6.55 0.86 9.01
CA TRP A 35 6.24 2.29 9.11
C TRP A 35 6.69 2.84 10.46
N LYS A 36 6.46 2.06 11.51
CA LYS A 36 6.89 2.45 12.85
C LYS A 36 8.41 2.40 12.95
N TYR A 37 9.01 1.34 12.41
CA TYR A 37 10.46 1.15 12.48
C TYR A 37 11.21 2.28 11.79
N VAL A 38 10.71 2.74 10.64
CA VAL A 38 11.42 3.75 9.86
C VAL A 38 11.28 5.15 10.44
N GLY A 39 10.63 5.25 11.60
CA GLY A 39 10.53 6.53 12.29
C GLY A 39 9.15 7.15 12.19
N GLU A 40 8.24 6.47 11.49
CA GLU A 40 6.87 6.93 11.30
C GLU A 40 6.85 8.29 10.59
N PRO A 41 7.10 8.30 9.26
CA PRO A 41 7.05 9.52 8.46
C PRO A 41 5.67 9.74 7.84
N GLU A 42 5.55 10.78 7.04
CA GLU A 42 4.28 11.07 6.36
C GLU A 42 4.03 10.07 5.24
N LEU A 43 2.80 9.60 5.16
CA LEU A 43 2.41 8.64 4.13
C LEU A 43 1.72 9.35 2.98
N LYS A 44 2.06 8.94 1.76
CA LYS A 44 1.48 9.54 0.57
C LYS A 44 0.70 8.49 -0.20
N THR A 45 -0.46 8.86 -0.71
CA THR A 45 -1.32 7.94 -1.41
C THR A 45 -1.28 8.16 -2.92
N TYR A 46 -1.44 7.09 -3.68
CA TYR A 46 -1.51 7.19 -5.12
C TYR A 46 -2.74 6.44 -5.63
N VAL A 47 -3.22 6.82 -6.79
CA VAL A 47 -4.43 6.22 -7.34
C VAL A 47 -4.10 5.21 -8.44
N ILE A 48 -4.21 3.94 -8.10
CA ILE A 48 -4.02 2.89 -9.08
C ILE A 48 -5.38 2.45 -9.63
N GLU A 49 -5.68 2.94 -10.81
CA GLU A 49 -6.96 2.66 -11.44
C GLU A 49 -6.89 1.34 -12.19
N ASP A 50 -7.30 0.28 -11.51
CA ASP A 50 -7.20 -1.07 -12.04
C ASP A 50 -8.56 -1.54 -12.52
N GLU A 51 -8.60 -2.15 -13.69
CA GLU A 51 -9.86 -2.59 -14.27
C GLU A 51 -10.29 -3.93 -13.68
N ILE A 52 -11.37 -3.87 -12.88
CA ILE A 52 -11.88 -5.02 -12.11
C ILE A 52 -10.78 -5.92 -11.58
N VAL A 53 -10.59 -7.07 -12.22
CA VAL A 53 -9.53 -8.01 -11.85
C VAL A 53 -9.04 -8.75 -13.09
N GLU A 54 -7.78 -8.58 -13.42
CA GLU A 54 -7.17 -9.33 -14.51
C GLU A 54 -6.47 -10.56 -13.96
N PRO A 55 -7.09 -11.73 -14.10
CA PRO A 55 -6.58 -12.96 -13.53
C PRO A 55 -5.71 -13.74 -14.50
N GLY A 56 -4.83 -14.56 -13.94
CA GLY A 56 -4.02 -15.47 -14.74
C GLY A 56 -3.99 -16.85 -14.12
N GLU A 57 -4.73 -17.01 -13.02
CA GLU A 57 -4.86 -18.29 -12.35
C GLU A 57 -5.85 -19.16 -13.10
N TYR A 58 -6.70 -18.52 -13.89
CA TYR A 58 -7.71 -19.22 -14.68
C TYR A 58 -7.65 -18.73 -16.11
N ASP A 59 -7.93 -19.62 -17.05
CA ASP A 59 -8.03 -19.21 -18.44
C ASP A 59 -9.39 -18.60 -18.68
N PRO A 60 -9.44 -17.30 -18.99
CA PRO A 60 -10.68 -16.54 -19.10
C PRO A 60 -11.59 -17.03 -20.22
N PRO A 61 -12.80 -17.51 -19.85
CA PRO A 61 -13.84 -17.85 -20.81
C PRO A 61 -14.42 -16.59 -21.43
N GLU A 62 -14.02 -16.30 -22.65
CA GLU A 62 -14.34 -15.03 -23.28
C GLU A 62 -15.82 -14.88 -23.57
N MET A 63 -16.32 -13.69 -23.31
CA MET A 63 -17.62 -13.25 -23.78
C MET A 63 -17.42 -11.97 -24.58
N LYS A 64 -18.30 -11.73 -25.54
CA LYS A 64 -18.09 -10.63 -26.48
C LYS A 64 -18.49 -9.28 -25.89
N TYR A 65 -18.93 -9.30 -24.64
CA TYR A 65 -19.27 -8.06 -23.95
C TYR A 65 -18.68 -8.04 -22.55
N THR A 66 -17.36 -8.13 -22.48
CA THR A 66 -16.65 -8.04 -21.21
C THR A 66 -16.63 -6.59 -20.74
N ASN A 67 -17.07 -6.36 -19.51
CA ASN A 67 -17.21 -5.01 -18.99
C ASN A 67 -15.88 -4.48 -18.49
N VAL A 68 -15.42 -3.40 -19.13
CA VAL A 68 -14.19 -2.73 -18.71
C VAL A 68 -14.48 -1.76 -17.57
N LYS A 69 -14.66 -2.31 -16.38
CA LYS A 69 -14.99 -1.51 -15.21
C LYS A 69 -13.72 -1.10 -14.48
N LYS A 70 -13.38 0.17 -14.59
CA LYS A 70 -12.15 0.69 -14.01
C LYS A 70 -12.36 1.10 -12.57
N VAL A 71 -11.61 0.49 -11.67
CA VAL A 71 -11.73 0.78 -10.25
C VAL A 71 -10.56 1.65 -9.78
N LYS A 72 -10.87 2.86 -9.36
CA LYS A 72 -9.84 3.75 -8.85
C LYS A 72 -9.45 3.35 -7.43
N ILE A 73 -8.41 2.54 -7.32
CA ILE A 73 -7.96 2.05 -6.02
C ILE A 73 -6.91 2.98 -5.45
N LYS A 74 -7.11 3.38 -4.20
CA LYS A 74 -6.20 4.29 -3.54
C LYS A 74 -5.30 3.54 -2.56
N LYS A 75 -4.02 3.46 -2.89
CA LYS A 75 -3.07 2.77 -2.03
C LYS A 75 -2.05 3.77 -1.48
N VAL A 76 -1.27 3.36 -0.49
CA VAL A 76 -0.40 4.28 0.22
C VAL A 76 1.05 3.81 0.16
N TYR A 77 1.97 4.76 0.15
CA TYR A 77 3.39 4.47 0.14
C TYR A 77 4.15 5.52 0.94
N PHE A 78 5.39 5.22 1.29
CA PHE A 78 6.27 6.23 1.86
C PHE A 78 7.58 6.24 1.09
N GLU A 79 8.28 7.36 1.12
CA GLU A 79 9.49 7.53 0.35
C GLU A 79 10.71 7.39 1.26
N THR A 80 11.72 6.69 0.79
CA THR A 80 12.97 6.57 1.53
C THR A 80 13.92 7.68 1.13
N LEU A 81 15.00 7.83 1.88
CA LEU A 81 16.04 8.79 1.53
C LEU A 81 16.99 8.18 0.50
N ASP A 82 16.50 7.13 -0.15
CA ASP A 82 17.30 6.40 -1.13
C ASP A 82 16.54 6.31 -2.46
N ASN A 83 15.45 7.08 -2.54
CA ASN A 83 14.66 7.23 -3.78
C ASN A 83 13.81 5.98 -4.07
N VAL A 84 13.58 5.16 -3.07
CA VAL A 84 12.75 3.97 -3.25
C VAL A 84 11.42 4.14 -2.50
N ARG A 85 10.34 3.74 -3.15
CA ARG A 85 9.01 3.88 -2.57
C ARG A 85 8.53 2.54 -2.03
N VAL A 86 8.13 2.52 -0.78
CA VAL A 86 7.54 1.33 -0.19
C VAL A 86 6.02 1.45 -0.20
N VAL A 87 5.39 0.59 -0.98
CA VAL A 87 3.95 0.70 -1.25
C VAL A 87 3.17 -0.43 -0.59
N THR A 88 1.95 -0.14 -0.17
CA THR A 88 1.07 -1.14 0.41
C THR A 88 -0.40 -0.74 0.17
N ASP A 89 -1.32 -1.55 0.66
CA ASP A 89 -2.74 -1.28 0.48
C ASP A 89 -3.27 -0.35 1.57
N TYR A 90 -3.81 0.79 1.15
CA TYR A 90 -4.27 1.82 2.06
C TYR A 90 -5.57 1.40 2.75
N SER A 91 -6.32 0.51 2.13
CA SER A 91 -7.57 0.03 2.70
C SER A 91 -7.30 -0.87 3.90
N GLU A 92 -6.46 -1.88 3.70
CA GLU A 92 -6.13 -2.82 4.76
C GLU A 92 -5.23 -2.17 5.81
N PHE A 93 -4.46 -1.17 5.40
CA PHE A 93 -3.65 -0.42 6.35
C PHE A 93 -4.57 0.36 7.30
N GLN A 94 -5.61 0.96 6.73
CA GLN A 94 -6.61 1.67 7.52
C GLN A 94 -7.35 0.69 8.45
N LYS A 95 -7.55 -0.53 7.96
CA LYS A 95 -8.15 -1.59 8.75
C LYS A 95 -7.34 -1.81 10.03
N ILE A 96 -6.02 -1.86 9.90
CA ILE A 96 -5.14 -2.04 11.04
C ILE A 96 -5.15 -0.81 11.95
N LEU A 97 -5.17 0.37 11.34
CA LEU A 97 -5.25 1.62 12.09
C LEU A 97 -6.50 1.64 12.95
N LYS A 98 -7.64 1.36 12.33
CA LYS A 98 -8.93 1.38 13.02
C LYS A 98 -9.04 0.22 14.01
N LYS A 99 -8.30 -0.85 13.73
CA LYS A 99 -8.24 -1.99 14.64
C LYS A 99 -7.70 -1.57 16.00
N ARG A 100 -6.55 -0.91 15.99
CA ARG A 100 -5.92 -0.43 17.22
C ARG A 100 -6.61 0.82 17.73
N GLY A 101 -7.01 1.69 16.82
CA GLY A 101 -7.60 2.95 17.21
C GLY A 101 -6.70 4.12 16.87
N THR A 102 -5.74 3.87 16.00
CA THR A 102 -4.80 4.90 15.57
C THR A 102 -5.50 5.91 14.67
N LYS A 103 -5.26 7.19 14.93
CA LYS A 103 -5.84 8.26 14.13
C LYS A 103 -4.75 9.20 13.63
N LEU A 104 -5.12 10.09 12.73
CA LEU A 104 -4.17 11.04 12.14
C LEU A 104 -3.92 12.19 13.10
N GLU A 105 -4.83 12.37 14.04
CA GLU A 105 -4.70 13.43 15.04
C GLU A 105 -3.63 13.09 16.05
N HIS A 106 -2.75 14.03 16.32
CA HIS A 106 -1.78 13.90 17.39
C HIS A 106 -2.14 14.90 18.49
N HIS A 107 -2.71 14.38 19.57
CA HIS A 107 -3.24 15.25 20.63
C HIS A 107 -2.24 15.40 21.76
N HIS A 108 -2.06 16.63 22.22
CA HIS A 108 -1.19 16.93 23.34
C HIS A 108 -1.81 17.98 24.24
N HIS A 109 -2.38 17.54 25.34
CA HIS A 109 -2.97 18.44 26.32
C HIS A 109 -2.04 18.61 27.51
N HIS A 110 -2.07 19.78 28.12
CA HIS A 110 -1.19 20.08 29.24
C HIS A 110 -1.99 20.22 30.53
N HIS A 111 -1.28 20.25 31.65
CA HIS A 111 -1.90 20.46 32.95
C HIS A 111 -1.65 21.88 33.42
N MET A 1 18.13 6.00 8.20
CA MET A 1 18.13 4.69 7.52
C MET A 1 17.82 4.86 6.04
N ASN A 2 18.56 4.16 5.21
CA ASN A 2 18.27 4.12 3.78
C ASN A 2 17.41 2.91 3.48
N SER A 3 17.02 2.74 2.22
CA SER A 3 16.15 1.63 1.83
C SER A 3 16.82 0.29 2.08
N GLU A 4 18.15 0.27 1.91
CA GLU A 4 18.93 -0.94 2.08
C GLU A 4 18.72 -1.56 3.46
N VAL A 5 18.58 -0.69 4.46
CA VAL A 5 18.35 -1.13 5.83
C VAL A 5 17.01 -1.86 5.93
N ILE A 6 16.00 -1.31 5.26
CA ILE A 6 14.66 -1.90 5.28
C ILE A 6 14.69 -3.28 4.63
N LYS A 7 15.43 -3.39 3.53
CA LYS A 7 15.56 -4.66 2.82
C LYS A 7 16.11 -5.73 3.74
N GLU A 8 17.23 -5.41 4.39
CA GLU A 8 17.90 -6.34 5.28
C GLU A 8 17.08 -6.59 6.54
N PHE A 9 16.29 -5.60 6.94
CA PHE A 9 15.39 -5.76 8.09
C PHE A 9 14.34 -6.82 7.78
N LEU A 10 13.78 -6.75 6.58
CA LEU A 10 12.79 -7.72 6.13
C LEU A 10 13.44 -9.10 6.02
N GLU A 11 14.65 -9.13 5.47
CA GLU A 11 15.40 -10.36 5.32
C GLU A 11 15.72 -10.96 6.68
N ASP A 12 16.03 -10.09 7.63
CA ASP A 12 16.34 -10.50 9.00
C ASP A 12 15.16 -11.19 9.66
N ILE A 13 13.99 -10.56 9.58
CA ILE A 13 12.78 -11.10 10.21
C ILE A 13 12.17 -12.22 9.35
N GLY A 14 12.72 -12.40 8.15
CA GLY A 14 12.27 -13.46 7.27
C GLY A 14 10.94 -13.14 6.60
N GLU A 15 10.76 -11.89 6.26
CA GLU A 15 9.54 -11.46 5.59
C GLU A 15 9.75 -11.43 4.08
N ASP A 16 8.68 -11.51 3.31
CA ASP A 16 8.79 -11.55 1.86
C ASP A 16 9.16 -10.19 1.30
N TYR A 17 10.26 -10.16 0.56
CA TYR A 17 10.74 -8.93 -0.05
C TYR A 17 10.47 -8.97 -1.55
N ILE A 18 9.70 -8.01 -2.03
CA ILE A 18 9.47 -7.88 -3.46
C ILE A 18 9.70 -6.45 -3.92
N GLU A 19 10.62 -6.29 -4.85
CA GLU A 19 10.91 -4.98 -5.39
C GLU A 19 10.40 -4.88 -6.82
N LEU A 20 9.34 -4.11 -6.99
CA LEU A 20 8.75 -3.90 -8.30
C LEU A 20 9.35 -2.65 -8.92
N GLU A 21 10.59 -2.77 -9.39
CA GLU A 21 11.33 -1.66 -9.97
C GLU A 21 11.48 -0.52 -8.96
N ASN A 22 12.33 -0.77 -7.95
CA ASN A 22 12.62 0.20 -6.90
C ASN A 22 11.42 0.45 -5.99
N GLU A 23 10.39 -0.38 -6.11
CA GLU A 23 9.24 -0.30 -5.21
C GLU A 23 9.15 -1.56 -4.36
N ILE A 24 9.34 -1.43 -3.07
CA ILE A 24 9.21 -2.56 -2.18
C ILE A 24 7.75 -2.69 -1.76
N HIS A 25 7.08 -3.72 -2.24
CA HIS A 25 5.68 -3.92 -1.92
C HIS A 25 5.55 -4.89 -0.76
N LEU A 26 5.13 -4.38 0.39
CA LEU A 26 5.16 -5.17 1.60
C LEU A 26 3.77 -5.50 2.13
N LYS A 27 3.74 -6.48 3.02
CA LYS A 27 2.54 -6.85 3.74
C LYS A 27 2.07 -5.69 4.61
N PRO A 28 0.79 -5.31 4.53
CA PRO A 28 0.24 -4.19 5.31
C PRO A 28 0.55 -4.31 6.80
N GLU A 29 0.45 -5.53 7.33
CA GLU A 29 0.80 -5.82 8.71
C GLU A 29 2.22 -5.36 9.03
N VAL A 30 3.18 -5.82 8.24
CA VAL A 30 4.58 -5.51 8.45
C VAL A 30 4.85 -4.04 8.14
N PHE A 31 4.24 -3.55 7.07
CA PHE A 31 4.39 -2.16 6.65
C PHE A 31 4.04 -1.22 7.80
N TYR A 32 2.98 -1.56 8.53
CA TYR A 32 2.51 -0.75 9.64
C TYR A 32 3.59 -0.61 10.72
N GLU A 33 4.27 -1.70 11.02
CA GLU A 33 5.30 -1.69 12.06
C GLU A 33 6.59 -1.06 11.55
N VAL A 34 6.92 -1.31 10.29
CA VAL A 34 8.08 -0.68 9.65
C VAL A 34 7.88 0.83 9.61
N TRP A 35 6.64 1.24 9.37
CA TRP A 35 6.25 2.64 9.37
C TRP A 35 6.63 3.30 10.69
N LYS A 36 6.36 2.62 11.80
CA LYS A 36 6.69 3.16 13.11
C LYS A 36 8.20 3.10 13.37
N TYR A 37 8.86 2.11 12.80
CA TYR A 37 10.30 1.95 12.96
C TYR A 37 11.04 3.08 12.25
N VAL A 38 10.59 3.46 11.07
CA VAL A 38 11.25 4.49 10.28
C VAL A 38 10.93 5.90 10.78
N GLY A 39 10.18 5.98 11.88
CA GLY A 39 9.92 7.28 12.50
C GLY A 39 8.53 7.81 12.20
N GLU A 40 7.73 7.01 11.51
CA GLU A 40 6.36 7.38 11.12
C GLU A 40 6.34 8.66 10.30
N PRO A 41 6.67 8.57 9.01
CA PRO A 41 6.54 9.70 8.08
C PRO A 41 5.09 9.87 7.65
N GLU A 42 4.82 10.91 6.89
CA GLU A 42 3.47 11.14 6.41
C GLU A 42 3.20 10.28 5.18
N LEU A 43 2.04 9.64 5.19
CA LEU A 43 1.70 8.66 4.18
C LEU A 43 1.39 9.31 2.84
N LYS A 44 2.14 8.92 1.83
CA LYS A 44 1.90 9.39 0.48
C LYS A 44 1.09 8.37 -0.27
N THR A 45 -0.09 8.75 -0.71
CA THR A 45 -1.00 7.83 -1.37
C THR A 45 -1.11 8.16 -2.85
N TYR A 46 -1.22 7.12 -3.66
CA TYR A 46 -1.40 7.30 -5.09
C TYR A 46 -2.62 6.52 -5.56
N VAL A 47 -3.45 7.17 -6.35
CA VAL A 47 -4.67 6.55 -6.84
C VAL A 47 -4.43 5.90 -8.20
N ILE A 48 -4.76 4.63 -8.30
CA ILE A 48 -4.70 3.92 -9.57
C ILE A 48 -6.05 3.28 -9.85
N GLU A 49 -6.55 3.48 -11.04
CA GLU A 49 -7.84 2.93 -11.42
C GLU A 49 -7.64 1.70 -12.30
N ASP A 50 -7.74 0.53 -11.69
CA ASP A 50 -7.52 -0.71 -12.42
C ASP A 50 -8.85 -1.24 -12.92
N GLU A 51 -8.80 -2.02 -13.99
CA GLU A 51 -10.00 -2.47 -14.67
C GLU A 51 -10.29 -3.94 -14.37
N ILE A 52 -11.36 -4.19 -13.63
CA ILE A 52 -11.76 -5.55 -13.33
C ILE A 52 -13.06 -5.90 -14.04
N VAL A 53 -13.12 -7.11 -14.56
CA VAL A 53 -14.33 -7.60 -15.20
C VAL A 53 -15.01 -8.64 -14.31
N GLU A 54 -16.00 -8.21 -13.55
CA GLU A 54 -16.74 -9.10 -12.68
C GLU A 54 -17.89 -9.72 -13.46
N PRO A 55 -18.21 -10.99 -13.18
CA PRO A 55 -19.30 -11.71 -13.85
C PRO A 55 -20.67 -11.09 -13.58
N GLY A 56 -21.70 -11.65 -14.18
CA GLY A 56 -23.03 -11.12 -14.05
C GLY A 56 -24.04 -12.21 -13.80
N GLU A 57 -23.67 -13.13 -12.92
CA GLU A 57 -24.57 -14.20 -12.49
C GLU A 57 -25.75 -13.58 -11.76
N TYR A 58 -25.44 -12.55 -10.98
CA TYR A 58 -26.44 -11.79 -10.26
C TYR A 58 -26.33 -10.33 -10.71
N ASP A 59 -27.47 -9.71 -10.98
CA ASP A 59 -27.49 -8.36 -11.52
C ASP A 59 -27.13 -7.32 -10.46
N PRO A 60 -26.09 -6.53 -10.74
CA PRO A 60 -25.68 -5.41 -9.88
C PRO A 60 -26.72 -4.29 -9.88
N PRO A 61 -26.79 -3.51 -8.80
CA PRO A 61 -27.75 -2.40 -8.65
C PRO A 61 -27.50 -1.27 -9.65
N GLU A 62 -26.32 -1.26 -10.25
CA GLU A 62 -25.97 -0.27 -11.25
C GLU A 62 -26.61 -0.64 -12.58
N MET A 63 -27.51 0.20 -13.07
CA MET A 63 -28.23 -0.07 -14.30
C MET A 63 -27.41 0.39 -15.50
N LYS A 64 -26.39 1.20 -15.25
CA LYS A 64 -25.45 1.56 -16.29
C LYS A 64 -24.35 0.51 -16.35
N TYR A 65 -24.70 -0.65 -16.88
CA TYR A 65 -23.80 -1.79 -16.91
C TYR A 65 -22.59 -1.52 -17.77
N THR A 66 -21.42 -1.62 -17.17
CA THR A 66 -20.16 -1.43 -17.87
C THR A 66 -19.50 -2.77 -18.15
N ASN A 67 -19.04 -2.96 -19.38
CA ASN A 67 -18.31 -4.17 -19.76
C ASN A 67 -17.14 -4.41 -18.82
N VAL A 68 -16.33 -3.40 -18.65
CA VAL A 68 -15.20 -3.46 -17.72
C VAL A 68 -15.42 -2.45 -16.61
N LYS A 69 -15.24 -2.87 -15.37
CA LYS A 69 -15.44 -1.98 -14.25
C LYS A 69 -14.11 -1.45 -13.74
N LYS A 70 -13.85 -0.18 -14.00
CA LYS A 70 -12.62 0.45 -13.55
C LYS A 70 -12.80 0.97 -12.12
N VAL A 71 -12.02 0.41 -11.20
CA VAL A 71 -12.16 0.72 -9.79
C VAL A 71 -11.07 1.68 -9.33
N LYS A 72 -11.48 2.71 -8.60
CA LYS A 72 -10.54 3.68 -8.08
C LYS A 72 -9.95 3.21 -6.76
N ILE A 73 -8.76 2.62 -6.81
CA ILE A 73 -8.11 2.16 -5.60
C ILE A 73 -6.89 3.02 -5.29
N LYS A 74 -6.81 3.47 -4.06
CA LYS A 74 -5.73 4.34 -3.61
C LYS A 74 -4.81 3.58 -2.67
N LYS A 75 -3.56 3.40 -3.09
CA LYS A 75 -2.59 2.68 -2.29
C LYS A 75 -1.62 3.67 -1.65
N VAL A 76 -0.85 3.20 -0.68
CA VAL A 76 0.02 4.09 0.09
C VAL A 76 1.48 3.65 -0.01
N TYR A 77 2.37 4.63 0.02
CA TYR A 77 3.80 4.36 0.03
C TYR A 77 4.54 5.47 0.78
N PHE A 78 5.78 5.21 1.13
CA PHE A 78 6.65 6.25 1.65
C PHE A 78 8.00 6.15 0.97
N GLU A 79 8.67 7.27 0.82
CA GLU A 79 9.94 7.31 0.12
C GLU A 79 11.08 7.40 1.11
N THR A 80 12.15 6.66 0.85
CA THR A 80 13.35 6.72 1.66
C THR A 80 14.22 7.88 1.19
N LEU A 81 15.35 8.08 1.86
CA LEU A 81 16.27 9.16 1.51
C LEU A 81 16.82 8.97 0.10
N ASP A 82 16.87 7.72 -0.33
CA ASP A 82 17.37 7.37 -1.65
C ASP A 82 16.22 7.13 -2.62
N ASN A 83 15.02 7.56 -2.21
CA ASN A 83 13.82 7.58 -3.07
C ASN A 83 13.36 6.19 -3.50
N VAL A 84 13.52 5.21 -2.63
CA VAL A 84 12.92 3.91 -2.85
C VAL A 84 11.54 3.91 -2.19
N ARG A 85 10.53 3.49 -2.96
CA ARG A 85 9.16 3.60 -2.50
C ARG A 85 8.67 2.27 -1.95
N VAL A 86 8.38 2.25 -0.65
CA VAL A 86 7.79 1.10 -0.02
C VAL A 86 6.28 1.20 -0.09
N VAL A 87 5.65 0.32 -0.85
CA VAL A 87 4.23 0.41 -1.15
C VAL A 87 3.46 -0.73 -0.51
N THR A 88 2.22 -0.48 -0.14
CA THR A 88 1.34 -1.51 0.37
C THR A 88 -0.12 -1.15 0.08
N ASP A 89 -1.02 -2.10 0.34
CA ASP A 89 -2.45 -1.87 0.15
C ASP A 89 -2.98 -0.95 1.24
N TYR A 90 -3.37 0.24 0.84
CA TYR A 90 -3.85 1.25 1.77
C TYR A 90 -5.24 0.88 2.29
N SER A 91 -5.93 0.04 1.54
CA SER A 91 -7.26 -0.43 1.94
C SER A 91 -7.17 -1.21 3.25
N GLU A 92 -6.38 -2.27 3.24
CA GLU A 92 -6.17 -3.09 4.43
C GLU A 92 -5.41 -2.30 5.49
N PHE A 93 -4.49 -1.45 5.04
CA PHE A 93 -3.71 -0.63 5.96
C PHE A 93 -4.62 0.28 6.78
N GLN A 94 -5.57 0.94 6.12
CA GLN A 94 -6.55 1.77 6.80
C GLN A 94 -7.35 0.95 7.81
N LYS A 95 -7.69 -0.28 7.43
CA LYS A 95 -8.44 -1.15 8.31
C LYS A 95 -7.64 -1.48 9.57
N ILE A 96 -6.34 -1.69 9.40
CA ILE A 96 -5.45 -1.97 10.52
C ILE A 96 -5.38 -0.77 11.46
N LEU A 97 -5.31 0.43 10.89
CA LEU A 97 -5.31 1.67 11.67
C LEU A 97 -6.56 1.76 12.53
N LYS A 98 -7.70 1.42 11.93
CA LYS A 98 -8.98 1.42 12.62
C LYS A 98 -9.04 0.30 13.65
N LYS A 99 -8.54 -0.86 13.26
CA LYS A 99 -8.56 -2.05 14.11
C LYS A 99 -7.79 -1.84 15.41
N ARG A 100 -6.58 -1.30 15.30
CA ARG A 100 -5.76 -1.06 16.47
C ARG A 100 -6.22 0.21 17.19
N GLY A 101 -6.74 1.15 16.42
CA GLY A 101 -7.20 2.40 17.00
C GLY A 101 -6.06 3.38 17.21
N THR A 102 -5.22 3.50 16.20
CA THR A 102 -4.11 4.43 16.25
C THR A 102 -4.61 5.87 16.14
N LYS A 103 -5.68 6.05 15.39
CA LYS A 103 -6.30 7.36 15.26
C LYS A 103 -7.61 7.38 16.04
N LEU A 104 -7.98 8.54 16.54
CA LEU A 104 -9.17 8.68 17.37
C LEU A 104 -10.44 8.50 16.54
N GLU A 105 -11.44 7.90 17.16
CA GLU A 105 -12.73 7.67 16.51
C GLU A 105 -13.45 9.00 16.29
N HIS A 106 -13.59 9.76 17.36
CA HIS A 106 -14.32 11.01 17.32
C HIS A 106 -13.36 12.20 17.33
N HIS A 107 -13.71 13.23 16.59
CA HIS A 107 -12.86 14.39 16.47
C HIS A 107 -13.35 15.51 17.36
N HIS A 108 -12.42 16.13 18.08
CA HIS A 108 -12.73 17.25 18.95
C HIS A 108 -12.95 18.50 18.12
N HIS A 109 -12.25 18.56 16.99
CA HIS A 109 -12.46 19.61 16.01
C HIS A 109 -12.68 18.97 14.65
N HIS A 110 -13.69 19.46 13.94
CA HIS A 110 -14.05 18.87 12.66
C HIS A 110 -13.15 19.41 11.56
N HIS A 111 -12.73 18.53 10.67
CA HIS A 111 -11.92 18.94 9.53
C HIS A 111 -12.82 19.11 8.31
N MET A 1 15.68 6.82 6.72
CA MET A 1 16.40 5.54 6.55
C MET A 1 16.62 5.26 5.08
N ASN A 2 17.59 4.41 4.79
CA ASN A 2 17.85 3.98 3.42
C ASN A 2 17.21 2.62 3.19
N SER A 3 16.87 2.34 1.93
CA SER A 3 16.21 1.08 1.58
C SER A 3 17.06 -0.14 1.93
N GLU A 4 18.38 0.04 1.93
CA GLU A 4 19.30 -1.04 2.29
C GLU A 4 18.99 -1.57 3.69
N VAL A 5 18.79 -0.65 4.63
CA VAL A 5 18.49 -0.99 6.00
C VAL A 5 17.17 -1.76 6.08
N ILE A 6 16.20 -1.31 5.27
CA ILE A 6 14.91 -1.97 5.20
C ILE A 6 15.07 -3.40 4.70
N LYS A 7 15.87 -3.57 3.65
CA LYS A 7 16.16 -4.89 3.09
C LYS A 7 16.76 -5.81 4.15
N GLU A 8 17.77 -5.29 4.85
CA GLU A 8 18.42 -6.06 5.91
C GLU A 8 17.44 -6.46 6.99
N PHE A 9 16.63 -5.50 7.44
CA PHE A 9 15.66 -5.73 8.50
C PHE A 9 14.61 -6.76 8.08
N LEU A 10 14.05 -6.59 6.89
CA LEU A 10 13.00 -7.46 6.40
C LEU A 10 13.51 -8.90 6.25
N GLU A 11 14.67 -9.06 5.65
CA GLU A 11 15.23 -10.38 5.41
C GLU A 11 15.87 -10.94 6.68
N ASP A 12 15.95 -10.12 7.72
CA ASP A 12 16.42 -10.59 9.03
C ASP A 12 15.26 -11.25 9.77
N ILE A 13 14.11 -10.60 9.76
CA ILE A 13 12.93 -11.14 10.42
C ILE A 13 12.29 -12.25 9.58
N GLY A 14 12.73 -12.36 8.32
CA GLY A 14 12.27 -13.44 7.47
C GLY A 14 11.10 -13.05 6.61
N GLU A 15 11.00 -11.78 6.27
CA GLU A 15 9.91 -11.28 5.45
C GLU A 15 10.23 -11.40 3.96
N ASP A 16 9.26 -11.84 3.19
CA ASP A 16 9.40 -11.92 1.74
C ASP A 16 8.61 -10.77 1.11
N TYR A 17 9.32 -9.82 0.53
CA TYR A 17 8.69 -8.65 -0.04
C TYR A 17 8.64 -8.75 -1.56
N ILE A 18 7.67 -8.06 -2.16
CA ILE A 18 7.56 -7.99 -3.61
C ILE A 18 8.21 -6.71 -4.10
N GLU A 19 9.42 -6.82 -4.62
CA GLU A 19 10.19 -5.65 -4.97
C GLU A 19 10.24 -5.43 -6.48
N LEU A 20 9.68 -4.31 -6.89
CA LEU A 20 9.76 -3.86 -8.27
C LEU A 20 10.94 -2.90 -8.38
N GLU A 21 11.04 -2.20 -9.50
CA GLU A 21 12.13 -1.26 -9.68
C GLU A 21 11.99 -0.08 -8.74
N ASN A 22 12.74 -0.14 -7.63
CA ASN A 22 12.72 0.88 -6.59
C ASN A 22 11.34 0.98 -5.93
N GLU A 23 10.67 -0.16 -5.85
CA GLU A 23 9.40 -0.24 -5.14
C GLU A 23 9.31 -1.52 -4.32
N ILE A 24 9.29 -1.37 -3.01
CA ILE A 24 9.16 -2.51 -2.12
C ILE A 24 7.73 -2.64 -1.65
N HIS A 25 7.01 -3.60 -2.21
CA HIS A 25 5.62 -3.82 -1.83
C HIS A 25 5.55 -4.82 -0.68
N LEU A 26 5.15 -4.33 0.48
CA LEU A 26 5.10 -5.13 1.69
C LEU A 26 3.69 -5.60 2.00
N LYS A 27 3.55 -6.25 3.13
CA LYS A 27 2.27 -6.71 3.61
C LYS A 27 1.70 -5.69 4.59
N PRO A 28 0.36 -5.50 4.57
CA PRO A 28 -0.33 -4.49 5.38
C PRO A 28 0.18 -4.37 6.82
N GLU A 29 0.31 -5.49 7.52
CA GLU A 29 0.69 -5.47 8.93
C GLU A 29 2.16 -5.10 9.09
N VAL A 30 2.99 -5.65 8.22
CA VAL A 30 4.43 -5.42 8.29
C VAL A 30 4.76 -3.96 7.98
N PHE A 31 4.05 -3.41 6.99
CA PHE A 31 4.22 -2.01 6.61
C PHE A 31 3.90 -1.09 7.80
N TYR A 32 2.87 -1.46 8.53
CA TYR A 32 2.43 -0.68 9.70
C TYR A 32 3.53 -0.62 10.76
N GLU A 33 4.32 -1.68 10.86
CA GLU A 33 5.40 -1.74 11.83
C GLU A 33 6.63 -0.97 11.34
N VAL A 34 6.97 -1.14 10.06
CA VAL A 34 8.12 -0.45 9.48
C VAL A 34 7.88 1.05 9.44
N TRP A 35 6.62 1.44 9.25
CA TRP A 35 6.21 2.85 9.26
C TRP A 35 6.69 3.54 10.54
N LYS A 36 6.60 2.84 11.66
CA LYS A 36 7.03 3.38 12.93
C LYS A 36 8.56 3.49 12.97
N TYR A 37 9.21 2.51 12.36
CA TYR A 37 10.67 2.39 12.41
C TYR A 37 11.34 3.46 11.52
N VAL A 38 10.66 3.85 10.44
CA VAL A 38 11.22 4.86 9.53
C VAL A 38 11.13 6.26 10.12
N GLY A 39 10.54 6.36 11.31
CA GLY A 39 10.41 7.64 11.98
C GLY A 39 8.95 8.02 12.16
N GLU A 40 8.07 7.24 11.54
CA GLU A 40 6.63 7.48 11.62
C GLU A 40 6.26 8.88 11.09
N PRO A 41 6.49 9.13 9.79
CA PRO A 41 6.18 10.40 9.16
C PRO A 41 4.85 10.36 8.42
N GLU A 42 4.54 11.44 7.70
CA GLU A 42 3.34 11.48 6.88
C GLU A 42 3.57 10.71 5.59
N LEU A 43 2.81 9.64 5.41
CA LEU A 43 2.97 8.77 4.25
C LEU A 43 2.37 9.41 3.00
N LYS A 44 2.85 8.97 1.85
CA LYS A 44 2.41 9.52 0.58
C LYS A 44 1.56 8.50 -0.16
N THR A 45 0.39 8.92 -0.61
CA THR A 45 -0.55 8.02 -1.25
C THR A 45 -0.66 8.30 -2.75
N TYR A 46 -0.93 7.26 -3.52
CA TYR A 46 -1.14 7.40 -4.96
C TYR A 46 -2.36 6.60 -5.38
N VAL A 47 -2.92 6.94 -6.53
CA VAL A 47 -4.13 6.28 -7.00
C VAL A 47 -3.85 5.44 -8.23
N ILE A 48 -4.12 4.14 -8.13
CA ILE A 48 -3.99 3.25 -9.26
C ILE A 48 -5.38 2.78 -9.69
N GLU A 49 -5.78 3.17 -10.89
CA GLU A 49 -7.08 2.83 -11.41
C GLU A 49 -7.01 1.57 -12.26
N ASP A 50 -7.73 0.55 -11.85
CA ASP A 50 -7.81 -0.69 -12.60
C ASP A 50 -9.25 -0.98 -12.97
N GLU A 51 -9.47 -1.53 -14.14
CA GLU A 51 -10.82 -1.82 -14.60
C GLU A 51 -11.14 -3.29 -14.46
N ILE A 52 -12.14 -3.60 -13.65
CA ILE A 52 -12.58 -4.97 -13.49
C ILE A 52 -13.35 -5.40 -14.73
N VAL A 53 -13.12 -6.62 -15.18
CA VAL A 53 -13.72 -7.09 -16.41
C VAL A 53 -15.06 -7.77 -16.13
N GLU A 54 -16.07 -7.37 -16.89
CA GLU A 54 -17.41 -7.90 -16.74
C GLU A 54 -17.58 -9.17 -17.57
N PRO A 55 -18.60 -9.98 -17.27
CA PRO A 55 -18.92 -11.17 -18.06
C PRO A 55 -19.09 -10.85 -19.54
N GLY A 56 -18.26 -11.46 -20.36
CA GLY A 56 -18.30 -11.24 -21.79
C GLY A 56 -18.19 -12.55 -22.53
N GLU A 57 -18.93 -13.53 -22.04
CA GLU A 57 -18.87 -14.89 -22.54
C GLU A 57 -19.46 -15.02 -23.94
N TYR A 58 -19.58 -16.26 -24.42
CA TYR A 58 -20.13 -16.54 -25.73
C TYR A 58 -21.60 -16.14 -25.77
N ASP A 59 -22.24 -16.18 -24.61
CA ASP A 59 -23.63 -15.78 -24.49
C ASP A 59 -23.88 -15.17 -23.12
N PRO A 60 -24.05 -13.84 -23.06
CA PRO A 60 -24.33 -13.14 -21.81
C PRO A 60 -25.82 -13.13 -21.47
N PRO A 61 -26.16 -13.33 -20.19
CA PRO A 61 -27.55 -13.22 -19.71
C PRO A 61 -28.03 -11.77 -19.71
N GLU A 62 -27.06 -10.86 -19.65
CA GLU A 62 -27.34 -9.44 -19.75
C GLU A 62 -27.20 -8.98 -21.20
N MET A 63 -27.00 -7.69 -21.40
CA MET A 63 -26.76 -7.17 -22.73
C MET A 63 -25.39 -7.63 -23.24
N LYS A 64 -25.14 -7.47 -24.53
CA LYS A 64 -23.86 -7.85 -25.12
C LYS A 64 -22.79 -6.81 -24.78
N TYR A 65 -23.23 -5.71 -24.20
CA TYR A 65 -22.35 -4.67 -23.69
C TYR A 65 -22.84 -4.23 -22.33
N THR A 66 -21.93 -4.10 -21.38
CA THR A 66 -22.31 -3.76 -20.02
C THR A 66 -21.35 -2.72 -19.43
N ASN A 67 -21.52 -2.40 -18.16
CA ASN A 67 -20.80 -1.31 -17.52
C ASN A 67 -19.49 -1.80 -16.90
N VAL A 68 -18.39 -1.53 -17.58
CA VAL A 68 -17.06 -1.81 -17.04
C VAL A 68 -16.76 -0.84 -15.91
N LYS A 69 -16.20 -1.35 -14.82
CA LYS A 69 -16.02 -0.54 -13.62
C LYS A 69 -14.56 -0.25 -13.35
N LYS A 70 -14.22 1.03 -13.34
CA LYS A 70 -12.89 1.48 -12.99
C LYS A 70 -12.81 1.66 -11.48
N VAL A 71 -11.95 0.89 -10.83
CA VAL A 71 -11.79 1.02 -9.39
C VAL A 71 -10.57 1.85 -9.06
N LYS A 72 -10.79 2.97 -8.40
CA LYS A 72 -9.70 3.85 -7.98
C LYS A 72 -9.10 3.36 -6.67
N ILE A 73 -8.06 2.57 -6.78
CA ILE A 73 -7.39 2.02 -5.61
C ILE A 73 -6.25 2.93 -5.18
N LYS A 74 -6.43 3.58 -4.04
CA LYS A 74 -5.39 4.43 -3.51
C LYS A 74 -4.52 3.66 -2.53
N LYS A 75 -3.26 3.47 -2.88
CA LYS A 75 -2.31 2.78 -2.01
C LYS A 75 -1.42 3.80 -1.32
N VAL A 76 -0.71 3.36 -0.30
CA VAL A 76 0.13 4.25 0.48
C VAL A 76 1.57 3.77 0.47
N TYR A 77 2.51 4.71 0.46
CA TYR A 77 3.93 4.36 0.47
C TYR A 77 4.76 5.42 1.17
N PHE A 78 5.99 5.06 1.48
CA PHE A 78 6.98 6.03 1.89
C PHE A 78 8.20 5.93 0.99
N GLU A 79 8.69 7.07 0.55
CA GLU A 79 9.79 7.11 -0.38
C GLU A 79 11.08 7.50 0.35
N THR A 80 12.05 6.60 0.33
CA THR A 80 13.32 6.86 1.00
C THR A 80 14.20 7.76 0.16
N LEU A 81 15.40 8.08 0.66
CA LEU A 81 16.33 8.93 -0.06
C LEU A 81 16.83 8.24 -1.33
N ASP A 82 16.59 6.94 -1.41
CA ASP A 82 17.03 6.13 -2.54
C ASP A 82 16.03 6.20 -3.67
N ASN A 83 14.93 6.92 -3.44
CA ASN A 83 13.79 7.00 -4.38
C ASN A 83 13.05 5.68 -4.43
N VAL A 84 13.26 4.85 -3.40
CA VAL A 84 12.57 3.58 -3.30
C VAL A 84 11.24 3.77 -2.57
N ARG A 85 10.16 3.37 -3.23
CA ARG A 85 8.83 3.52 -2.66
C ARG A 85 8.36 2.21 -2.06
N VAL A 86 8.29 2.15 -0.74
CA VAL A 86 7.73 1.01 -0.06
C VAL A 86 6.21 1.14 -0.02
N VAL A 87 5.54 0.35 -0.83
CA VAL A 87 4.11 0.52 -1.07
C VAL A 87 3.29 -0.56 -0.40
N THR A 88 2.13 -0.17 0.12
CA THR A 88 1.17 -1.08 0.70
C THR A 88 -0.24 -0.49 0.56
N ASP A 89 -1.26 -1.35 0.53
CA ASP A 89 -2.63 -0.89 0.35
C ASP A 89 -3.10 -0.03 1.52
N TYR A 90 -3.46 1.20 1.19
CA TYR A 90 -3.91 2.19 2.17
C TYR A 90 -5.21 1.74 2.83
N SER A 91 -6.08 1.11 2.03
CA SER A 91 -7.34 0.60 2.53
C SER A 91 -7.11 -0.43 3.62
N GLU A 92 -6.18 -1.35 3.39
CA GLU A 92 -5.88 -2.40 4.35
C GLU A 92 -5.02 -1.87 5.50
N PHE A 93 -4.19 -0.88 5.20
CA PHE A 93 -3.36 -0.25 6.21
C PHE A 93 -4.24 0.39 7.29
N GLN A 94 -5.21 1.18 6.87
CA GLN A 94 -6.11 1.84 7.80
C GLN A 94 -7.16 0.87 8.32
N LYS A 95 -7.32 -0.25 7.62
CA LYS A 95 -8.18 -1.34 8.07
C LYS A 95 -7.56 -2.00 9.29
N ILE A 96 -6.23 -2.03 9.34
CA ILE A 96 -5.51 -2.53 10.50
C ILE A 96 -5.48 -1.48 11.60
N LEU A 97 -5.42 -0.21 11.20
CA LEU A 97 -5.58 0.89 12.15
C LEU A 97 -6.95 0.80 12.81
N LYS A 98 -7.94 0.48 11.98
CA LYS A 98 -9.31 0.26 12.44
C LYS A 98 -9.36 -0.96 13.36
N LYS A 99 -8.61 -1.99 12.97
CA LYS A 99 -8.51 -3.22 13.75
C LYS A 99 -7.92 -2.96 15.13
N ARG A 100 -6.87 -2.14 15.18
CA ARG A 100 -6.26 -1.76 16.45
C ARG A 100 -7.17 -0.82 17.23
N GLY A 101 -7.70 0.17 16.53
CA GLY A 101 -8.53 1.17 17.18
C GLY A 101 -7.87 2.53 17.19
N THR A 102 -7.00 2.75 16.22
CA THR A 102 -6.29 4.02 16.11
C THR A 102 -7.12 5.03 15.33
N LYS A 103 -7.54 6.09 16.01
CA LYS A 103 -8.35 7.13 15.41
C LYS A 103 -7.49 8.35 15.08
N LEU A 104 -7.30 8.61 13.81
CA LEU A 104 -6.52 9.75 13.37
C LEU A 104 -7.44 10.91 13.00
N GLU A 105 -8.06 11.51 14.03
CA GLU A 105 -8.95 12.66 13.86
C GLU A 105 -10.11 12.32 12.93
N HIS A 106 -10.82 13.33 12.46
CA HIS A 106 -11.87 13.15 11.49
C HIS A 106 -11.38 13.62 10.12
N HIS A 107 -10.38 12.92 9.60
CA HIS A 107 -9.87 13.23 8.26
C HIS A 107 -10.96 12.94 7.24
N HIS A 108 -11.24 13.94 6.41
CA HIS A 108 -12.49 14.03 5.65
C HIS A 108 -12.86 12.75 4.91
N HIS A 109 -11.92 12.17 4.17
CA HIS A 109 -12.23 10.97 3.39
C HIS A 109 -12.27 9.72 4.26
N HIS A 110 -13.37 9.60 4.99
CA HIS A 110 -13.68 8.43 5.82
C HIS A 110 -15.18 8.37 6.01
N HIS A 111 -15.73 9.54 6.34
CA HIS A 111 -17.17 9.74 6.42
C HIS A 111 -17.44 11.23 6.49
N MET A 1 18.65 6.35 6.45
CA MET A 1 17.91 5.10 6.15
C MET A 1 17.49 5.07 4.70
N ASN A 2 18.01 4.11 3.96
CA ASN A 2 17.61 3.89 2.58
C ASN A 2 16.88 2.55 2.50
N SER A 3 16.58 2.13 1.27
CA SER A 3 15.93 0.85 1.04
C SER A 3 16.76 -0.29 1.66
N GLU A 4 18.08 -0.11 1.64
CA GLU A 4 19.03 -1.06 2.21
C GLU A 4 18.66 -1.43 3.65
N VAL A 5 18.46 -0.41 4.48
CA VAL A 5 18.16 -0.61 5.90
C VAL A 5 16.86 -1.39 6.07
N ILE A 6 15.83 -0.95 5.36
CA ILE A 6 14.53 -1.62 5.37
C ILE A 6 14.68 -3.09 5.00
N LYS A 7 15.50 -3.37 3.98
CA LYS A 7 15.75 -4.74 3.54
C LYS A 7 16.29 -5.59 4.69
N GLU A 8 17.30 -5.08 5.38
CA GLU A 8 17.92 -5.79 6.48
C GLU A 8 16.89 -6.05 7.59
N PHE A 9 16.07 -5.05 7.86
CA PHE A 9 15.02 -5.17 8.87
C PHE A 9 14.03 -6.26 8.50
N LEU A 10 13.58 -6.24 7.26
CA LEU A 10 12.58 -7.19 6.80
C LEU A 10 13.16 -8.60 6.69
N GLU A 11 14.44 -8.68 6.35
CA GLU A 11 15.13 -9.96 6.29
C GLU A 11 15.23 -10.58 7.68
N ASP A 12 15.53 -9.74 8.67
CA ASP A 12 15.61 -10.18 10.06
C ASP A 12 14.24 -10.67 10.54
N ILE A 13 13.18 -9.99 10.12
CA ILE A 13 11.83 -10.44 10.39
C ILE A 13 11.56 -11.76 9.66
N GLY A 14 12.03 -11.82 8.42
CA GLY A 14 11.85 -13.00 7.61
C GLY A 14 10.60 -12.89 6.75
N GLU A 15 10.18 -11.66 6.49
CA GLU A 15 9.00 -11.43 5.69
C GLU A 15 9.33 -11.12 4.25
N ASP A 16 8.36 -11.32 3.38
CA ASP A 16 8.54 -11.12 1.95
C ASP A 16 8.51 -9.65 1.59
N TYR A 17 9.65 -9.14 1.13
CA TYR A 17 9.68 -7.80 0.57
C TYR A 17 9.93 -7.90 -0.93
N ILE A 18 8.92 -7.53 -1.70
CA ILE A 18 9.00 -7.66 -3.14
C ILE A 18 9.69 -6.46 -3.75
N GLU A 19 10.99 -6.59 -3.97
CA GLU A 19 11.75 -5.53 -4.61
C GLU A 19 11.47 -5.52 -6.11
N LEU A 20 10.86 -4.46 -6.56
CA LEU A 20 10.65 -4.23 -7.97
C LEU A 20 11.44 -2.99 -8.36
N GLU A 21 11.57 -2.74 -9.65
CA GLU A 21 12.31 -1.57 -10.10
C GLU A 21 11.61 -0.30 -9.65
N ASN A 22 12.22 0.36 -8.67
CA ASN A 22 11.72 1.61 -8.08
C ASN A 22 10.63 1.36 -7.04
N GLU A 23 10.31 0.09 -6.77
CA GLU A 23 9.24 -0.24 -5.84
C GLU A 23 9.64 -1.33 -4.86
N ILE A 24 9.04 -1.28 -3.67
CA ILE A 24 9.08 -2.38 -2.74
C ILE A 24 7.67 -2.67 -2.25
N HIS A 25 7.11 -3.79 -2.67
CA HIS A 25 5.75 -4.16 -2.28
C HIS A 25 5.78 -4.97 -1.00
N LEU A 26 5.04 -4.50 0.00
CA LEU A 26 5.02 -5.16 1.30
C LEU A 26 3.61 -5.61 1.66
N LYS A 27 3.51 -6.30 2.80
CA LYS A 27 2.25 -6.78 3.31
C LYS A 27 1.68 -5.76 4.31
N PRO A 28 0.35 -5.72 4.47
CA PRO A 28 -0.33 -4.74 5.33
C PRO A 28 0.30 -4.59 6.72
N GLU A 29 0.45 -5.72 7.41
CA GLU A 29 0.97 -5.71 8.78
C GLU A 29 2.46 -5.38 8.79
N VAL A 30 3.18 -5.89 7.80
CA VAL A 30 4.62 -5.65 7.70
C VAL A 30 4.89 -4.17 7.49
N PHE A 31 4.07 -3.53 6.66
CA PHE A 31 4.18 -2.10 6.40
C PHE A 31 3.95 -1.31 7.69
N TYR A 32 3.01 -1.77 8.50
CA TYR A 32 2.69 -1.13 9.76
C TYR A 32 3.90 -1.13 10.70
N GLU A 33 4.59 -2.28 10.73
CA GLU A 33 5.79 -2.42 11.55
C GLU A 33 6.90 -1.50 11.06
N VAL A 34 7.10 -1.45 9.75
CA VAL A 34 8.14 -0.62 9.14
C VAL A 34 7.84 0.86 9.35
N TRP A 35 6.58 1.23 9.22
CA TRP A 35 6.14 2.61 9.39
C TRP A 35 6.57 3.14 10.77
N LYS A 36 6.31 2.36 11.80
CA LYS A 36 6.68 2.74 13.15
C LYS A 36 8.19 2.64 13.36
N TYR A 37 8.82 1.71 12.67
CA TYR A 37 10.26 1.50 12.78
C TYR A 37 11.03 2.73 12.32
N VAL A 38 10.60 3.31 11.20
CA VAL A 38 11.31 4.46 10.63
C VAL A 38 10.94 5.76 11.32
N GLY A 39 9.97 5.70 12.24
CA GLY A 39 9.64 6.87 13.04
C GLY A 39 8.30 7.49 12.67
N GLU A 40 7.50 6.77 11.89
CA GLU A 40 6.18 7.23 11.47
C GLU A 40 6.24 8.59 10.79
N PRO A 41 6.64 8.64 9.52
CA PRO A 41 6.66 9.87 8.73
C PRO A 41 5.36 10.06 7.95
N GLU A 42 5.27 11.17 7.22
CA GLU A 42 4.12 11.44 6.37
C GLU A 42 3.98 10.39 5.28
N LEU A 43 2.83 9.75 5.25
CA LEU A 43 2.55 8.72 4.27
C LEU A 43 1.87 9.32 3.04
N LYS A 44 2.38 8.97 1.87
CA LYS A 44 1.81 9.46 0.63
C LYS A 44 0.87 8.41 0.06
N THR A 45 -0.27 8.84 -0.44
CA THR A 45 -1.24 7.92 -1.01
C THR A 45 -1.54 8.28 -2.44
N TYR A 46 -1.58 7.27 -3.31
CA TYR A 46 -1.89 7.51 -4.71
C TYR A 46 -3.09 6.67 -5.12
N VAL A 47 -3.98 7.28 -5.88
CA VAL A 47 -5.16 6.60 -6.38
C VAL A 47 -4.90 6.12 -7.81
N ILE A 48 -4.68 4.83 -7.96
CA ILE A 48 -4.46 4.24 -9.26
C ILE A 48 -5.73 3.57 -9.77
N GLU A 49 -6.31 4.13 -10.81
CA GLU A 49 -7.50 3.56 -11.40
C GLU A 49 -7.10 2.64 -12.55
N ASP A 50 -7.31 1.35 -12.35
CA ASP A 50 -6.98 0.37 -13.38
C ASP A 50 -8.25 -0.33 -13.83
N GLU A 51 -8.23 -0.84 -15.05
CA GLU A 51 -9.40 -1.48 -15.61
C GLU A 51 -9.25 -2.99 -15.57
N ILE A 52 -10.28 -3.67 -15.07
CA ILE A 52 -10.31 -5.13 -15.01
C ILE A 52 -9.28 -5.65 -14.00
N VAL A 53 -9.72 -5.82 -12.76
CA VAL A 53 -8.85 -6.32 -11.71
C VAL A 53 -9.25 -7.75 -11.34
N GLU A 54 -8.57 -8.71 -11.94
CA GLU A 54 -8.85 -10.11 -11.71
C GLU A 54 -7.95 -10.66 -10.61
N PRO A 55 -8.51 -11.51 -9.73
CA PRO A 55 -7.81 -12.02 -8.54
C PRO A 55 -6.48 -12.71 -8.87
N GLY A 56 -6.52 -13.64 -9.81
CA GLY A 56 -5.32 -14.35 -10.20
C GLY A 56 -5.51 -15.12 -11.47
N GLU A 57 -6.70 -15.67 -11.65
CA GLU A 57 -7.08 -16.30 -12.89
C GLU A 57 -7.90 -15.32 -13.72
N TYR A 58 -7.62 -15.26 -15.01
CA TYR A 58 -8.30 -14.33 -15.88
C TYR A 58 -9.62 -14.91 -16.36
N ASP A 59 -10.56 -14.04 -16.67
CA ASP A 59 -11.82 -14.43 -17.29
C ASP A 59 -11.53 -15.13 -18.60
N PRO A 60 -12.12 -16.32 -18.82
CA PRO A 60 -11.88 -17.16 -20.00
C PRO A 60 -11.77 -16.36 -21.29
N PRO A 61 -10.57 -16.30 -21.88
CA PRO A 61 -10.31 -15.55 -23.11
C PRO A 61 -11.08 -16.12 -24.29
N GLU A 62 -12.24 -15.56 -24.54
CA GLU A 62 -13.12 -16.01 -25.61
C GLU A 62 -13.50 -14.82 -26.49
N MET A 63 -14.25 -15.08 -27.54
CA MET A 63 -14.80 -13.99 -28.34
C MET A 63 -16.05 -13.47 -27.64
N LYS A 64 -15.84 -12.58 -26.69
CA LYS A 64 -16.89 -12.12 -25.80
C LYS A 64 -16.50 -10.79 -25.20
N TYR A 65 -17.49 -9.92 -24.99
CA TYR A 65 -17.22 -8.61 -24.39
C TYR A 65 -17.50 -8.65 -22.90
N THR A 66 -16.45 -8.90 -22.12
CA THR A 66 -16.55 -8.91 -20.67
C THR A 66 -16.58 -7.47 -20.14
N ASN A 67 -17.41 -7.23 -19.14
CA ASN A 67 -17.60 -5.88 -18.62
C ASN A 67 -16.31 -5.31 -18.05
N VAL A 68 -15.91 -4.15 -18.56
CA VAL A 68 -14.72 -3.48 -18.09
C VAL A 68 -15.05 -2.58 -16.91
N LYS A 69 -14.58 -2.95 -15.73
CA LYS A 69 -14.85 -2.17 -14.54
C LYS A 69 -13.58 -1.45 -14.09
N LYS A 70 -13.71 -0.14 -13.88
CA LYS A 70 -12.59 0.69 -13.44
C LYS A 70 -12.51 0.67 -11.91
N VAL A 71 -11.34 0.38 -11.38
CA VAL A 71 -11.16 0.32 -9.94
C VAL A 71 -10.16 1.38 -9.48
N LYS A 72 -10.62 2.34 -8.71
CA LYS A 72 -9.72 3.32 -8.10
C LYS A 72 -9.08 2.74 -6.85
N ILE A 73 -7.83 2.35 -6.96
CA ILE A 73 -7.12 1.76 -5.83
C ILE A 73 -6.24 2.80 -5.15
N LYS A 74 -6.64 3.21 -3.95
CA LYS A 74 -5.84 4.14 -3.17
C LYS A 74 -4.82 3.37 -2.34
N LYS A 75 -3.57 3.39 -2.78
CA LYS A 75 -2.50 2.72 -2.06
C LYS A 75 -1.63 3.74 -1.34
N VAL A 76 -0.84 3.26 -0.40
CA VAL A 76 0.03 4.12 0.38
C VAL A 76 1.48 3.75 0.13
N TYR A 77 2.34 4.75 0.05
CA TYR A 77 3.76 4.53 -0.19
C TYR A 77 4.59 5.61 0.47
N PHE A 78 5.82 5.27 0.82
CA PHE A 78 6.77 6.25 1.27
C PHE A 78 8.08 6.06 0.53
N GLU A 79 8.74 7.16 0.25
CA GLU A 79 9.97 7.13 -0.54
C GLU A 79 11.18 7.26 0.37
N THR A 80 12.14 6.37 0.19
CA THR A 80 13.39 6.46 0.92
C THR A 80 14.26 7.55 0.31
N LEU A 81 15.44 7.77 0.89
CA LEU A 81 16.36 8.79 0.38
C LEU A 81 16.94 8.38 -0.97
N ASP A 82 16.96 7.07 -1.23
CA ASP A 82 17.41 6.57 -2.52
C ASP A 82 16.21 6.45 -3.46
N ASN A 83 15.08 6.99 -3.00
CA ASN A 83 13.87 7.16 -3.80
C ASN A 83 13.24 5.83 -4.20
N VAL A 84 13.39 4.82 -3.37
CA VAL A 84 12.69 3.57 -3.57
C VAL A 84 11.33 3.65 -2.89
N ARG A 85 10.29 3.35 -3.63
CA ARG A 85 8.93 3.53 -3.14
C ARG A 85 8.39 2.25 -2.52
N VAL A 86 8.27 2.25 -1.21
CA VAL A 86 7.67 1.13 -0.51
C VAL A 86 6.15 1.28 -0.55
N VAL A 87 5.50 0.39 -1.29
CA VAL A 87 4.07 0.51 -1.56
C VAL A 87 3.28 -0.62 -0.90
N THR A 88 2.16 -0.25 -0.31
CA THR A 88 1.23 -1.22 0.28
C THR A 88 -0.19 -0.68 0.15
N ASP A 89 -1.18 -1.56 0.13
CA ASP A 89 -2.57 -1.14 0.00
C ASP A 89 -3.01 -0.37 1.24
N TYR A 90 -3.53 0.84 1.01
CA TYR A 90 -3.89 1.75 2.09
C TYR A 90 -5.19 1.32 2.78
N SER A 91 -6.05 0.61 2.06
CA SER A 91 -7.31 0.16 2.63
C SER A 91 -7.05 -0.92 3.67
N GLU A 92 -6.16 -1.85 3.36
CA GLU A 92 -5.76 -2.89 4.30
C GLU A 92 -5.06 -2.27 5.50
N PHE A 93 -4.24 -1.26 5.23
CA PHE A 93 -3.51 -0.56 6.29
C PHE A 93 -4.50 0.16 7.21
N GLN A 94 -5.51 0.79 6.62
CA GLN A 94 -6.56 1.46 7.38
C GLN A 94 -7.31 0.48 8.27
N LYS A 95 -7.52 -0.74 7.78
CA LYS A 95 -8.16 -1.78 8.57
C LYS A 95 -7.40 -2.01 9.86
N ILE A 96 -6.08 -2.16 9.75
CA ILE A 96 -5.23 -2.42 10.90
C ILE A 96 -5.23 -1.23 11.86
N LEU A 97 -5.20 -0.02 11.31
CA LEU A 97 -5.26 1.20 12.11
C LEU A 97 -6.53 1.23 12.95
N LYS A 98 -7.66 0.93 12.31
CA LYS A 98 -8.94 0.95 12.98
C LYS A 98 -9.09 -0.26 13.91
N LYS A 99 -8.52 -1.38 13.51
CA LYS A 99 -8.56 -2.61 14.29
C LYS A 99 -7.83 -2.43 15.62
N ARG A 100 -6.65 -1.83 15.57
CA ARG A 100 -5.86 -1.61 16.77
C ARG A 100 -6.29 -0.33 17.49
N GLY A 101 -6.97 0.54 16.77
CA GLY A 101 -7.39 1.81 17.35
C GLY A 101 -6.26 2.80 17.43
N THR A 102 -5.38 2.74 16.44
CA THR A 102 -4.22 3.62 16.39
C THR A 102 -4.67 5.07 16.25
N LYS A 103 -4.15 5.92 17.12
CA LYS A 103 -4.57 7.32 17.16
C LYS A 103 -3.84 8.12 16.08
N LEU A 104 -4.59 8.52 15.06
CA LEU A 104 -4.04 9.29 13.96
C LEU A 104 -4.04 10.77 14.29
N GLU A 105 -3.14 11.52 13.66
CA GLU A 105 -3.02 12.94 13.92
C GLU A 105 -4.21 13.71 13.35
N HIS A 106 -5.14 14.06 14.23
CA HIS A 106 -6.31 14.83 13.83
C HIS A 106 -5.93 16.30 13.68
N HIS A 107 -5.79 16.76 12.45
CA HIS A 107 -5.44 18.14 12.18
C HIS A 107 -6.67 18.93 11.76
N HIS A 108 -6.78 20.15 12.24
CA HIS A 108 -7.93 21.00 11.92
C HIS A 108 -7.69 21.67 10.58
N HIS A 109 -6.43 21.89 10.26
CA HIS A 109 -6.02 22.40 8.96
C HIS A 109 -4.85 21.61 8.41
N HIS A 110 -5.09 20.86 7.36
CA HIS A 110 -4.02 20.14 6.69
C HIS A 110 -3.02 21.13 6.09
N HIS A 111 -3.55 22.14 5.38
CA HIS A 111 -2.77 23.23 4.80
C HIS A 111 -3.67 24.10 3.95
N MET A 1 18.32 5.61 8.24
CA MET A 1 17.80 4.38 7.62
C MET A 1 17.69 4.56 6.11
N ASN A 2 17.66 3.44 5.39
CA ASN A 2 17.54 3.46 3.94
C ASN A 2 16.70 2.26 3.51
N SER A 3 16.45 2.14 2.21
CA SER A 3 15.73 0.99 1.69
C SER A 3 16.53 -0.29 1.93
N GLU A 4 17.86 -0.13 1.95
CA GLU A 4 18.76 -1.25 2.24
C GLU A 4 18.55 -1.73 3.67
N VAL A 5 18.32 -0.79 4.58
CA VAL A 5 18.02 -1.11 5.97
C VAL A 5 16.73 -1.90 6.04
N ILE A 6 15.74 -1.48 5.25
CA ILE A 6 14.47 -2.19 5.16
C ILE A 6 14.68 -3.61 4.63
N LYS A 7 15.51 -3.73 3.59
CA LYS A 7 15.88 -5.03 3.04
C LYS A 7 16.39 -5.95 4.15
N GLU A 8 17.38 -5.48 4.89
CA GLU A 8 18.03 -6.28 5.91
C GLU A 8 17.12 -6.53 7.10
N PHE A 9 16.18 -5.64 7.33
CA PHE A 9 15.17 -5.83 8.37
C PHE A 9 14.26 -7.00 8.00
N LEU A 10 13.86 -7.03 6.73
CA LEU A 10 13.01 -8.11 6.23
C LEU A 10 13.81 -9.40 6.10
N GLU A 11 15.08 -9.26 5.76
CA GLU A 11 15.99 -10.39 5.64
C GLU A 11 16.17 -11.07 7.01
N ASP A 12 16.11 -10.27 8.07
CA ASP A 12 16.25 -10.78 9.43
C ASP A 12 15.10 -11.73 9.76
N ILE A 13 13.88 -11.22 9.67
CA ILE A 13 12.70 -12.00 10.03
C ILE A 13 12.33 -13.00 8.94
N GLY A 14 12.86 -12.80 7.74
CA GLY A 14 12.57 -13.70 6.64
C GLY A 14 11.21 -13.40 6.03
N GLU A 15 10.96 -12.12 5.77
CA GLU A 15 9.69 -11.70 5.21
C GLU A 15 9.80 -11.51 3.70
N ASP A 16 8.66 -11.34 3.06
CA ASP A 16 8.60 -11.21 1.61
C ASP A 16 8.55 -9.74 1.23
N TYR A 17 9.30 -9.37 0.21
CA TYR A 17 9.22 -8.04 -0.33
C TYR A 17 9.14 -8.08 -1.84
N ILE A 18 8.01 -7.62 -2.38
CA ILE A 18 7.85 -7.53 -3.81
C ILE A 18 8.44 -6.20 -4.26
N GLU A 19 9.70 -6.23 -4.62
CA GLU A 19 10.43 -5.00 -4.89
C GLU A 19 10.61 -4.78 -6.37
N LEU A 20 9.82 -3.86 -6.90
CA LEU A 20 9.96 -3.42 -8.26
C LEU A 20 11.11 -2.42 -8.33
N GLU A 21 11.32 -1.82 -9.49
CA GLU A 21 12.41 -0.86 -9.64
C GLU A 21 12.10 0.40 -8.84
N ASN A 22 12.73 0.49 -7.66
CA ASN A 22 12.54 1.59 -6.73
C ASN A 22 11.16 1.55 -6.08
N GLU A 23 10.60 0.35 -5.92
CA GLU A 23 9.31 0.19 -5.25
C GLU A 23 9.26 -1.09 -4.43
N ILE A 24 9.17 -0.96 -3.12
CA ILE A 24 9.09 -2.12 -2.24
C ILE A 24 7.65 -2.33 -1.79
N HIS A 25 7.01 -3.38 -2.30
CA HIS A 25 5.64 -3.70 -1.91
C HIS A 25 5.64 -4.75 -0.81
N LEU A 26 5.10 -4.38 0.33
CA LEU A 26 5.10 -5.26 1.50
C LEU A 26 3.67 -5.64 1.89
N LYS A 27 3.56 -6.55 2.86
CA LYS A 27 2.27 -6.89 3.45
C LYS A 27 1.82 -5.75 4.36
N PRO A 28 0.50 -5.51 4.45
CA PRO A 28 -0.07 -4.44 5.25
C PRO A 28 0.51 -4.35 6.66
N GLU A 29 0.52 -5.48 7.38
CA GLU A 29 1.01 -5.50 8.75
C GLU A 29 2.53 -5.33 8.81
N VAL A 30 3.22 -5.88 7.81
CA VAL A 30 4.67 -5.77 7.75
C VAL A 30 5.08 -4.32 7.50
N PHE A 31 4.41 -3.68 6.55
CA PHE A 31 4.63 -2.26 6.28
C PHE A 31 4.28 -1.44 7.51
N TYR A 32 3.23 -1.84 8.19
CA TYR A 32 2.78 -1.20 9.42
C TYR A 32 3.89 -1.16 10.46
N GLU A 33 4.67 -2.24 10.55
CA GLU A 33 5.79 -2.29 11.47
C GLU A 33 6.98 -1.47 10.95
N VAL A 34 7.19 -1.49 9.64
CA VAL A 34 8.25 -0.70 9.04
C VAL A 34 7.95 0.80 9.18
N TRP A 35 6.67 1.13 9.15
CA TRP A 35 6.21 2.50 9.36
C TRP A 35 6.70 3.04 10.71
N LYS A 36 6.67 2.19 11.72
CA LYS A 36 7.19 2.56 13.04
C LYS A 36 8.71 2.66 12.97
N TYR A 37 9.31 1.69 12.29
CA TYR A 37 10.76 1.57 12.17
C TYR A 37 11.37 2.83 11.54
N VAL A 38 10.66 3.37 10.55
CA VAL A 38 11.16 4.55 9.84
C VAL A 38 10.84 5.84 10.59
N GLY A 39 10.26 5.73 11.78
CA GLY A 39 10.11 6.87 12.65
C GLY A 39 8.73 7.50 12.64
N GLU A 40 7.75 6.78 12.10
CA GLU A 40 6.36 7.27 12.04
C GLU A 40 6.28 8.61 11.30
N PRO A 41 6.44 8.60 9.96
CA PRO A 41 6.30 9.77 9.13
C PRO A 41 4.93 9.86 8.47
N GLU A 42 4.65 10.97 7.80
CA GLU A 42 3.44 11.10 7.03
C GLU A 42 3.56 10.30 5.74
N LEU A 43 2.47 9.75 5.27
CA LEU A 43 2.50 8.85 4.13
C LEU A 43 1.80 9.47 2.92
N LYS A 44 2.21 9.04 1.73
CA LYS A 44 1.63 9.51 0.48
C LYS A 44 0.66 8.47 -0.05
N THR A 45 -0.41 8.92 -0.68
CA THR A 45 -1.41 8.02 -1.21
C THR A 45 -1.70 8.30 -2.68
N TYR A 46 -1.83 7.24 -3.46
CA TYR A 46 -2.13 7.37 -4.88
C TYR A 46 -3.24 6.39 -5.26
N VAL A 47 -4.06 6.78 -6.22
CA VAL A 47 -5.17 5.94 -6.67
C VAL A 47 -4.88 5.38 -8.06
N ILE A 48 -4.76 4.06 -8.13
CA ILE A 48 -4.59 3.39 -9.42
C ILE A 48 -5.86 2.67 -9.82
N GLU A 49 -6.19 2.74 -11.10
CA GLU A 49 -7.41 2.14 -11.62
C GLU A 49 -7.08 1.04 -12.61
N ASP A 50 -6.88 -0.17 -12.13
CA ASP A 50 -6.50 -1.28 -13.00
C ASP A 50 -7.53 -2.39 -12.97
N GLU A 51 -8.33 -2.44 -14.03
CA GLU A 51 -9.23 -3.56 -14.24
C GLU A 51 -9.24 -3.89 -15.73
N ILE A 52 -9.70 -2.93 -16.53
CA ILE A 52 -9.63 -3.07 -17.97
C ILE A 52 -9.74 -1.70 -18.64
N VAL A 53 -8.64 -1.23 -19.19
CA VAL A 53 -8.63 0.02 -19.93
C VAL A 53 -8.54 -0.26 -21.43
N GLU A 54 -9.02 0.68 -22.22
CA GLU A 54 -9.05 0.49 -23.67
C GLU A 54 -7.79 1.05 -24.33
N PRO A 55 -7.25 0.33 -25.31
CA PRO A 55 -6.13 0.80 -26.12
C PRO A 55 -6.63 1.68 -27.27
N GLY A 56 -5.74 1.97 -28.23
CA GLY A 56 -6.13 2.79 -29.35
C GLY A 56 -5.61 2.22 -30.66
N GLU A 57 -5.54 0.88 -30.71
CA GLU A 57 -5.09 0.19 -31.91
C GLU A 57 -6.00 0.51 -33.08
N TYR A 58 -7.29 0.56 -32.80
CA TYR A 58 -8.27 0.96 -33.79
C TYR A 58 -8.98 2.21 -33.29
N ASP A 59 -8.47 3.37 -33.67
CA ASP A 59 -9.03 4.64 -33.24
C ASP A 59 -10.40 4.84 -33.86
N PRO A 60 -11.46 4.76 -33.03
CA PRO A 60 -12.83 4.71 -33.52
C PRO A 60 -13.43 6.09 -33.78
N PRO A 61 -14.49 6.13 -34.60
CA PRO A 61 -15.25 7.37 -34.85
C PRO A 61 -15.88 7.92 -33.58
N GLU A 62 -16.32 9.16 -33.64
CA GLU A 62 -16.83 9.86 -32.46
C GLU A 62 -18.21 9.34 -32.06
N MET A 63 -18.77 8.45 -32.89
CA MET A 63 -20.07 7.86 -32.60
C MET A 63 -19.91 6.52 -31.88
N LYS A 64 -18.69 6.03 -31.82
CA LYS A 64 -18.43 4.71 -31.25
C LYS A 64 -17.46 4.81 -30.08
N TYR A 65 -17.75 4.10 -29.01
CA TYR A 65 -16.89 4.07 -27.84
C TYR A 65 -16.81 2.65 -27.30
N THR A 66 -15.91 2.44 -26.34
CA THR A 66 -15.69 1.12 -25.78
C THR A 66 -15.95 1.15 -24.27
N ASN A 67 -16.81 0.27 -23.80
CA ASN A 67 -17.16 0.23 -22.39
C ASN A 67 -16.09 -0.50 -21.60
N VAL A 68 -15.23 0.27 -20.94
CA VAL A 68 -14.19 -0.29 -20.10
C VAL A 68 -14.44 0.07 -18.64
N LYS A 69 -13.65 -0.47 -17.73
CA LYS A 69 -13.92 -0.29 -16.31
C LYS A 69 -12.69 0.16 -15.53
N LYS A 70 -12.91 1.14 -14.66
CA LYS A 70 -11.89 1.64 -13.77
C LYS A 70 -12.23 1.32 -12.32
N VAL A 71 -11.44 0.48 -11.69
CA VAL A 71 -11.59 0.23 -10.27
C VAL A 71 -10.55 1.05 -9.49
N LYS A 72 -11.04 1.99 -8.70
CA LYS A 72 -10.17 2.93 -8.02
C LYS A 72 -9.58 2.32 -6.77
N ILE A 73 -8.36 1.82 -6.89
CA ILE A 73 -7.65 1.25 -5.76
C ILE A 73 -6.61 2.23 -5.24
N LYS A 74 -6.88 2.78 -4.06
CA LYS A 74 -5.99 3.74 -3.44
C LYS A 74 -4.95 3.01 -2.59
N LYS A 75 -3.68 3.31 -2.82
CA LYS A 75 -2.62 2.68 -2.05
C LYS A 75 -1.74 3.73 -1.39
N VAL A 76 -0.92 3.31 -0.44
CA VAL A 76 -0.13 4.23 0.36
C VAL A 76 1.34 3.84 0.32
N TYR A 77 2.22 4.85 0.27
CA TYR A 77 3.65 4.61 0.24
C TYR A 77 4.42 5.80 0.78
N PHE A 78 5.71 5.60 1.03
CA PHE A 78 6.60 6.70 1.38
C PHE A 78 7.89 6.59 0.58
N GLU A 79 8.58 7.70 0.44
CA GLU A 79 9.80 7.74 -0.36
C GLU A 79 11.02 7.84 0.54
N THR A 80 12.02 7.01 0.26
CA THR A 80 13.27 7.06 0.99
C THR A 80 14.20 8.12 0.38
N LEU A 81 15.26 8.46 1.08
CA LEU A 81 16.22 9.43 0.58
C LEU A 81 16.98 8.86 -0.62
N ASP A 82 16.98 7.53 -0.71
CA ASP A 82 17.65 6.82 -1.81
C ASP A 82 16.68 6.59 -2.97
N ASN A 83 15.57 7.33 -2.95
CA ASN A 83 14.62 7.39 -4.08
C ASN A 83 13.84 6.08 -4.25
N VAL A 84 13.77 5.28 -3.20
CA VAL A 84 13.00 4.05 -3.24
C VAL A 84 11.64 4.26 -2.56
N ARG A 85 10.60 3.80 -3.22
CA ARG A 85 9.24 3.99 -2.76
C ARG A 85 8.72 2.71 -2.11
N VAL A 86 8.45 2.75 -0.82
CA VAL A 86 7.91 1.60 -0.12
C VAL A 86 6.39 1.66 -0.13
N VAL A 87 5.77 0.79 -0.91
CA VAL A 87 4.34 0.86 -1.18
C VAL A 87 3.59 -0.31 -0.54
N THR A 88 2.38 -0.02 -0.06
CA THR A 88 1.52 -1.04 0.51
C THR A 88 0.05 -0.64 0.31
N ASP A 89 -0.83 -1.63 0.27
CA ASP A 89 -2.25 -1.39 0.03
C ASP A 89 -2.90 -0.62 1.18
N TYR A 90 -3.43 0.55 0.82
CA TYR A 90 -3.97 1.52 1.77
C TYR A 90 -5.21 0.97 2.49
N SER A 91 -6.04 0.24 1.76
CA SER A 91 -7.29 -0.30 2.31
C SER A 91 -7.04 -1.13 3.57
N GLU A 92 -6.19 -2.14 3.46
CA GLU A 92 -5.96 -3.07 4.55
C GLU A 92 -5.15 -2.39 5.66
N PHE A 93 -4.24 -1.49 5.27
CA PHE A 93 -3.42 -0.76 6.22
C PHE A 93 -4.29 0.15 7.10
N GLN A 94 -5.26 0.81 6.49
CA GLN A 94 -6.16 1.68 7.21
C GLN A 94 -7.05 0.89 8.17
N LYS A 95 -7.36 -0.34 7.81
CA LYS A 95 -8.10 -1.22 8.70
C LYS A 95 -7.32 -1.42 9.99
N ILE A 96 -6.02 -1.67 9.85
CA ILE A 96 -5.14 -1.89 11.00
C ILE A 96 -5.21 -0.72 11.98
N LEU A 97 -5.06 0.49 11.44
CA LEU A 97 -5.12 1.70 12.26
C LEU A 97 -6.51 1.87 12.87
N LYS A 98 -7.52 1.49 12.10
CA LYS A 98 -8.90 1.59 12.54
C LYS A 98 -9.18 0.63 13.70
N LYS A 99 -8.64 -0.58 13.59
CA LYS A 99 -8.80 -1.61 14.62
C LYS A 99 -8.13 -1.17 15.93
N ARG A 100 -7.00 -0.50 15.81
CA ARG A 100 -6.30 0.03 16.97
C ARG A 100 -7.09 1.16 17.63
N GLY A 101 -7.81 1.91 16.82
CA GLY A 101 -8.52 3.07 17.33
C GLY A 101 -7.58 4.24 17.50
N THR A 102 -6.63 4.34 16.58
CA THR A 102 -5.61 5.39 16.62
C THR A 102 -6.22 6.74 16.29
N LYS A 103 -5.95 7.72 17.15
CA LYS A 103 -6.47 9.06 16.94
C LYS A 103 -5.47 9.90 16.16
N LEU A 104 -5.95 10.54 15.11
CA LEU A 104 -5.13 11.43 14.31
C LEU A 104 -5.01 12.78 14.99
N GLU A 105 -5.58 12.87 16.18
CA GLU A 105 -5.56 14.08 16.98
C GLU A 105 -4.41 14.04 17.97
N HIS A 106 -3.39 14.84 17.75
CA HIS A 106 -2.31 14.99 18.72
C HIS A 106 -2.65 16.12 19.68
N HIS A 107 -3.32 15.80 20.77
CA HIS A 107 -3.76 16.81 21.72
C HIS A 107 -2.66 17.19 22.68
N HIS A 108 -2.37 18.48 22.75
CA HIS A 108 -1.43 19.01 23.72
C HIS A 108 -2.14 19.31 25.04
N HIS A 109 -1.87 18.48 26.05
CA HIS A 109 -2.49 18.65 27.36
C HIS A 109 -1.61 19.52 28.22
N HIS A 110 -2.11 19.95 29.37
CA HIS A 110 -1.35 20.78 30.28
C HIS A 110 -0.37 19.93 31.08
N HIS A 111 -0.88 18.85 31.66
CA HIS A 111 -0.08 17.91 32.44
C HIS A 111 0.53 18.60 33.66
N MET A 1 17.79 6.17 7.61
CA MET A 1 17.46 4.83 7.08
C MET A 1 17.53 4.82 5.56
N ASN A 2 17.65 3.62 5.01
CA ASN A 2 17.70 3.45 3.57
C ASN A 2 16.85 2.25 3.18
N SER A 3 16.66 2.06 1.89
CA SER A 3 15.89 0.95 1.37
C SER A 3 16.55 -0.38 1.77
N GLU A 4 17.87 -0.36 1.81
CA GLU A 4 18.65 -1.52 2.23
C GLU A 4 18.44 -1.80 3.71
N VAL A 5 18.29 -0.73 4.49
CA VAL A 5 18.05 -0.87 5.92
C VAL A 5 16.70 -1.54 6.17
N ILE A 6 15.74 -1.26 5.30
CA ILE A 6 14.44 -1.93 5.35
C ILE A 6 14.61 -3.42 5.10
N LYS A 7 15.41 -3.74 4.09
CA LYS A 7 15.71 -5.13 3.75
C LYS A 7 16.38 -5.84 4.93
N GLU A 8 17.36 -5.16 5.52
CA GLU A 8 18.03 -5.66 6.72
C GLU A 8 17.03 -6.06 7.80
N PHE A 9 16.09 -5.16 8.08
CA PHE A 9 15.07 -5.39 9.09
C PHE A 9 14.20 -6.58 8.72
N LEU A 10 13.80 -6.64 7.45
CA LEU A 10 12.92 -7.70 6.97
C LEU A 10 13.61 -9.06 6.95
N GLU A 11 14.89 -9.07 6.63
CA GLU A 11 15.67 -10.31 6.66
C GLU A 11 15.88 -10.77 8.10
N ASP A 12 16.02 -9.81 9.01
CA ASP A 12 16.19 -10.13 10.42
C ASP A 12 14.97 -10.85 10.96
N ILE A 13 13.80 -10.25 10.77
CA ILE A 13 12.55 -10.85 11.24
C ILE A 13 12.16 -12.06 10.40
N GLY A 14 12.65 -12.10 9.16
CA GLY A 14 12.35 -13.22 8.29
C GLY A 14 11.06 -13.02 7.52
N GLU A 15 10.90 -11.84 6.94
CA GLU A 15 9.69 -11.51 6.22
C GLU A 15 9.96 -11.39 4.72
N ASP A 16 8.91 -11.09 3.97
CA ASP A 16 8.96 -11.07 2.52
C ASP A 16 8.55 -9.70 1.99
N TYR A 17 9.38 -9.17 1.09
CA TYR A 17 9.09 -7.88 0.45
C TYR A 17 9.04 -8.03 -1.05
N ILE A 18 8.16 -7.29 -1.69
CA ILE A 18 8.06 -7.29 -3.14
C ILE A 18 8.98 -6.21 -3.72
N GLU A 19 10.15 -6.64 -4.18
CA GLU A 19 11.17 -5.72 -4.66
C GLU A 19 11.05 -5.50 -6.16
N LEU A 20 10.57 -4.33 -6.52
CA LEU A 20 10.54 -3.91 -7.91
C LEU A 20 11.51 -2.76 -8.09
N GLU A 21 11.83 -2.41 -9.33
CA GLU A 21 12.76 -1.33 -9.59
C GLU A 21 12.23 -0.01 -9.03
N ASN A 22 12.85 0.42 -7.92
CA ASN A 22 12.48 1.65 -7.21
C ASN A 22 11.11 1.54 -6.53
N GLU A 23 10.60 0.32 -6.40
CA GLU A 23 9.32 0.12 -5.73
C GLU A 23 9.37 -1.11 -4.82
N ILE A 24 9.27 -0.88 -3.52
CA ILE A 24 9.19 -1.97 -2.58
C ILE A 24 7.76 -2.09 -2.07
N HIS A 25 7.05 -3.09 -2.55
CA HIS A 25 5.67 -3.28 -2.14
C HIS A 25 5.61 -4.22 -0.94
N LEU A 26 5.13 -3.69 0.18
CA LEU A 26 5.08 -4.45 1.42
C LEU A 26 3.66 -4.87 1.73
N LYS A 27 3.54 -5.96 2.48
CA LYS A 27 2.25 -6.40 2.96
C LYS A 27 1.84 -5.53 4.14
N PRO A 28 0.59 -5.06 4.16
CA PRO A 28 0.08 -4.13 5.20
C PRO A 28 0.41 -4.59 6.62
N GLU A 29 0.21 -5.88 6.89
CA GLU A 29 0.46 -6.43 8.22
C GLU A 29 1.89 -6.18 8.69
N VAL A 30 2.82 -6.20 7.75
CA VAL A 30 4.24 -6.05 8.07
C VAL A 30 4.67 -4.59 7.92
N PHE A 31 4.04 -3.89 6.99
CA PHE A 31 4.32 -2.48 6.73
C PHE A 31 4.16 -1.64 8.00
N TYR A 32 3.18 -2.01 8.82
CA TYR A 32 2.88 -1.28 10.04
C TYR A 32 4.10 -1.24 10.98
N GLU A 33 4.89 -2.30 10.96
CA GLU A 33 6.08 -2.37 11.80
C GLU A 33 7.21 -1.55 11.18
N VAL A 34 7.40 -1.70 9.87
CA VAL A 34 8.44 -0.98 9.15
C VAL A 34 8.20 0.52 9.21
N TRP A 35 6.93 0.90 9.14
CA TRP A 35 6.53 2.30 9.19
C TRP A 35 7.08 2.98 10.45
N LYS A 36 6.96 2.32 11.58
CA LYS A 36 7.45 2.88 12.83
C LYS A 36 8.95 2.73 12.95
N TYR A 37 9.48 1.64 12.40
CA TYR A 37 10.93 1.38 12.40
C TYR A 37 11.69 2.52 11.74
N VAL A 38 11.11 3.06 10.67
CA VAL A 38 11.76 4.13 9.91
C VAL A 38 11.40 5.52 10.47
N GLY A 39 10.72 5.54 11.60
CA GLY A 39 10.46 6.80 12.28
C GLY A 39 9.08 7.38 12.04
N GLU A 40 8.17 6.54 11.52
CA GLU A 40 6.78 6.96 11.24
C GLU A 40 6.73 8.19 10.35
N PRO A 41 7.15 8.07 9.08
CA PRO A 41 7.17 9.19 8.14
C PRO A 41 5.78 9.48 7.58
N GLU A 42 5.63 10.66 7.01
CA GLU A 42 4.37 11.05 6.38
C GLU A 42 4.17 10.22 5.11
N LEU A 43 2.94 9.79 4.90
CA LEU A 43 2.65 8.87 3.81
C LEU A 43 1.81 9.56 2.73
N LYS A 44 2.21 9.35 1.47
CA LYS A 44 1.47 9.90 0.35
C LYS A 44 0.67 8.79 -0.33
N THR A 45 -0.55 9.11 -0.72
CA THR A 45 -1.42 8.13 -1.36
C THR A 45 -1.55 8.41 -2.85
N TYR A 46 -1.57 7.36 -3.65
CA TYR A 46 -1.79 7.49 -5.07
C TYR A 46 -2.96 6.62 -5.49
N VAL A 47 -3.62 7.00 -6.57
CA VAL A 47 -4.82 6.31 -6.99
C VAL A 47 -4.59 5.55 -8.29
N ILE A 48 -4.65 4.24 -8.22
CA ILE A 48 -4.57 3.41 -9.41
C ILE A 48 -5.96 2.88 -9.73
N GLU A 49 -6.58 3.44 -10.76
CA GLU A 49 -7.92 3.04 -11.15
C GLU A 49 -7.87 1.83 -12.07
N ASP A 50 -8.43 0.73 -11.61
CA ASP A 50 -8.50 -0.49 -12.39
C ASP A 50 -9.93 -0.73 -12.82
N GLU A 51 -10.11 -1.32 -13.98
CA GLU A 51 -11.45 -1.56 -14.50
C GLU A 51 -11.85 -3.02 -14.34
N ILE A 52 -12.89 -3.24 -13.57
CA ILE A 52 -13.41 -4.58 -13.34
C ILE A 52 -14.47 -4.90 -14.40
N VAL A 53 -14.35 -6.07 -15.00
CA VAL A 53 -15.27 -6.47 -16.05
C VAL A 53 -16.45 -7.22 -15.46
N GLU A 54 -17.63 -6.98 -16.01
CA GLU A 54 -18.83 -7.64 -15.56
C GLU A 54 -18.98 -8.96 -16.30
N PRO A 55 -19.39 -10.03 -15.59
CA PRO A 55 -19.55 -11.38 -16.14
C PRO A 55 -19.97 -11.41 -17.61
N GLY A 56 -19.04 -11.83 -18.45
CA GLY A 56 -19.31 -11.94 -19.87
C GLY A 56 -18.79 -13.24 -20.43
N GLU A 57 -18.94 -14.30 -19.62
CA GLU A 57 -18.52 -15.63 -19.99
C GLU A 57 -19.41 -16.15 -21.12
N TYR A 58 -20.66 -15.69 -21.10
CA TYR A 58 -21.61 -15.98 -22.16
C TYR A 58 -22.15 -14.66 -22.71
N ASP A 59 -23.10 -14.73 -23.62
CA ASP A 59 -23.66 -13.54 -24.23
C ASP A 59 -25.00 -13.18 -23.62
N PRO A 60 -25.29 -11.87 -23.52
CA PRO A 60 -26.58 -11.38 -23.01
C PRO A 60 -27.71 -11.64 -24.00
N PRO A 61 -28.97 -11.61 -23.52
CA PRO A 61 -30.14 -11.81 -24.37
C PRO A 61 -30.32 -10.69 -25.39
N GLU A 62 -29.77 -9.52 -25.09
CA GLU A 62 -29.81 -8.40 -26.00
C GLU A 62 -28.57 -8.36 -26.88
N MET A 63 -28.60 -7.53 -27.92
CA MET A 63 -27.51 -7.48 -28.88
C MET A 63 -26.56 -6.34 -28.57
N LYS A 64 -26.56 -5.87 -27.33
CA LYS A 64 -25.71 -4.76 -26.94
C LYS A 64 -24.78 -5.16 -25.81
N TYR A 65 -23.57 -4.61 -25.85
CA TYR A 65 -22.59 -4.85 -24.80
C TYR A 65 -22.36 -3.57 -24.01
N THR A 66 -22.14 -3.70 -22.70
CA THR A 66 -22.00 -2.54 -21.84
C THR A 66 -20.54 -2.12 -21.68
N ASN A 67 -20.32 -1.07 -20.89
CA ASN A 67 -18.97 -0.55 -20.68
C ASN A 67 -18.35 -1.18 -19.45
N VAL A 68 -17.04 -1.02 -19.30
CA VAL A 68 -16.33 -1.59 -18.17
C VAL A 68 -16.54 -0.71 -16.92
N LYS A 69 -16.44 -1.32 -15.75
CA LYS A 69 -16.69 -0.62 -14.49
C LYS A 69 -15.37 -0.20 -13.84
N LYS A 70 -15.17 1.10 -13.72
CA LYS A 70 -13.91 1.62 -13.15
C LYS A 70 -13.97 1.68 -11.63
N VAL A 71 -12.94 1.14 -10.98
CA VAL A 71 -12.79 1.25 -9.54
C VAL A 71 -11.42 1.81 -9.18
N LYS A 72 -11.41 2.93 -8.49
CA LYS A 72 -10.17 3.57 -8.09
C LYS A 72 -9.61 2.93 -6.83
N ILE A 73 -8.45 2.30 -6.96
CA ILE A 73 -7.77 1.70 -5.83
C ILE A 73 -6.75 2.67 -5.24
N LYS A 74 -7.03 3.16 -4.05
CA LYS A 74 -6.16 4.13 -3.39
C LYS A 74 -5.13 3.41 -2.54
N LYS A 75 -3.87 3.55 -2.91
CA LYS A 75 -2.77 2.93 -2.16
C LYS A 75 -1.84 3.99 -1.61
N VAL A 76 -0.97 3.61 -0.69
CA VAL A 76 -0.11 4.56 -0.01
C VAL A 76 1.36 4.16 -0.14
N TYR A 77 2.25 5.14 -0.13
CA TYR A 77 3.68 4.88 -0.23
C TYR A 77 4.48 6.01 0.39
N PHE A 78 5.76 5.75 0.65
CA PHE A 78 6.68 6.79 1.06
C PHE A 78 7.98 6.65 0.26
N GLU A 79 8.68 7.75 0.07
CA GLU A 79 9.88 7.76 -0.75
C GLU A 79 11.12 7.77 0.15
N THR A 80 12.03 6.82 -0.09
CA THR A 80 13.24 6.72 0.70
C THR A 80 14.31 7.67 0.15
N LEU A 81 15.44 7.74 0.85
CA LEU A 81 16.54 8.59 0.43
C LEU A 81 17.23 8.03 -0.82
N ASP A 82 16.89 6.78 -1.14
CA ASP A 82 17.47 6.10 -2.28
C ASP A 82 16.61 6.31 -3.52
N ASN A 83 15.56 7.12 -3.38
CA ASN A 83 14.61 7.40 -4.45
C ASN A 83 13.74 6.16 -4.71
N VAL A 84 13.68 5.28 -3.71
CA VAL A 84 12.87 4.09 -3.79
C VAL A 84 11.56 4.30 -3.05
N ARG A 85 10.46 3.86 -3.65
CA ARG A 85 9.15 4.08 -3.06
C ARG A 85 8.58 2.78 -2.51
N VAL A 86 8.33 2.78 -1.21
CA VAL A 86 7.74 1.63 -0.55
C VAL A 86 6.22 1.76 -0.57
N VAL A 87 5.57 0.89 -1.34
CA VAL A 87 4.14 0.99 -1.57
C VAL A 87 3.38 -0.09 -0.79
N THR A 88 2.24 0.29 -0.25
CA THR A 88 1.36 -0.62 0.46
C THR A 88 -0.09 -0.19 0.27
N ASP A 89 -1.02 -1.14 0.33
CA ASP A 89 -2.44 -0.82 0.15
C ASP A 89 -2.95 0.04 1.30
N TYR A 90 -3.56 1.18 0.98
CA TYR A 90 -3.99 2.13 1.98
C TYR A 90 -5.29 1.68 2.64
N SER A 91 -6.10 0.96 1.90
CA SER A 91 -7.38 0.50 2.43
C SER A 91 -7.14 -0.61 3.45
N GLU A 92 -6.20 -1.49 3.14
CA GLU A 92 -5.82 -2.55 4.07
C GLU A 92 -5.08 -1.96 5.28
N PHE A 93 -4.25 -0.95 5.03
CA PHE A 93 -3.54 -0.26 6.11
C PHE A 93 -4.52 0.39 7.08
N GLN A 94 -5.51 1.09 6.53
CA GLN A 94 -6.54 1.73 7.33
C GLN A 94 -7.39 0.70 8.06
N LYS A 95 -7.56 -0.47 7.43
CA LYS A 95 -8.28 -1.56 8.04
C LYS A 95 -7.51 -2.08 9.26
N ILE A 96 -6.19 -2.07 9.17
CA ILE A 96 -5.34 -2.46 10.29
C ILE A 96 -5.45 -1.45 11.41
N LEU A 97 -5.53 -0.18 11.05
CA LEU A 97 -5.72 0.88 12.03
C LEU A 97 -7.05 0.71 12.75
N LYS A 98 -8.00 0.06 12.08
CA LYS A 98 -9.30 -0.24 12.67
C LYS A 98 -9.20 -1.46 13.59
N LYS A 99 -8.24 -2.35 13.32
CA LYS A 99 -8.02 -3.49 14.20
C LYS A 99 -7.61 -3.02 15.58
N ARG A 100 -6.60 -2.14 15.61
CA ARG A 100 -6.03 -1.70 16.86
C ARG A 100 -6.80 -0.52 17.44
N GLY A 101 -7.38 0.28 16.56
CA GLY A 101 -8.06 1.49 17.00
C GLY A 101 -7.08 2.63 17.20
N THR A 102 -6.25 2.85 16.20
CA THR A 102 -5.23 3.89 16.26
C THR A 102 -5.87 5.28 16.35
N LYS A 103 -5.66 5.95 17.48
CA LYS A 103 -6.32 7.22 17.77
C LYS A 103 -5.63 8.39 17.06
N LEU A 104 -4.66 8.11 16.21
CA LEU A 104 -3.97 9.15 15.47
C LEU A 104 -4.88 9.72 14.37
N GLU A 105 -5.85 8.92 13.96
CA GLU A 105 -6.85 9.36 13.00
C GLU A 105 -8.24 8.98 13.49
N HIS A 106 -9.25 9.67 12.98
CA HIS A 106 -10.65 9.36 13.25
C HIS A 106 -10.94 9.38 14.75
N HIS A 107 -11.28 10.55 15.26
CA HIS A 107 -11.49 10.73 16.69
C HIS A 107 -12.96 10.59 17.04
N HIS A 108 -13.80 10.69 16.02
CA HIS A 108 -15.23 10.51 16.20
C HIS A 108 -15.68 9.20 15.59
N HIS A 109 -16.55 8.48 16.29
CA HIS A 109 -17.02 7.19 15.82
C HIS A 109 -18.25 7.37 14.95
N HIS A 110 -18.01 7.57 13.67
CA HIS A 110 -19.07 7.77 12.70
C HIS A 110 -19.50 6.45 12.09
N HIS A 111 -20.79 6.21 11.99
CA HIS A 111 -21.31 4.97 11.43
C HIS A 111 -21.58 5.16 9.94
N MET A 1 18.19 6.18 7.62
CA MET A 1 17.96 4.79 7.15
C MET A 1 17.72 4.78 5.65
N ASN A 2 18.06 3.67 5.02
CA ASN A 2 17.81 3.50 3.60
C ASN A 2 16.90 2.30 3.39
N SER A 3 16.46 2.10 2.15
CA SER A 3 15.65 0.94 1.80
C SER A 3 16.46 -0.34 1.98
N GLU A 4 17.78 -0.21 1.83
CA GLU A 4 18.71 -1.30 2.07
C GLU A 4 18.64 -1.74 3.53
N VAL A 5 18.60 -0.75 4.42
CA VAL A 5 18.46 -1.01 5.86
C VAL A 5 17.14 -1.72 6.14
N ILE A 6 16.10 -1.30 5.42
CA ILE A 6 14.79 -1.92 5.53
C ILE A 6 14.85 -3.38 5.08
N LYS A 7 15.58 -3.63 3.99
CA LYS A 7 15.78 -4.98 3.48
C LYS A 7 16.34 -5.89 4.57
N GLU A 8 17.40 -5.42 5.22
CA GLU A 8 18.05 -6.19 6.27
C GLU A 8 17.09 -6.48 7.42
N PHE A 9 16.23 -5.50 7.70
CA PHE A 9 15.21 -5.66 8.73
C PHE A 9 14.16 -6.69 8.30
N LEU A 10 13.74 -6.59 7.05
CA LEU A 10 12.72 -7.49 6.50
C LEU A 10 13.24 -8.92 6.39
N GLU A 11 14.48 -9.07 5.93
CA GLU A 11 15.10 -10.38 5.81
C GLU A 11 15.30 -11.03 7.18
N ASP A 12 15.51 -10.18 8.20
CA ASP A 12 15.72 -10.65 9.55
C ASP A 12 14.42 -11.13 10.18
N ILE A 13 13.36 -10.33 10.07
CA ILE A 13 12.08 -10.68 10.67
C ILE A 13 11.34 -11.73 9.85
N GLY A 14 11.43 -11.63 8.53
CA GLY A 14 10.78 -12.59 7.67
C GLY A 14 9.67 -11.99 6.84
N GLU A 15 10.03 -11.25 5.81
CA GLU A 15 9.06 -10.71 4.87
C GLU A 15 9.53 -10.96 3.44
N ASP A 16 8.61 -11.44 2.61
CA ASP A 16 8.88 -11.66 1.21
C ASP A 16 8.27 -10.52 0.40
N TYR A 17 9.12 -9.65 -0.12
CA TYR A 17 8.65 -8.43 -0.75
C TYR A 17 8.88 -8.44 -2.25
N ILE A 18 8.05 -7.70 -2.95
CA ILE A 18 8.20 -7.50 -4.38
C ILE A 18 9.09 -6.29 -4.63
N GLU A 19 10.32 -6.53 -5.06
CA GLU A 19 11.26 -5.46 -5.32
C GLU A 19 11.22 -5.06 -6.78
N LEU A 20 10.48 -4.01 -7.06
CA LEU A 20 10.49 -3.39 -8.38
C LEU A 20 11.36 -2.16 -8.31
N GLU A 21 11.80 -1.65 -9.45
CA GLU A 21 12.65 -0.47 -9.45
C GLU A 21 11.88 0.72 -8.89
N ASN A 22 12.36 1.22 -7.75
CA ASN A 22 11.77 2.36 -7.05
C ASN A 22 10.49 1.98 -6.31
N GLU A 23 10.17 0.69 -6.27
CA GLU A 23 8.96 0.22 -5.60
C GLU A 23 9.18 -1.06 -4.82
N ILE A 24 9.07 -0.97 -3.51
CA ILE A 24 9.13 -2.14 -2.65
C ILE A 24 7.74 -2.40 -2.08
N HIS A 25 7.15 -3.53 -2.42
CA HIS A 25 5.81 -3.85 -1.96
C HIS A 25 5.85 -4.77 -0.76
N LEU A 26 5.25 -4.32 0.34
CA LEU A 26 5.22 -5.09 1.59
C LEU A 26 3.78 -5.41 1.97
N LYS A 27 3.61 -6.40 2.85
CA LYS A 27 2.29 -6.69 3.40
C LYS A 27 1.91 -5.59 4.37
N PRO A 28 0.62 -5.22 4.44
CA PRO A 28 0.14 -4.25 5.44
C PRO A 28 0.57 -4.64 6.85
N GLU A 29 0.62 -5.95 7.09
CA GLU A 29 1.10 -6.52 8.34
C GLU A 29 2.48 -5.97 8.71
N VAL A 30 3.43 -6.15 7.82
CA VAL A 30 4.81 -5.77 8.07
C VAL A 30 5.01 -4.27 7.87
N PHE A 31 4.31 -3.72 6.87
CA PHE A 31 4.40 -2.29 6.56
C PHE A 31 4.08 -1.46 7.79
N TYR A 32 3.09 -1.92 8.56
CA TYR A 32 2.70 -1.27 9.80
C TYR A 32 3.88 -1.10 10.76
N GLU A 33 4.68 -2.15 10.90
CA GLU A 33 5.81 -2.12 11.82
C GLU A 33 6.99 -1.37 11.23
N VAL A 34 7.15 -1.45 9.91
CA VAL A 34 8.20 -0.70 9.22
C VAL A 34 7.93 0.79 9.34
N TRP A 35 6.66 1.17 9.25
CA TRP A 35 6.25 2.55 9.42
C TRP A 35 6.68 3.06 10.79
N LYS A 36 6.50 2.23 11.81
CA LYS A 36 6.97 2.55 13.16
C LYS A 36 8.50 2.69 13.17
N TYR A 37 9.17 1.71 12.56
CA TYR A 37 10.63 1.65 12.53
C TYR A 37 11.25 2.89 11.88
N VAL A 38 10.67 3.34 10.77
CA VAL A 38 11.24 4.45 10.02
C VAL A 38 10.98 5.79 10.69
N GLY A 39 10.15 5.79 11.74
CA GLY A 39 9.92 7.00 12.50
C GLY A 39 8.54 7.59 12.27
N GLU A 40 7.71 6.87 11.51
CA GLU A 40 6.34 7.28 11.22
C GLU A 40 6.30 8.66 10.55
N PRO A 41 6.63 8.75 9.26
CA PRO A 41 6.53 9.97 8.49
C PRO A 41 5.20 10.06 7.75
N GLU A 42 5.05 11.05 6.90
CA GLU A 42 3.85 11.18 6.10
C GLU A 42 3.82 10.12 5.01
N LEU A 43 2.62 9.68 4.67
CA LEU A 43 2.43 8.66 3.66
C LEU A 43 1.78 9.24 2.43
N LYS A 44 2.32 8.93 1.26
CA LYS A 44 1.74 9.40 0.02
C LYS A 44 0.85 8.32 -0.57
N THR A 45 -0.27 8.72 -1.13
CA THR A 45 -1.18 7.78 -1.75
C THR A 45 -1.37 8.12 -3.22
N TYR A 46 -1.44 7.10 -4.05
CA TYR A 46 -1.67 7.30 -5.47
C TYR A 46 -2.92 6.54 -5.90
N VAL A 47 -3.69 7.15 -6.80
CA VAL A 47 -4.90 6.52 -7.29
C VAL A 47 -4.63 5.85 -8.61
N ILE A 48 -4.62 4.54 -8.60
CA ILE A 48 -4.35 3.77 -9.80
C ILE A 48 -5.59 3.00 -10.23
N GLU A 49 -5.86 2.99 -11.52
CA GLU A 49 -6.99 2.24 -12.03
C GLU A 49 -6.52 0.87 -12.52
N ASP A 50 -6.49 -0.10 -11.63
CA ASP A 50 -6.33 -1.48 -12.06
C ASP A 50 -7.71 -2.09 -12.19
N GLU A 51 -8.17 -2.14 -13.43
CA GLU A 51 -9.55 -2.48 -13.74
C GLU A 51 -9.80 -3.97 -13.62
N ILE A 52 -11.01 -4.32 -13.21
CA ILE A 52 -11.40 -5.72 -13.13
C ILE A 52 -12.44 -6.03 -14.20
N VAL A 53 -11.95 -6.40 -15.37
CA VAL A 53 -12.82 -6.73 -16.48
C VAL A 53 -13.05 -8.23 -16.51
N GLU A 54 -14.15 -8.68 -15.91
CA GLU A 54 -14.47 -10.09 -15.89
C GLU A 54 -15.50 -10.41 -16.97
N PRO A 55 -15.18 -11.37 -17.84
CA PRO A 55 -16.08 -11.81 -18.90
C PRO A 55 -17.33 -12.50 -18.36
N GLY A 56 -18.28 -12.73 -19.24
CA GLY A 56 -19.53 -13.37 -18.87
C GLY A 56 -19.91 -14.41 -19.90
N GLU A 57 -18.92 -15.19 -20.31
CA GLU A 57 -19.07 -16.16 -21.39
C GLU A 57 -20.05 -17.28 -21.05
N TYR A 58 -21.32 -16.96 -21.11
CA TYR A 58 -22.40 -17.92 -20.95
C TYR A 58 -23.54 -17.48 -21.86
N ASP A 59 -24.30 -16.50 -21.34
CA ASP A 59 -25.36 -15.81 -22.07
C ASP A 59 -26.09 -14.92 -21.09
N PRO A 60 -25.78 -13.62 -21.10
CA PRO A 60 -26.31 -12.64 -20.13
C PRO A 60 -27.84 -12.67 -20.01
N PRO A 61 -28.35 -13.12 -18.87
CA PRO A 61 -29.78 -13.14 -18.59
C PRO A 61 -30.26 -11.82 -17.99
N GLU A 62 -29.32 -11.07 -17.43
CA GLU A 62 -29.62 -9.79 -16.79
C GLU A 62 -28.86 -8.68 -17.50
N MET A 63 -29.45 -7.50 -17.52
CA MET A 63 -28.84 -6.36 -18.18
C MET A 63 -28.21 -5.42 -17.16
N LYS A 64 -27.85 -4.21 -17.61
CA LYS A 64 -27.07 -3.27 -16.81
C LYS A 64 -25.71 -3.88 -16.50
N TYR A 65 -25.27 -4.76 -17.38
CA TYR A 65 -24.04 -5.51 -17.20
C TYR A 65 -22.88 -4.77 -17.83
N THR A 66 -21.82 -4.58 -17.06
CA THR A 66 -20.64 -3.87 -17.53
C THR A 66 -19.38 -4.67 -17.22
N ASN A 67 -18.72 -5.15 -18.27
CA ASN A 67 -17.48 -5.91 -18.12
C ASN A 67 -16.35 -4.98 -17.67
N VAL A 68 -16.25 -3.82 -18.30
CA VAL A 68 -15.20 -2.88 -18.00
C VAL A 68 -15.50 -2.11 -16.72
N LYS A 69 -15.09 -2.68 -15.60
CA LYS A 69 -15.25 -2.02 -14.32
C LYS A 69 -13.93 -1.37 -13.90
N LYS A 70 -13.90 -0.05 -13.96
CA LYS A 70 -12.71 0.71 -13.64
C LYS A 70 -12.58 0.86 -12.13
N VAL A 71 -11.57 0.20 -11.58
CA VAL A 71 -11.40 0.18 -10.14
C VAL A 71 -10.27 1.12 -9.72
N LYS A 72 -10.64 2.28 -9.20
CA LYS A 72 -9.67 3.23 -8.69
C LYS A 72 -9.25 2.85 -7.27
N ILE A 73 -8.11 2.19 -7.15
CA ILE A 73 -7.61 1.79 -5.86
C ILE A 73 -6.59 2.79 -5.33
N LYS A 74 -6.89 3.35 -4.18
CA LYS A 74 -6.01 4.31 -3.55
C LYS A 74 -4.98 3.55 -2.70
N LYS A 75 -3.77 3.42 -3.23
CA LYS A 75 -2.72 2.68 -2.53
C LYS A 75 -1.74 3.65 -1.88
N VAL A 76 -1.06 3.19 -0.84
CA VAL A 76 -0.22 4.06 -0.03
C VAL A 76 1.25 3.65 -0.11
N TYR A 77 2.14 4.63 -0.01
CA TYR A 77 3.58 4.37 -0.03
C TYR A 77 4.34 5.48 0.70
N PHE A 78 5.51 5.14 1.22
CA PHE A 78 6.41 6.14 1.77
C PHE A 78 7.75 6.05 1.06
N GLU A 79 8.43 7.16 0.95
CA GLU A 79 9.68 7.22 0.20
C GLU A 79 10.88 7.23 1.13
N THR A 80 11.88 6.44 0.79
CA THR A 80 13.10 6.36 1.59
C THR A 80 14.12 7.40 1.12
N LEU A 81 15.30 7.37 1.73
CA LEU A 81 16.38 8.27 1.35
C LEU A 81 16.82 7.99 -0.09
N ASP A 82 16.57 6.77 -0.54
CA ASP A 82 16.98 6.33 -1.87
C ASP A 82 16.00 6.79 -2.92
N ASN A 83 14.96 7.51 -2.49
CA ASN A 83 13.87 7.96 -3.36
C ASN A 83 12.98 6.79 -3.77
N VAL A 84 13.25 5.63 -3.18
CA VAL A 84 12.46 4.42 -3.44
C VAL A 84 11.22 4.43 -2.57
N ARG A 85 10.06 4.15 -3.16
CA ARG A 85 8.82 4.18 -2.42
C ARG A 85 8.37 2.77 -2.05
N VAL A 86 8.02 2.59 -0.78
CA VAL A 86 7.50 1.33 -0.30
C VAL A 86 5.99 1.35 -0.34
N VAL A 87 5.42 0.55 -1.23
CA VAL A 87 3.99 0.59 -1.52
C VAL A 87 3.26 -0.60 -0.88
N THR A 88 2.06 -0.35 -0.39
CA THR A 88 1.21 -1.40 0.15
C THR A 88 -0.26 -1.01 -0.03
N ASP A 89 -1.16 -1.81 0.53
CA ASP A 89 -2.59 -1.54 0.42
C ASP A 89 -3.04 -0.56 1.49
N TYR A 90 -3.56 0.58 1.06
CA TYR A 90 -3.98 1.64 1.96
C TYR A 90 -5.23 1.24 2.76
N SER A 91 -6.17 0.59 2.09
CA SER A 91 -7.44 0.25 2.71
C SER A 91 -7.24 -0.61 3.96
N GLU A 92 -6.58 -1.76 3.79
CA GLU A 92 -6.41 -2.69 4.88
C GLU A 92 -5.36 -2.22 5.88
N PHE A 93 -4.39 -1.43 5.41
CA PHE A 93 -3.41 -0.84 6.31
C PHE A 93 -4.10 0.06 7.33
N GLN A 94 -4.99 0.92 6.83
CA GLN A 94 -5.74 1.82 7.70
C GLN A 94 -6.68 1.05 8.61
N LYS A 95 -7.13 -0.12 8.15
CA LYS A 95 -7.96 -0.99 8.96
C LYS A 95 -7.16 -1.57 10.13
N ILE A 96 -5.84 -1.65 9.95
CA ILE A 96 -4.96 -2.08 11.03
C ILE A 96 -4.83 -0.98 12.08
N LEU A 97 -4.77 0.27 11.62
CA LEU A 97 -4.79 1.42 12.52
C LEU A 97 -6.11 1.47 13.27
N LYS A 98 -7.18 1.15 12.56
CA LYS A 98 -8.51 1.04 13.14
C LYS A 98 -8.58 -0.13 14.13
N LYS A 99 -7.88 -1.20 13.80
CA LYS A 99 -7.83 -2.40 14.63
C LYS A 99 -7.17 -2.09 15.97
N ARG A 100 -6.03 -1.41 15.92
CA ARG A 100 -5.32 -1.00 17.14
C ARG A 100 -6.07 0.12 17.84
N GLY A 101 -6.71 0.99 17.08
CA GLY A 101 -7.41 2.10 17.64
C GLY A 101 -6.55 3.35 17.69
N THR A 102 -5.80 3.57 16.61
CA THR A 102 -4.96 4.76 16.51
C THR A 102 -5.78 5.94 15.99
N LYS A 103 -6.85 5.62 15.28
CA LYS A 103 -7.78 6.64 14.82
C LYS A 103 -9.14 6.39 15.48
N LEU A 104 -9.45 7.21 16.48
CA LEU A 104 -10.62 7.01 17.30
C LEU A 104 -11.87 7.63 16.69
N GLU A 105 -12.97 6.90 16.79
CA GLU A 105 -14.27 7.40 16.34
C GLU A 105 -14.99 8.08 17.50
N HIS A 106 -16.22 8.52 17.25
CA HIS A 106 -17.03 9.16 18.27
C HIS A 106 -17.64 8.09 19.19
N HIS A 107 -17.59 6.84 18.75
CA HIS A 107 -18.13 5.73 19.52
C HIS A 107 -17.11 5.27 20.57
N HIS A 108 -16.45 6.22 21.22
CA HIS A 108 -15.52 5.90 22.29
C HIS A 108 -15.80 6.73 23.54
N HIS A 109 -16.13 8.00 23.33
CA HIS A 109 -16.47 8.89 24.45
C HIS A 109 -17.84 8.50 25.01
N HIS A 110 -18.68 7.96 24.14
CA HIS A 110 -19.96 7.41 24.56
C HIS A 110 -19.98 5.91 24.29
N HIS A 111 -20.40 5.15 25.28
CA HIS A 111 -20.47 3.71 25.15
C HIS A 111 -21.86 3.29 24.70
N MET A 1 17.11 6.11 7.83
CA MET A 1 17.23 4.74 7.29
C MET A 1 17.40 4.78 5.77
N ASN A 2 17.66 3.62 5.19
CA ASN A 2 17.78 3.49 3.74
C ASN A 2 17.05 2.24 3.30
N SER A 3 16.91 2.07 1.99
CA SER A 3 16.24 0.91 1.43
C SER A 3 16.98 -0.37 1.81
N GLU A 4 18.32 -0.27 1.85
CA GLU A 4 19.15 -1.38 2.29
C GLU A 4 18.85 -1.73 3.74
N VAL A 5 18.69 -0.70 4.57
CA VAL A 5 18.37 -0.87 5.97
C VAL A 5 17.04 -1.61 6.14
N ILE A 6 16.06 -1.25 5.32
CA ILE A 6 14.76 -1.88 5.34
C ILE A 6 14.89 -3.37 5.00
N LYS A 7 15.71 -3.66 3.99
CA LYS A 7 15.95 -5.05 3.57
C LYS A 7 16.47 -5.87 4.74
N GLU A 8 17.51 -5.38 5.39
CA GLU A 8 18.08 -6.06 6.54
C GLU A 8 17.05 -6.22 7.65
N PHE A 9 16.36 -5.12 7.96
CA PHE A 9 15.36 -5.12 9.01
C PHE A 9 14.30 -6.19 8.77
N LEU A 10 13.88 -6.34 7.52
CA LEU A 10 12.88 -7.32 7.16
C LEU A 10 13.39 -8.74 7.40
N GLU A 11 14.64 -9.00 7.03
CA GLU A 11 15.23 -10.31 7.25
C GLU A 11 15.50 -10.53 8.74
N ASP A 12 15.85 -9.46 9.44
CA ASP A 12 16.04 -9.53 10.88
C ASP A 12 14.75 -9.95 11.57
N ILE A 13 13.63 -9.47 11.06
CA ILE A 13 12.32 -9.89 11.56
C ILE A 13 12.01 -11.31 11.09
N GLY A 14 12.32 -11.58 9.83
CA GLY A 14 12.01 -12.86 9.24
C GLY A 14 10.89 -12.73 8.22
N GLU A 15 10.76 -11.54 7.67
CA GLU A 15 9.73 -11.25 6.68
C GLU A 15 10.33 -11.23 5.27
N ASP A 16 9.49 -10.97 4.29
CA ASP A 16 9.93 -10.94 2.90
C ASP A 16 9.48 -9.63 2.25
N TYR A 17 9.93 -9.39 1.03
CA TYR A 17 9.60 -8.17 0.32
C TYR A 17 9.78 -8.38 -1.18
N ILE A 18 8.88 -7.80 -1.96
CA ILE A 18 8.94 -7.91 -3.41
C ILE A 18 9.60 -6.68 -4.01
N GLU A 19 10.86 -6.82 -4.40
CA GLU A 19 11.62 -5.72 -4.97
C GLU A 19 11.43 -5.68 -6.49
N LEU A 20 10.87 -4.59 -6.96
CA LEU A 20 10.72 -4.35 -8.38
C LEU A 20 11.55 -3.13 -8.76
N GLU A 21 11.32 -2.59 -9.96
CA GLU A 21 12.07 -1.44 -10.42
C GLU A 21 11.73 -0.20 -9.60
N ASN A 22 12.63 0.14 -8.67
CA ASN A 22 12.51 1.32 -7.80
C ASN A 22 11.31 1.21 -6.86
N GLU A 23 10.78 0.00 -6.73
CA GLU A 23 9.63 -0.24 -5.88
C GLU A 23 9.84 -1.44 -4.98
N ILE A 24 9.63 -1.25 -3.69
CA ILE A 24 9.64 -2.35 -2.74
C ILE A 24 8.21 -2.60 -2.26
N HIS A 25 7.62 -3.69 -2.73
CA HIS A 25 6.26 -4.02 -2.35
C HIS A 25 6.26 -4.83 -1.07
N LEU A 26 5.69 -4.25 -0.03
CA LEU A 26 5.73 -4.84 1.30
C LEU A 26 4.45 -5.61 1.60
N LYS A 27 4.54 -6.50 2.59
CA LYS A 27 3.38 -7.22 3.08
C LYS A 27 2.53 -6.28 3.92
N PRO A 28 1.21 -6.25 3.67
CA PRO A 28 0.27 -5.31 4.31
C PRO A 28 0.49 -5.12 5.81
N GLU A 29 0.58 -6.23 6.54
CA GLU A 29 0.68 -6.17 8.00
C GLU A 29 2.08 -5.74 8.44
N VAL A 30 3.09 -6.14 7.67
CA VAL A 30 4.47 -5.81 8.02
C VAL A 30 4.76 -4.35 7.75
N PHE A 31 4.15 -3.81 6.69
CA PHE A 31 4.31 -2.41 6.31
C PHE A 31 3.95 -1.49 7.47
N TYR A 32 2.93 -1.86 8.22
CA TYR A 32 2.48 -1.09 9.38
C TYR A 32 3.59 -0.93 10.41
N GLU A 33 4.32 -2.03 10.66
CA GLU A 33 5.39 -2.01 11.65
C GLU A 33 6.63 -1.33 11.09
N VAL A 34 6.84 -1.46 9.78
CA VAL A 34 7.95 -0.76 9.12
C VAL A 34 7.74 0.74 9.19
N TRP A 35 6.49 1.16 9.04
CA TRP A 35 6.11 2.56 9.15
C TRP A 35 6.52 3.13 10.51
N LYS A 36 6.24 2.38 11.56
CA LYS A 36 6.56 2.82 12.91
C LYS A 36 8.05 2.59 13.23
N TYR A 37 8.77 2.04 12.27
CA TYR A 37 10.21 1.88 12.41
C TYR A 37 10.96 3.03 11.74
N VAL A 38 10.46 3.45 10.59
CA VAL A 38 11.14 4.47 9.78
C VAL A 38 10.86 5.89 10.27
N GLY A 39 10.43 6.02 11.51
CA GLY A 39 10.22 7.34 12.10
C GLY A 39 8.80 7.84 11.90
N GLU A 40 7.88 6.91 11.62
CA GLU A 40 6.45 7.20 11.40
C GLU A 40 6.22 8.53 10.66
N PRO A 41 6.65 8.61 9.39
CA PRO A 41 6.48 9.81 8.58
C PRO A 41 5.10 9.90 7.95
N GLU A 42 4.82 11.01 7.27
CA GLU A 42 3.57 11.16 6.55
C GLU A 42 3.58 10.26 5.31
N LEU A 43 2.75 9.24 5.34
CA LEU A 43 2.69 8.28 4.25
C LEU A 43 1.97 8.90 3.06
N LYS A 44 2.60 8.80 1.90
CA LYS A 44 2.08 9.36 0.68
C LYS A 44 1.26 8.31 -0.07
N THR A 45 -0.01 8.62 -0.31
CA THR A 45 -0.89 7.69 -0.99
C THR A 45 -1.09 8.09 -2.45
N TYR A 46 -1.44 7.13 -3.29
CA TYR A 46 -1.79 7.44 -4.67
C TYR A 46 -3.07 6.73 -5.04
N VAL A 47 -3.86 7.36 -5.89
CA VAL A 47 -5.12 6.80 -6.32
C VAL A 47 -4.97 6.14 -7.68
N ILE A 48 -5.18 4.85 -7.72
CA ILE A 48 -5.19 4.11 -8.97
C ILE A 48 -6.64 3.81 -9.36
N GLU A 49 -7.16 4.60 -10.28
CA GLU A 49 -8.55 4.48 -10.67
C GLU A 49 -8.70 3.41 -11.75
N ASP A 50 -9.23 2.27 -11.34
CA ASP A 50 -9.33 1.11 -12.21
C ASP A 50 -10.69 1.06 -12.89
N GLU A 51 -10.74 0.41 -14.05
CA GLU A 51 -11.95 0.24 -14.84
C GLU A 51 -12.55 1.59 -15.26
N ILE A 52 -13.86 1.73 -15.08
CA ILE A 52 -14.64 2.84 -15.61
C ILE A 52 -14.79 2.71 -17.13
N VAL A 53 -13.68 2.78 -17.83
CA VAL A 53 -13.67 2.63 -19.27
C VAL A 53 -12.45 1.83 -19.72
N GLU A 54 -12.53 1.25 -20.90
CA GLU A 54 -11.38 0.58 -21.48
C GLU A 54 -10.57 1.63 -22.26
N PRO A 55 -9.30 1.80 -21.89
CA PRO A 55 -8.46 2.88 -22.44
C PRO A 55 -8.28 2.78 -23.96
N GLY A 56 -8.12 1.57 -24.46
CA GLY A 56 -7.93 1.38 -25.89
C GLY A 56 -7.39 0.00 -26.21
N GLU A 57 -6.57 -0.53 -25.31
CA GLU A 57 -6.01 -1.88 -25.46
C GLU A 57 -7.11 -2.90 -25.72
N TYR A 58 -8.26 -2.69 -25.09
CA TYR A 58 -9.45 -3.47 -25.41
C TYR A 58 -10.48 -2.56 -26.04
N ASP A 59 -10.49 -2.53 -27.36
CA ASP A 59 -11.51 -1.80 -28.10
C ASP A 59 -12.45 -2.80 -28.75
N PRO A 60 -13.69 -2.88 -28.26
CA PRO A 60 -14.66 -3.88 -28.72
C PRO A 60 -15.03 -3.72 -30.20
N PRO A 61 -14.54 -4.63 -31.06
CA PRO A 61 -14.85 -4.63 -32.49
C PRO A 61 -16.21 -5.24 -32.75
N GLU A 62 -16.79 -5.77 -31.68
CA GLU A 62 -18.11 -6.37 -31.73
C GLU A 62 -19.16 -5.34 -31.31
N MET A 63 -18.68 -4.14 -30.95
CA MET A 63 -19.54 -3.07 -30.44
C MET A 63 -20.29 -3.53 -29.21
N LYS A 64 -19.67 -4.43 -28.46
CA LYS A 64 -20.28 -5.00 -27.29
C LYS A 64 -19.75 -4.32 -26.03
N TYR A 65 -20.64 -3.64 -25.32
CA TYR A 65 -20.27 -2.91 -24.12
C TYR A 65 -20.57 -3.76 -22.89
N THR A 66 -19.58 -3.92 -22.03
CA THR A 66 -19.73 -4.77 -20.86
C THR A 66 -20.04 -3.95 -19.61
N ASN A 67 -20.27 -4.64 -18.50
CA ASN A 67 -20.54 -3.98 -17.23
C ASN A 67 -19.23 -3.61 -16.55
N VAL A 68 -18.82 -2.37 -16.74
CA VAL A 68 -17.58 -1.90 -16.16
C VAL A 68 -17.86 -1.14 -14.86
N LYS A 69 -17.03 -1.37 -13.85
CA LYS A 69 -17.24 -0.77 -12.54
C LYS A 69 -16.51 0.56 -12.43
N LYS A 70 -16.91 1.37 -11.45
CA LYS A 70 -16.31 2.68 -11.27
C LYS A 70 -15.89 2.85 -9.81
N VAL A 71 -14.62 2.57 -9.54
CA VAL A 71 -14.10 2.64 -8.18
C VAL A 71 -12.71 3.27 -8.15
N LYS A 72 -12.42 4.00 -7.09
CA LYS A 72 -11.10 4.58 -6.88
C LYS A 72 -10.31 3.74 -5.89
N ILE A 73 -9.27 3.08 -6.37
CA ILE A 73 -8.44 2.25 -5.50
C ILE A 73 -7.29 3.08 -4.95
N LYS A 74 -7.06 2.99 -3.65
CA LYS A 74 -6.07 3.83 -3.00
C LYS A 74 -4.96 2.96 -2.39
N LYS A 75 -3.72 3.28 -2.74
CA LYS A 75 -2.57 2.59 -2.17
C LYS A 75 -1.63 3.58 -1.51
N VAL A 76 -0.80 3.10 -0.61
CA VAL A 76 0.08 3.95 0.17
C VAL A 76 1.53 3.54 -0.02
N TYR A 77 2.43 4.52 -0.01
CA TYR A 77 3.84 4.27 -0.16
C TYR A 77 4.65 5.36 0.53
N PHE A 78 5.93 5.09 0.73
CA PHE A 78 6.84 6.12 1.18
C PHE A 78 8.15 6.00 0.41
N GLU A 79 8.76 7.13 0.12
CA GLU A 79 9.99 7.16 -0.66
C GLU A 79 11.19 7.34 0.25
N THR A 80 12.10 6.41 0.19
CA THR A 80 13.30 6.43 1.02
C THR A 80 14.27 7.50 0.54
N LEU A 81 15.39 7.63 1.25
CA LEU A 81 16.43 8.57 0.85
C LEU A 81 17.03 8.13 -0.48
N ASP A 82 16.91 6.84 -0.78
CA ASP A 82 17.41 6.28 -2.02
C ASP A 82 16.38 6.50 -3.14
N ASN A 83 15.25 7.09 -2.77
CA ASN A 83 14.16 7.41 -3.70
C ASN A 83 13.44 6.15 -4.16
N VAL A 84 13.51 5.10 -3.34
CA VAL A 84 12.81 3.86 -3.63
C VAL A 84 11.42 3.91 -3.00
N ARG A 85 10.42 3.49 -3.78
CA ARG A 85 9.03 3.54 -3.33
C ARG A 85 8.61 2.24 -2.66
N VAL A 86 8.41 2.27 -1.36
CA VAL A 86 7.88 1.12 -0.64
C VAL A 86 6.36 1.20 -0.64
N VAL A 87 5.73 0.39 -1.48
CA VAL A 87 4.29 0.50 -1.73
C VAL A 87 3.52 -0.64 -1.08
N THR A 88 2.36 -0.34 -0.53
CA THR A 88 1.46 -1.33 0.03
C THR A 88 0.01 -0.85 -0.12
N ASP A 89 -0.93 -1.79 -0.16
CA ASP A 89 -2.35 -1.45 -0.32
C ASP A 89 -2.86 -0.66 0.89
N TYR A 90 -3.48 0.49 0.62
CA TYR A 90 -3.91 1.38 1.69
C TYR A 90 -5.22 0.91 2.30
N SER A 91 -6.03 0.20 1.52
CA SER A 91 -7.30 -0.31 2.00
C SER A 91 -7.06 -1.30 3.15
N GLU A 92 -6.09 -2.18 2.97
CA GLU A 92 -5.73 -3.12 4.02
C GLU A 92 -4.85 -2.47 5.07
N PHE A 93 -4.21 -1.36 4.71
CA PHE A 93 -3.44 -0.59 5.70
C PHE A 93 -4.39 0.11 6.69
N GLN A 94 -5.41 0.79 6.16
CA GLN A 94 -6.40 1.45 7.01
C GLN A 94 -7.24 0.42 7.73
N LYS A 95 -7.28 -0.78 7.17
CA LYS A 95 -7.91 -1.92 7.81
C LYS A 95 -7.21 -2.23 9.13
N ILE A 96 -5.89 -2.23 9.10
CA ILE A 96 -5.08 -2.42 10.29
C ILE A 96 -5.23 -1.22 11.22
N LEU A 97 -5.36 -0.04 10.63
CA LEU A 97 -5.58 1.18 11.39
C LEU A 97 -6.89 1.09 12.19
N LYS A 98 -7.92 0.55 11.56
CA LYS A 98 -9.20 0.32 12.24
C LYS A 98 -9.04 -0.73 13.33
N LYS A 99 -8.26 -1.75 13.01
CA LYS A 99 -7.99 -2.86 13.93
C LYS A 99 -7.32 -2.38 15.21
N ARG A 100 -6.26 -1.60 15.06
CA ARG A 100 -5.48 -1.17 16.21
C ARG A 100 -5.91 0.21 16.71
N GLY A 101 -6.92 0.78 16.06
CA GLY A 101 -7.49 2.04 16.51
C GLY A 101 -6.56 3.22 16.29
N THR A 102 -5.73 3.14 15.28
CA THR A 102 -4.77 4.19 14.98
C THR A 102 -5.13 4.89 13.68
N LYS A 103 -4.71 6.13 13.52
CA LYS A 103 -4.99 6.87 12.29
C LYS A 103 -3.70 7.46 11.72
N LEU A 104 -3.71 7.73 10.42
CA LEU A 104 -2.59 8.36 9.77
C LEU A 104 -2.58 9.85 10.10
N GLU A 105 -3.78 10.40 10.26
CA GLU A 105 -3.92 11.81 10.60
C GLU A 105 -3.58 12.06 12.06
N HIS A 106 -4.09 11.21 12.94
CA HIS A 106 -3.97 11.43 14.38
C HIS A 106 -3.08 10.38 15.03
N HIS A 107 -1.89 10.80 15.42
CA HIS A 107 -0.99 9.97 16.21
C HIS A 107 -1.31 10.20 17.69
N HIS A 108 -1.21 9.17 18.49
CA HIS A 108 -1.60 9.26 19.90
C HIS A 108 -0.38 9.42 20.78
N HIS A 109 -0.58 9.93 21.99
CA HIS A 109 0.51 10.08 22.96
C HIS A 109 0.83 8.73 23.61
N HIS A 110 0.84 7.68 22.80
CA HIS A 110 1.10 6.33 23.27
C HIS A 110 1.27 5.42 22.05
N HIS A 111 0.43 5.65 21.05
CA HIS A 111 0.51 4.94 19.78
C HIS A 111 -0.33 5.67 18.73
N MET A 1 16.09 5.76 7.21
CA MET A 1 16.54 4.45 6.66
C MET A 1 16.62 4.52 5.14
N ASN A 2 17.67 3.91 4.60
CA ASN A 2 17.75 3.65 3.17
C ASN A 2 17.05 2.33 2.88
N SER A 3 16.71 2.09 1.62
CA SER A 3 16.04 0.86 1.23
C SER A 3 16.86 -0.37 1.61
N GLU A 4 18.17 -0.21 1.58
CA GLU A 4 19.10 -1.27 1.96
C GLU A 4 18.89 -1.67 3.42
N VAL A 5 18.70 -0.68 4.28
CA VAL A 5 18.48 -0.92 5.70
C VAL A 5 17.13 -1.60 5.92
N ILE A 6 16.15 -1.23 5.10
CA ILE A 6 14.83 -1.84 5.16
C ILE A 6 14.94 -3.33 4.83
N LYS A 7 15.78 -3.67 3.86
CA LYS A 7 16.04 -5.05 3.48
C LYS A 7 16.54 -5.84 4.69
N GLU A 8 17.46 -5.24 5.42
CA GLU A 8 18.03 -5.85 6.63
C GLU A 8 16.94 -6.17 7.63
N PHE A 9 16.02 -5.24 7.83
CA PHE A 9 14.92 -5.43 8.77
C PHE A 9 13.96 -6.53 8.28
N LEU A 10 13.66 -6.51 7.00
CA LEU A 10 12.73 -7.46 6.41
C LEU A 10 13.28 -8.88 6.44
N GLU A 11 14.58 -9.01 6.17
CA GLU A 11 15.24 -10.31 6.24
C GLU A 11 15.31 -10.77 7.70
N ASP A 12 15.56 -9.84 8.60
CA ASP A 12 15.66 -10.14 10.02
C ASP A 12 14.37 -10.76 10.54
N ILE A 13 13.24 -10.12 10.25
CA ILE A 13 11.95 -10.61 10.73
C ILE A 13 11.52 -11.86 9.98
N GLY A 14 12.00 -12.02 8.75
CA GLY A 14 11.69 -13.21 7.98
C GLY A 14 10.43 -13.04 7.14
N GLU A 15 10.31 -11.90 6.48
CA GLU A 15 9.17 -11.64 5.61
C GLU A 15 9.63 -11.31 4.20
N ASP A 16 8.81 -11.65 3.23
CA ASP A 16 9.13 -11.43 1.83
C ASP A 16 8.56 -10.11 1.35
N TYR A 17 9.39 -9.33 0.69
CA TYR A 17 8.96 -8.04 0.15
C TYR A 17 9.00 -8.06 -1.36
N ILE A 18 7.97 -7.52 -1.99
CA ILE A 18 7.91 -7.49 -3.44
C ILE A 18 8.60 -6.26 -3.97
N GLU A 19 9.84 -6.41 -4.38
CA GLU A 19 10.61 -5.29 -4.89
C GLU A 19 10.44 -5.17 -6.40
N LEU A 20 9.68 -4.18 -6.81
CA LEU A 20 9.51 -3.87 -8.22
C LEU A 20 10.51 -2.80 -8.60
N GLU A 21 10.31 -2.17 -9.75
CA GLU A 21 11.21 -1.13 -10.22
C GLU A 21 11.08 0.12 -9.34
N ASN A 22 11.94 0.19 -8.31
CA ASN A 22 11.96 1.32 -7.37
C ASN A 22 10.73 1.33 -6.48
N GLU A 23 10.05 0.19 -6.40
CA GLU A 23 8.86 0.07 -5.56
C GLU A 23 8.94 -1.17 -4.67
N ILE A 24 9.04 -0.96 -3.38
CA ILE A 24 8.99 -2.08 -2.44
C ILE A 24 7.58 -2.25 -1.92
N HIS A 25 6.88 -3.23 -2.45
CA HIS A 25 5.49 -3.47 -2.05
C HIS A 25 5.46 -4.45 -0.88
N LEU A 26 4.95 -3.98 0.24
CA LEU A 26 4.93 -4.77 1.46
C LEU A 26 3.53 -5.23 1.80
N LYS A 27 3.46 -6.15 2.75
CA LYS A 27 2.19 -6.58 3.31
C LYS A 27 1.77 -5.57 4.38
N PRO A 28 0.47 -5.24 4.44
CA PRO A 28 -0.06 -4.23 5.37
C PRO A 28 0.47 -4.40 6.81
N GLU A 29 0.50 -5.63 7.30
CA GLU A 29 0.99 -5.92 8.64
C GLU A 29 2.46 -5.50 8.79
N VAL A 30 3.25 -5.78 7.76
CA VAL A 30 4.67 -5.47 7.79
C VAL A 30 4.91 -3.98 7.62
N PHE A 31 4.09 -3.34 6.78
CA PHE A 31 4.19 -1.91 6.52
C PHE A 31 3.97 -1.12 7.82
N TYR A 32 3.01 -1.58 8.61
CA TYR A 32 2.70 -0.94 9.89
C TYR A 32 3.92 -0.98 10.82
N GLU A 33 4.64 -2.10 10.80
CA GLU A 33 5.86 -2.25 11.58
C GLU A 33 6.89 -1.20 11.19
N VAL A 34 7.15 -1.09 9.89
CA VAL A 34 8.16 -0.17 9.37
C VAL A 34 7.75 1.28 9.63
N TRP A 35 6.47 1.57 9.46
CA TRP A 35 5.95 2.92 9.66
C TRP A 35 6.25 3.41 11.08
N LYS A 36 6.02 2.54 12.06
CA LYS A 36 6.27 2.90 13.45
C LYS A 36 7.71 2.57 13.86
N TYR A 37 8.49 2.10 12.90
CA TYR A 37 9.89 1.79 13.15
C TYR A 37 10.74 3.06 13.03
N VAL A 38 10.38 3.90 12.06
CA VAL A 38 11.05 5.18 11.89
C VAL A 38 10.30 6.33 12.55
N GLY A 39 9.28 5.98 13.33
CA GLY A 39 8.58 6.98 14.13
C GLY A 39 7.58 7.80 13.35
N GLU A 40 6.71 7.11 12.61
CA GLU A 40 5.59 7.75 11.92
C GLU A 40 6.02 8.85 10.95
N PRO A 41 6.50 8.48 9.76
CA PRO A 41 6.81 9.44 8.71
C PRO A 41 5.54 9.89 7.98
N GLU A 42 5.69 10.86 7.10
CA GLU A 42 4.57 11.34 6.30
C GLU A 42 4.27 10.36 5.18
N LEU A 43 3.05 9.88 5.14
CA LEU A 43 2.64 8.90 4.15
C LEU A 43 2.02 9.57 2.94
N LYS A 44 2.46 9.18 1.77
CA LYS A 44 1.93 9.71 0.54
C LYS A 44 1.07 8.66 -0.15
N THR A 45 -0.02 9.10 -0.76
CA THR A 45 -0.95 8.18 -1.37
C THR A 45 -1.11 8.48 -2.86
N TYR A 46 -1.31 7.43 -3.65
CA TYR A 46 -1.54 7.58 -5.08
C TYR A 46 -2.74 6.73 -5.48
N VAL A 47 -3.38 7.11 -6.57
CA VAL A 47 -4.52 6.38 -7.09
C VAL A 47 -4.14 5.60 -8.33
N ILE A 48 -4.16 4.29 -8.25
CA ILE A 48 -3.86 3.44 -9.37
C ILE A 48 -5.13 2.73 -9.85
N GLU A 49 -5.52 3.00 -11.09
CA GLU A 49 -6.73 2.40 -11.63
C GLU A 49 -6.45 1.02 -12.20
N ASP A 50 -7.11 0.03 -11.64
CA ASP A 50 -7.02 -1.33 -12.17
C ASP A 50 -8.20 -1.57 -13.09
N GLU A 51 -7.94 -1.54 -14.38
CA GLU A 51 -8.99 -1.72 -15.37
C GLU A 51 -9.34 -3.20 -15.49
N ILE A 52 -10.61 -3.50 -15.27
CA ILE A 52 -11.10 -4.86 -15.41
C ILE A 52 -11.51 -5.12 -16.85
N VAL A 53 -10.72 -5.93 -17.54
CA VAL A 53 -10.98 -6.28 -18.92
C VAL A 53 -11.00 -7.80 -19.05
N GLU A 54 -12.19 -8.37 -19.08
CA GLU A 54 -12.37 -9.81 -19.16
C GLU A 54 -13.47 -10.16 -20.15
N PRO A 55 -13.56 -11.44 -20.56
CA PRO A 55 -14.57 -11.91 -21.50
C PRO A 55 -15.98 -11.51 -21.11
N GLY A 56 -16.76 -11.10 -22.11
CA GLY A 56 -18.12 -10.68 -21.87
C GLY A 56 -19.06 -11.28 -22.88
N GLU A 57 -18.64 -12.39 -23.46
CA GLU A 57 -19.45 -13.11 -24.43
C GLU A 57 -20.50 -13.96 -23.72
N TYR A 58 -20.24 -14.22 -22.44
CA TYR A 58 -21.17 -15.00 -21.62
C TYR A 58 -22.32 -14.13 -21.14
N ASP A 59 -22.09 -12.82 -21.12
CA ASP A 59 -23.12 -11.88 -20.72
C ASP A 59 -23.16 -10.72 -21.70
N PRO A 60 -24.08 -10.78 -22.68
CA PRO A 60 -24.16 -9.80 -23.77
C PRO A 60 -24.26 -8.36 -23.28
N PRO A 61 -23.46 -7.46 -23.88
CA PRO A 61 -23.43 -6.05 -23.51
C PRO A 61 -24.80 -5.38 -23.72
N GLU A 62 -25.37 -4.93 -22.62
CA GLU A 62 -26.65 -4.24 -22.65
C GLU A 62 -26.38 -2.74 -22.81
N MET A 63 -27.33 -1.90 -22.41
CA MET A 63 -27.07 -0.46 -22.34
C MET A 63 -25.97 -0.18 -21.33
N LYS A 64 -25.73 -1.14 -20.46
CA LYS A 64 -24.58 -1.11 -19.57
C LYS A 64 -23.39 -1.70 -20.30
N TYR A 65 -22.51 -0.84 -20.79
CA TYR A 65 -21.37 -1.27 -21.57
C TYR A 65 -20.20 -1.67 -20.68
N THR A 66 -20.08 -2.96 -20.43
CA THR A 66 -18.98 -3.51 -19.66
C THR A 66 -17.68 -3.54 -20.48
N ASN A 67 -17.42 -2.44 -21.18
CA ASN A 67 -16.27 -2.33 -22.06
C ASN A 67 -14.98 -2.15 -21.26
N VAL A 68 -15.01 -1.21 -20.32
CA VAL A 68 -13.85 -0.94 -19.49
C VAL A 68 -14.28 -0.48 -18.10
N LYS A 69 -13.86 -1.24 -17.10
CA LYS A 69 -14.16 -0.89 -15.72
C LYS A 69 -12.96 -0.23 -15.06
N LYS A 70 -13.08 1.06 -14.79
CA LYS A 70 -12.03 1.81 -14.13
C LYS A 70 -12.16 1.64 -12.62
N VAL A 71 -11.29 0.84 -12.03
CA VAL A 71 -11.29 0.67 -10.58
C VAL A 71 -10.17 1.50 -9.96
N LYS A 72 -10.53 2.64 -9.41
CA LYS A 72 -9.56 3.55 -8.83
C LYS A 72 -9.14 3.07 -7.44
N ILE A 73 -8.01 2.41 -7.37
CA ILE A 73 -7.52 1.87 -6.11
C ILE A 73 -6.49 2.81 -5.50
N LYS A 74 -6.78 3.32 -4.33
CA LYS A 74 -5.88 4.21 -3.62
C LYS A 74 -4.94 3.39 -2.74
N LYS A 75 -3.65 3.63 -2.86
CA LYS A 75 -2.65 2.96 -2.04
C LYS A 75 -1.71 3.98 -1.42
N VAL A 76 -0.97 3.55 -0.40
CA VAL A 76 -0.10 4.44 0.35
C VAL A 76 1.36 3.99 0.27
N TYR A 77 2.28 4.93 0.29
CA TYR A 77 3.70 4.62 0.19
C TYR A 77 4.56 5.70 0.84
N PHE A 78 5.80 5.35 1.14
CA PHE A 78 6.78 6.35 1.54
C PHE A 78 8.07 6.11 0.75
N GLU A 79 8.72 7.19 0.37
CA GLU A 79 9.87 7.12 -0.51
C GLU A 79 11.17 7.28 0.28
N THR A 80 12.12 6.40 0.04
CA THR A 80 13.42 6.50 0.68
C THR A 80 14.30 7.49 -0.05
N LEU A 81 15.51 7.70 0.44
CA LEU A 81 16.42 8.65 -0.17
C LEU A 81 17.03 8.07 -1.44
N ASP A 82 16.75 6.81 -1.70
CA ASP A 82 17.28 6.11 -2.88
C ASP A 82 16.25 6.10 -3.99
N ASN A 83 15.16 6.85 -3.78
CA ASN A 83 14.04 6.90 -4.72
C ASN A 83 13.32 5.55 -4.75
N VAL A 84 13.38 4.83 -3.64
CA VAL A 84 12.66 3.58 -3.51
C VAL A 84 11.36 3.81 -2.75
N ARG A 85 10.26 3.64 -3.43
CA ARG A 85 8.96 3.92 -2.84
C ARG A 85 8.36 2.64 -2.27
N VAL A 86 8.27 2.59 -0.95
CA VAL A 86 7.69 1.45 -0.26
C VAL A 86 6.18 1.56 -0.26
N VAL A 87 5.54 0.76 -1.10
CA VAL A 87 4.10 0.86 -1.33
C VAL A 87 3.36 -0.25 -0.62
N THR A 88 2.21 0.10 -0.06
CA THR A 88 1.31 -0.87 0.55
C THR A 88 -0.13 -0.41 0.37
N ASP A 89 -1.06 -1.36 0.31
CA ASP A 89 -2.46 -1.04 0.09
C ASP A 89 -3.00 -0.12 1.19
N TYR A 90 -3.74 0.91 0.76
CA TYR A 90 -4.25 1.92 1.68
C TYR A 90 -5.45 1.41 2.48
N SER A 91 -6.34 0.69 1.82
CA SER A 91 -7.56 0.22 2.47
C SER A 91 -7.24 -0.83 3.53
N GLU A 92 -6.27 -1.70 3.25
CA GLU A 92 -5.83 -2.69 4.22
C GLU A 92 -5.03 -2.02 5.34
N PHE A 93 -4.32 -0.95 5.02
CA PHE A 93 -3.51 -0.25 6.02
C PHE A 93 -4.40 0.46 7.03
N GLN A 94 -5.37 1.23 6.55
CA GLN A 94 -6.30 1.94 7.43
C GLN A 94 -7.13 0.93 8.23
N LYS A 95 -7.34 -0.24 7.64
CA LYS A 95 -7.98 -1.35 8.31
C LYS A 95 -7.17 -1.78 9.53
N ILE A 96 -5.85 -1.89 9.35
CA ILE A 96 -4.97 -2.30 10.44
C ILE A 96 -4.84 -1.20 11.50
N LEU A 97 -4.90 0.06 11.06
CA LEU A 97 -4.88 1.18 12.00
C LEU A 97 -6.02 1.05 12.99
N LYS A 98 -7.18 0.64 12.51
CA LYS A 98 -8.35 0.43 13.36
C LYS A 98 -8.27 -0.93 14.05
N LYS A 99 -7.66 -1.89 13.37
CA LYS A 99 -7.45 -3.24 13.89
C LYS A 99 -6.70 -3.21 15.22
N ARG A 100 -5.62 -2.43 15.27
CA ARG A 100 -4.83 -2.32 16.48
C ARG A 100 -5.25 -1.11 17.30
N GLY A 101 -6.01 -0.20 16.69
CA GLY A 101 -6.46 0.99 17.40
C GLY A 101 -5.34 1.98 17.58
N THR A 102 -4.88 2.55 16.48
CA THR A 102 -3.75 3.47 16.52
C THR A 102 -4.23 4.91 16.64
N LYS A 103 -4.22 5.42 17.88
CA LYS A 103 -4.56 6.82 18.16
C LYS A 103 -5.95 7.15 17.66
N LEU A 104 -6.95 6.59 18.33
CA LEU A 104 -8.33 6.67 17.87
C LEU A 104 -8.94 8.06 18.08
N GLU A 105 -10.08 8.26 17.44
CA GLU A 105 -10.75 9.57 17.41
C GLU A 105 -11.52 9.85 18.70
N HIS A 106 -11.85 8.80 19.44
CA HIS A 106 -12.70 8.94 20.62
C HIS A 106 -11.88 9.30 21.85
N HIS A 107 -10.66 9.77 21.61
CA HIS A 107 -9.82 10.30 22.67
C HIS A 107 -9.46 11.74 22.33
N HIS A 108 -9.64 12.63 23.30
CA HIS A 108 -9.36 14.06 23.10
C HIS A 108 -7.87 14.34 23.16
N HIS A 109 -7.10 13.46 22.53
CA HIS A 109 -5.66 13.54 22.46
C HIS A 109 -5.13 12.47 21.50
N HIS A 110 -6.05 11.60 21.04
CA HIS A 110 -5.71 10.43 20.19
C HIS A 110 -4.91 9.39 20.98
N HIS A 111 -3.73 9.77 21.43
CA HIS A 111 -2.89 8.91 22.22
C HIS A 111 -2.20 9.71 23.31
N MET A 1 16.95 7.45 6.42
CA MET A 1 17.57 6.10 6.30
C MET A 1 17.54 5.63 4.85
N ASN A 2 18.39 4.68 4.53
CA ASN A 2 18.39 4.08 3.20
C ASN A 2 17.44 2.90 3.13
N SER A 3 17.10 2.49 1.92
CA SER A 3 16.29 1.31 1.71
C SER A 3 17.06 0.06 2.13
N GLU A 4 18.39 0.18 2.07
CA GLU A 4 19.30 -0.86 2.53
C GLU A 4 18.95 -1.30 3.95
N VAL A 5 18.73 -0.32 4.82
CA VAL A 5 18.43 -0.58 6.23
C VAL A 5 17.15 -1.40 6.38
N ILE A 6 16.16 -1.05 5.57
CA ILE A 6 14.88 -1.75 5.58
C ILE A 6 15.05 -3.19 5.12
N LYS A 7 15.86 -3.38 4.09
CA LYS A 7 16.16 -4.72 3.57
C LYS A 7 16.73 -5.60 4.67
N GLU A 8 17.66 -5.05 5.45
CA GLU A 8 18.29 -5.80 6.53
C GLU A 8 17.26 -6.20 7.58
N PHE A 9 16.36 -5.27 7.89
CA PHE A 9 15.32 -5.51 8.88
C PHE A 9 14.35 -6.59 8.39
N LEU A 10 13.92 -6.47 7.14
CA LEU A 10 12.96 -7.40 6.57
C LEU A 10 13.57 -8.79 6.39
N GLU A 11 14.86 -8.83 6.09
CA GLU A 11 15.58 -10.09 5.91
C GLU A 11 15.67 -10.84 7.24
N ASP A 12 15.78 -10.09 8.33
CA ASP A 12 15.85 -10.68 9.65
C ASP A 12 14.56 -11.41 9.99
N ILE A 13 13.43 -10.70 9.89
CA ILE A 13 12.14 -11.28 10.23
C ILE A 13 11.71 -12.35 9.23
N GLY A 14 11.96 -12.11 7.95
CA GLY A 14 11.64 -13.10 6.95
C GLY A 14 10.30 -12.85 6.29
N GLU A 15 9.82 -11.63 6.37
CA GLU A 15 8.57 -11.26 5.70
C GLU A 15 8.86 -10.86 4.26
N ASP A 16 8.10 -11.44 3.35
CA ASP A 16 8.31 -11.21 1.92
C ASP A 16 7.94 -9.79 1.51
N TYR A 17 8.91 -9.09 0.94
CA TYR A 17 8.63 -7.80 0.34
C TYR A 17 8.81 -7.90 -1.17
N ILE A 18 7.87 -7.36 -1.91
CA ILE A 18 7.91 -7.42 -3.35
C ILE A 18 8.65 -6.22 -3.91
N GLU A 19 9.94 -6.39 -4.15
CA GLU A 19 10.75 -5.31 -4.69
C GLU A 19 10.64 -5.28 -6.20
N LEU A 20 9.97 -4.25 -6.68
CA LEU A 20 9.87 -3.98 -8.11
C LEU A 20 10.85 -2.88 -8.47
N GLU A 21 10.66 -2.25 -9.62
CA GLU A 21 11.53 -1.18 -10.06
C GLU A 21 11.41 0.03 -9.14
N ASN A 22 12.32 0.12 -8.16
CA ASN A 22 12.37 1.22 -7.20
C ASN A 22 11.13 1.22 -6.30
N GLU A 23 10.45 0.09 -6.21
CA GLU A 23 9.24 0.00 -5.40
C GLU A 23 9.23 -1.25 -4.54
N ILE A 24 9.28 -1.07 -3.24
CA ILE A 24 9.14 -2.17 -2.31
C ILE A 24 7.68 -2.30 -1.89
N HIS A 25 6.98 -3.23 -2.48
CA HIS A 25 5.59 -3.47 -2.11
C HIS A 25 5.53 -4.41 -0.92
N LEU A 26 5.20 -3.85 0.23
CA LEU A 26 5.21 -4.59 1.48
C LEU A 26 3.84 -5.16 1.81
N LYS A 27 3.82 -6.02 2.81
CA LYS A 27 2.59 -6.57 3.33
C LYS A 27 2.04 -5.62 4.40
N PRO A 28 0.72 -5.36 4.38
CA PRO A 28 0.08 -4.43 5.32
C PRO A 28 0.49 -4.65 6.77
N GLU A 29 0.55 -5.92 7.17
CA GLU A 29 0.95 -6.29 8.53
C GLU A 29 2.34 -5.74 8.85
N VAL A 30 3.25 -5.89 7.90
CA VAL A 30 4.65 -5.50 8.08
C VAL A 30 4.80 -3.98 7.98
N PHE A 31 4.20 -3.41 6.95
CA PHE A 31 4.25 -1.98 6.71
C PHE A 31 3.74 -1.20 7.93
N TYR A 32 2.71 -1.75 8.55
CA TYR A 32 2.11 -1.18 9.74
C TYR A 32 3.12 -1.02 10.88
N GLU A 33 4.09 -1.93 10.95
CA GLU A 33 5.12 -1.87 11.98
C GLU A 33 6.38 -1.15 11.48
N VAL A 34 6.73 -1.36 10.22
CA VAL A 34 7.91 -0.71 9.65
C VAL A 34 7.75 0.80 9.63
N TRP A 35 6.52 1.27 9.41
CA TRP A 35 6.20 2.69 9.45
C TRP A 35 6.60 3.30 10.79
N LYS A 36 6.44 2.52 11.86
CA LYS A 36 6.80 2.98 13.19
C LYS A 36 8.32 2.95 13.37
N TYR A 37 8.94 1.90 12.86
CA TYR A 37 10.39 1.71 12.97
C TYR A 37 11.16 2.88 12.36
N VAL A 38 10.70 3.36 11.21
CA VAL A 38 11.38 4.46 10.53
C VAL A 38 10.93 5.82 11.06
N GLY A 39 10.04 5.82 12.05
CA GLY A 39 9.70 7.03 12.76
C GLY A 39 8.53 7.80 12.18
N GLU A 40 7.49 7.09 11.76
CA GLU A 40 6.27 7.71 11.24
C GLU A 40 6.56 8.74 10.15
N PRO A 41 7.06 8.31 8.99
CA PRO A 41 7.34 9.20 7.86
C PRO A 41 6.08 9.62 7.12
N GLU A 42 6.25 10.42 6.08
CA GLU A 42 5.12 10.88 5.28
C GLU A 42 4.51 9.74 4.49
N LEU A 43 3.20 9.63 4.54
CA LEU A 43 2.50 8.60 3.81
C LEU A 43 1.78 9.20 2.60
N LYS A 44 2.29 8.93 1.41
CA LYS A 44 1.70 9.46 0.20
C LYS A 44 0.63 8.51 -0.31
N THR A 45 -0.60 8.99 -0.35
CA THR A 45 -1.71 8.20 -0.86
C THR A 45 -1.94 8.52 -2.34
N TYR A 46 -1.82 7.51 -3.19
CA TYR A 46 -2.01 7.70 -4.62
C TYR A 46 -3.16 6.84 -5.09
N VAL A 47 -3.80 7.27 -6.16
CA VAL A 47 -4.91 6.52 -6.73
C VAL A 47 -4.47 5.82 -7.99
N ILE A 48 -4.43 4.50 -7.94
CA ILE A 48 -4.09 3.70 -9.10
C ILE A 48 -5.36 3.10 -9.69
N GLU A 49 -5.57 3.38 -10.97
CA GLU A 49 -6.79 2.94 -11.63
C GLU A 49 -6.52 1.74 -12.51
N ASP A 50 -7.09 0.62 -12.13
CA ASP A 50 -6.93 -0.63 -12.85
C ASP A 50 -8.29 -1.08 -13.37
N GLU A 51 -8.29 -2.12 -14.19
CA GLU A 51 -9.53 -2.65 -14.74
C GLU A 51 -10.30 -3.40 -13.66
N ILE A 52 -11.59 -3.63 -13.90
CA ILE A 52 -12.41 -4.36 -12.96
C ILE A 52 -11.93 -5.82 -12.85
N VAL A 53 -11.18 -6.10 -11.81
CA VAL A 53 -10.66 -7.43 -11.57
C VAL A 53 -11.63 -8.24 -10.72
N GLU A 54 -11.84 -9.49 -11.08
CA GLU A 54 -12.82 -10.33 -10.41
C GLU A 54 -12.18 -11.14 -9.27
N PRO A 55 -12.94 -11.36 -8.20
CA PRO A 55 -12.52 -12.17 -7.08
C PRO A 55 -13.06 -13.60 -7.13
N GLY A 56 -13.69 -13.97 -8.24
CA GLY A 56 -14.30 -15.29 -8.34
C GLY A 56 -15.11 -15.45 -9.61
N GLU A 57 -14.66 -14.85 -10.69
CA GLU A 57 -15.32 -14.92 -11.98
C GLU A 57 -14.27 -15.14 -13.06
N TYR A 58 -13.36 -16.07 -12.78
CA TYR A 58 -12.24 -16.36 -13.66
C TYR A 58 -12.71 -16.73 -15.06
N ASP A 59 -13.84 -17.43 -15.13
CA ASP A 59 -14.44 -17.77 -16.40
C ASP A 59 -15.73 -16.98 -16.60
N PRO A 60 -15.65 -15.87 -17.33
CA PRO A 60 -16.80 -15.01 -17.60
C PRO A 60 -17.57 -15.44 -18.84
N PRO A 61 -18.86 -15.09 -18.91
CA PRO A 61 -19.65 -15.29 -20.11
C PRO A 61 -19.27 -14.24 -21.17
N GLU A 62 -18.68 -14.71 -22.27
CA GLU A 62 -18.19 -13.80 -23.30
C GLU A 62 -19.34 -13.05 -23.96
N MET A 63 -19.41 -11.76 -23.70
CA MET A 63 -20.44 -10.90 -24.27
C MET A 63 -19.85 -10.04 -25.38
N LYS A 64 -20.70 -9.41 -26.16
CA LYS A 64 -20.26 -8.63 -27.30
C LYS A 64 -19.99 -7.18 -26.91
N TYR A 65 -20.93 -6.56 -26.24
CA TYR A 65 -20.84 -5.16 -25.89
C TYR A 65 -20.50 -4.99 -24.41
N THR A 66 -19.39 -5.60 -24.02
CA THR A 66 -18.96 -5.62 -22.63
C THR A 66 -18.70 -4.22 -22.08
N ASN A 67 -19.37 -3.89 -20.97
CA ASN A 67 -19.13 -2.65 -20.28
C ASN A 67 -17.81 -2.71 -19.52
N VAL A 68 -16.87 -1.89 -19.92
CA VAL A 68 -15.56 -1.86 -19.28
C VAL A 68 -15.56 -0.91 -18.09
N LYS A 69 -15.30 -1.45 -16.92
CA LYS A 69 -15.30 -0.65 -15.70
C LYS A 69 -13.88 -0.59 -15.13
N LYS A 70 -13.52 0.57 -14.59
CA LYS A 70 -12.22 0.73 -13.94
C LYS A 70 -12.41 0.90 -12.43
N VAL A 71 -11.43 0.43 -11.68
CA VAL A 71 -11.46 0.56 -10.23
C VAL A 71 -10.39 1.54 -9.76
N LYS A 72 -10.81 2.57 -9.04
CA LYS A 72 -9.90 3.55 -8.50
C LYS A 72 -9.38 3.11 -7.13
N ILE A 73 -8.22 2.47 -7.12
CA ILE A 73 -7.66 1.92 -5.90
C ILE A 73 -6.76 2.94 -5.22
N LYS A 74 -6.99 3.16 -3.93
CA LYS A 74 -6.21 4.12 -3.17
C LYS A 74 -5.17 3.38 -2.33
N LYS A 75 -3.91 3.57 -2.65
CA LYS A 75 -2.82 2.91 -1.93
C LYS A 75 -1.87 3.95 -1.36
N VAL A 76 -0.99 3.51 -0.47
CA VAL A 76 -0.09 4.42 0.22
C VAL A 76 1.36 3.97 0.07
N TYR A 77 2.28 4.92 0.02
CA TYR A 77 3.70 4.60 -0.03
C TYR A 77 4.52 5.74 0.57
N PHE A 78 5.71 5.40 1.04
CA PHE A 78 6.66 6.41 1.48
C PHE A 78 7.97 6.21 0.73
N GLU A 79 8.77 7.27 0.63
CA GLU A 79 9.99 7.23 -0.15
C GLU A 79 11.22 7.22 0.73
N THR A 80 12.25 6.53 0.27
CA THR A 80 13.53 6.52 0.95
C THR A 80 14.51 7.43 0.24
N LEU A 81 15.73 7.54 0.76
CA LEU A 81 16.77 8.35 0.14
C LEU A 81 17.20 7.75 -1.20
N ASP A 82 16.89 6.47 -1.40
CA ASP A 82 17.29 5.76 -2.60
C ASP A 82 16.18 5.81 -3.64
N ASN A 83 15.16 6.64 -3.39
CA ASN A 83 14.00 6.80 -4.27
C ASN A 83 13.13 5.53 -4.26
N VAL A 84 13.54 4.55 -3.46
CA VAL A 84 12.78 3.32 -3.34
C VAL A 84 11.49 3.58 -2.57
N ARG A 85 10.37 3.41 -3.24
CA ARG A 85 9.07 3.68 -2.66
C ARG A 85 8.47 2.43 -2.08
N VAL A 86 8.23 2.45 -0.77
CA VAL A 86 7.61 1.32 -0.10
C VAL A 86 6.10 1.44 -0.17
N VAL A 87 5.49 0.64 -1.03
CA VAL A 87 4.07 0.74 -1.31
C VAL A 87 3.28 -0.34 -0.58
N THR A 88 2.11 0.02 -0.08
CA THR A 88 1.21 -0.91 0.56
C THR A 88 -0.24 -0.43 0.37
N ASP A 89 -1.18 -1.36 0.32
CA ASP A 89 -2.59 -0.99 0.14
C ASP A 89 -3.08 -0.21 1.34
N TYR A 90 -3.64 0.97 1.07
CA TYR A 90 -4.02 1.91 2.12
C TYR A 90 -5.29 1.47 2.82
N SER A 91 -6.13 0.70 2.12
CA SER A 91 -7.38 0.24 2.70
C SER A 91 -7.09 -0.86 3.71
N GLU A 92 -6.22 -1.80 3.33
CA GLU A 92 -5.81 -2.87 4.24
C GLU A 92 -4.93 -2.32 5.36
N PHE A 93 -4.20 -1.26 5.07
CA PHE A 93 -3.40 -0.59 6.09
C PHE A 93 -4.32 0.04 7.13
N GLN A 94 -5.30 0.83 6.67
CA GLN A 94 -6.26 1.45 7.56
C GLN A 94 -7.10 0.39 8.27
N LYS A 95 -7.27 -0.75 7.64
CA LYS A 95 -7.98 -1.88 8.22
C LYS A 95 -7.31 -2.29 9.54
N ILE A 96 -6.01 -2.52 9.48
CA ILE A 96 -5.24 -2.90 10.67
C ILE A 96 -5.09 -1.72 11.62
N LEU A 97 -5.01 -0.53 11.04
CA LEU A 97 -4.93 0.71 11.80
C LEU A 97 -6.16 0.86 12.71
N LYS A 98 -7.34 0.69 12.11
CA LYS A 98 -8.60 0.71 12.85
C LYS A 98 -8.69 -0.47 13.81
N LYS A 99 -8.15 -1.60 13.35
CA LYS A 99 -8.15 -2.83 14.13
C LYS A 99 -7.48 -2.65 15.49
N ARG A 100 -6.36 -1.94 15.49
CA ARG A 100 -5.63 -1.68 16.73
C ARG A 100 -6.37 -0.65 17.58
N GLY A 101 -6.90 0.37 16.93
CA GLY A 101 -7.58 1.44 17.65
C GLY A 101 -6.80 2.74 17.57
N THR A 102 -5.87 2.81 16.64
CA THR A 102 -5.10 4.02 16.42
C THR A 102 -5.89 4.98 15.54
N LYS A 103 -5.85 6.26 15.85
CA LYS A 103 -6.54 7.25 15.06
C LYS A 103 -5.54 8.15 14.36
N LEU A 104 -5.66 8.26 13.04
CA LEU A 104 -4.77 9.08 12.24
C LEU A 104 -5.06 10.56 12.46
N GLU A 105 -4.00 11.31 12.76
CA GLU A 105 -4.13 12.73 13.06
C GLU A 105 -4.76 13.48 11.89
N HIS A 106 -4.46 13.04 10.66
CA HIS A 106 -4.95 13.72 9.46
C HIS A 106 -6.46 13.53 9.29
N HIS A 107 -7.08 12.73 10.17
CA HIS A 107 -8.52 12.57 10.16
C HIS A 107 -9.16 13.59 11.10
N HIS A 108 -8.31 14.16 11.96
CA HIS A 108 -8.73 15.16 12.92
C HIS A 108 -8.02 16.48 12.59
N HIS A 109 -7.30 16.45 11.47
CA HIS A 109 -6.51 17.57 11.00
C HIS A 109 -6.61 17.60 9.48
N HIS A 110 -7.31 18.60 8.94
CA HIS A 110 -7.64 18.65 7.52
C HIS A 110 -6.39 18.56 6.65
N HIS A 111 -5.39 19.36 6.96
CA HIS A 111 -4.11 19.32 6.25
C HIS A 111 -2.97 19.44 7.25
N MET A 1 17.20 6.88 6.72
CA MET A 1 17.35 5.47 6.34
C MET A 1 17.19 5.30 4.83
N ASN A 2 17.72 4.21 4.31
CA ASN A 2 17.56 3.89 2.90
C ASN A 2 16.81 2.58 2.75
N SER A 3 16.53 2.19 1.51
CA SER A 3 15.85 0.94 1.23
C SER A 3 16.69 -0.24 1.72
N GLU A 4 18.00 -0.04 1.71
CA GLU A 4 18.95 -1.05 2.21
C GLU A 4 18.66 -1.41 3.66
N VAL A 5 18.44 -0.39 4.48
CA VAL A 5 18.18 -0.57 5.91
C VAL A 5 16.88 -1.36 6.11
N ILE A 6 15.89 -1.06 5.27
CA ILE A 6 14.61 -1.74 5.32
C ILE A 6 14.79 -3.22 4.99
N LYS A 7 15.60 -3.49 3.96
CA LYS A 7 15.89 -4.87 3.56
C LYS A 7 16.52 -5.64 4.71
N GLU A 8 17.47 -5.02 5.38
CA GLU A 8 18.16 -5.64 6.50
C GLU A 8 17.15 -6.03 7.58
N PHE A 9 16.26 -5.11 7.90
CA PHE A 9 15.21 -5.35 8.88
C PHE A 9 14.31 -6.49 8.43
N LEU A 10 13.89 -6.46 7.17
CA LEU A 10 12.98 -7.45 6.62
C LEU A 10 13.61 -8.84 6.61
N GLU A 11 14.90 -8.91 6.32
CA GLU A 11 15.61 -10.18 6.35
C GLU A 11 15.85 -10.64 7.78
N ASP A 12 16.12 -9.69 8.67
CA ASP A 12 16.37 -10.00 10.07
C ASP A 12 15.11 -10.53 10.75
N ILE A 13 13.95 -10.01 10.35
CA ILE A 13 12.68 -10.51 10.86
C ILE A 13 12.25 -11.75 10.10
N GLY A 14 12.84 -11.96 8.94
CA GLY A 14 12.59 -13.16 8.16
C GLY A 14 11.27 -13.13 7.43
N GLU A 15 10.99 -12.05 6.73
CA GLU A 15 9.75 -11.92 5.99
C GLU A 15 10.05 -11.72 4.50
N ASP A 16 9.06 -12.02 3.67
CA ASP A 16 9.20 -11.91 2.23
C ASP A 16 8.65 -10.58 1.73
N TYR A 17 9.51 -9.79 1.10
CA TYR A 17 9.12 -8.50 0.57
C TYR A 17 9.26 -8.49 -0.95
N ILE A 18 8.37 -7.78 -1.62
CA ILE A 18 8.38 -7.75 -3.07
C ILE A 18 9.13 -6.54 -3.59
N GLU A 19 10.39 -6.74 -3.94
CA GLU A 19 11.18 -5.68 -4.53
C GLU A 19 11.03 -5.69 -6.05
N LEU A 20 10.65 -4.55 -6.59
CA LEU A 20 10.58 -4.36 -8.02
C LEU A 20 11.50 -3.21 -8.41
N GLU A 21 11.30 -2.64 -9.58
CA GLU A 21 12.14 -1.55 -10.04
C GLU A 21 11.71 -0.24 -9.38
N ASN A 22 12.47 0.17 -8.36
CA ASN A 22 12.20 1.39 -7.57
C ASN A 22 10.94 1.24 -6.72
N GLU A 23 10.41 0.03 -6.65
CA GLU A 23 9.22 -0.24 -5.88
C GLU A 23 9.49 -1.32 -4.84
N ILE A 24 9.06 -1.08 -3.63
CA ILE A 24 9.06 -2.11 -2.60
C ILE A 24 7.65 -2.33 -2.09
N HIS A 25 7.08 -3.48 -2.40
CA HIS A 25 5.71 -3.77 -1.98
C HIS A 25 5.71 -4.67 -0.75
N LEU A 26 5.01 -4.23 0.29
CA LEU A 26 4.97 -4.96 1.55
C LEU A 26 3.58 -5.44 1.88
N LYS A 27 3.47 -6.17 2.98
CA LYS A 27 2.19 -6.61 3.49
C LYS A 27 1.67 -5.60 4.50
N PRO A 28 0.34 -5.52 4.70
CA PRO A 28 -0.28 -4.50 5.56
C PRO A 28 0.31 -4.46 6.96
N GLU A 29 0.44 -5.63 7.59
CA GLU A 29 0.95 -5.71 8.95
C GLU A 29 2.40 -5.24 9.01
N VAL A 30 3.20 -5.74 8.09
CA VAL A 30 4.63 -5.39 8.04
C VAL A 30 4.82 -3.91 7.78
N PHE A 31 4.06 -3.38 6.82
CA PHE A 31 4.13 -1.96 6.46
C PHE A 31 3.85 -1.08 7.66
N TYR A 32 2.81 -1.44 8.42
CA TYR A 32 2.42 -0.69 9.61
C TYR A 32 3.56 -0.64 10.63
N GLU A 33 4.24 -1.77 10.83
CA GLU A 33 5.30 -1.86 11.82
C GLU A 33 6.56 -1.16 11.33
N VAL A 34 6.92 -1.39 10.07
CA VAL A 34 8.10 -0.77 9.48
C VAL A 34 7.94 0.75 9.45
N TRP A 35 6.72 1.21 9.21
CA TRP A 35 6.40 2.63 9.22
C TRP A 35 6.85 3.29 10.52
N LYS A 36 6.41 2.74 11.64
CA LYS A 36 6.78 3.28 12.95
C LYS A 36 8.24 3.01 13.26
N TYR A 37 8.76 1.90 12.74
CA TYR A 37 10.16 1.51 12.94
C TYR A 37 11.11 2.57 12.39
N VAL A 38 10.81 3.11 11.22
CA VAL A 38 11.69 4.06 10.57
C VAL A 38 11.43 5.50 11.03
N GLY A 39 10.47 5.68 11.92
CA GLY A 39 10.23 6.99 12.50
C GLY A 39 8.93 7.63 12.02
N GLU A 40 8.10 6.85 11.35
CA GLU A 40 6.81 7.31 10.83
C GLU A 40 6.97 8.50 9.90
N PRO A 41 7.49 8.27 8.68
CA PRO A 41 7.63 9.31 7.65
C PRO A 41 6.28 9.65 7.03
N GLU A 42 6.28 10.68 6.19
CA GLU A 42 5.06 11.09 5.51
C GLU A 42 4.57 10.01 4.56
N LEU A 43 3.34 9.57 4.77
CA LEU A 43 2.73 8.59 3.90
C LEU A 43 1.99 9.28 2.76
N LYS A 44 2.61 9.30 1.59
CA LYS A 44 1.97 9.86 0.41
C LYS A 44 1.04 8.83 -0.20
N THR A 45 -0.08 9.27 -0.73
CA THR A 45 -1.06 8.35 -1.27
C THR A 45 -1.34 8.65 -2.74
N TYR A 46 -1.45 7.60 -3.53
CA TYR A 46 -1.79 7.75 -4.93
C TYR A 46 -2.99 6.88 -5.26
N VAL A 47 -3.87 7.38 -6.09
CA VAL A 47 -5.05 6.63 -6.46
C VAL A 47 -4.85 5.96 -7.81
N ILE A 48 -4.63 4.65 -7.78
CA ILE A 48 -4.43 3.90 -9.00
C ILE A 48 -5.76 3.31 -9.46
N GLU A 49 -6.10 3.60 -10.69
CA GLU A 49 -7.37 3.17 -11.25
C GLU A 49 -7.21 1.83 -11.94
N ASP A 50 -7.72 0.79 -11.30
CA ASP A 50 -7.62 -0.56 -11.83
C ASP A 50 -8.87 -0.87 -12.64
N GLU A 51 -8.68 -1.25 -13.89
CA GLU A 51 -9.79 -1.56 -14.76
C GLU A 51 -10.05 -3.07 -14.77
N ILE A 52 -11.02 -3.49 -13.97
CA ILE A 52 -11.33 -4.90 -13.85
C ILE A 52 -12.44 -5.30 -14.82
N VAL A 53 -12.12 -6.23 -15.69
CA VAL A 53 -13.10 -6.75 -16.64
C VAL A 53 -13.81 -7.95 -16.03
N GLU A 54 -15.12 -7.97 -16.13
CA GLU A 54 -15.90 -9.05 -15.54
C GLU A 54 -16.04 -10.19 -16.55
N PRO A 55 -15.58 -11.39 -16.16
CA PRO A 55 -15.55 -12.56 -17.04
C PRO A 55 -16.96 -13.00 -17.47
N GLY A 56 -17.22 -12.86 -18.76
CA GLY A 56 -18.47 -13.30 -19.32
C GLY A 56 -18.23 -14.04 -20.63
N GLU A 57 -17.12 -14.76 -20.66
CA GLU A 57 -16.67 -15.43 -21.86
C GLU A 57 -17.07 -16.91 -21.81
N TYR A 58 -17.91 -17.22 -20.83
CA TYR A 58 -18.40 -18.58 -20.63
C TYR A 58 -19.66 -18.81 -21.47
N ASP A 59 -20.18 -17.73 -22.02
CA ASP A 59 -21.41 -17.78 -22.80
C ASP A 59 -21.34 -16.76 -23.93
N PRO A 60 -21.82 -17.12 -25.13
CA PRO A 60 -21.87 -16.21 -26.27
C PRO A 60 -22.46 -14.85 -25.90
N PRO A 61 -21.64 -13.79 -25.96
CA PRO A 61 -22.01 -12.45 -25.49
C PRO A 61 -23.24 -11.88 -26.19
N GLU A 62 -24.20 -11.44 -25.38
CA GLU A 62 -25.39 -10.78 -25.89
C GLU A 62 -25.00 -9.49 -26.59
N MET A 63 -24.13 -8.73 -25.94
CA MET A 63 -23.60 -7.49 -26.50
C MET A 63 -22.09 -7.58 -26.54
N LYS A 64 -21.51 -7.35 -27.72
CA LYS A 64 -20.07 -7.43 -27.91
C LYS A 64 -19.35 -6.39 -27.05
N TYR A 65 -19.95 -5.23 -26.95
CA TYR A 65 -19.34 -4.11 -26.24
C TYR A 65 -19.96 -3.97 -24.85
N THR A 66 -19.15 -4.24 -23.83
CA THR A 66 -19.59 -4.15 -22.45
C THR A 66 -18.61 -3.30 -21.64
N ASN A 67 -19.14 -2.39 -20.84
CA ASN A 67 -18.33 -1.47 -20.05
C ASN A 67 -17.66 -2.20 -18.89
N VAL A 68 -16.36 -1.98 -18.74
CA VAL A 68 -15.61 -2.59 -17.65
C VAL A 68 -15.68 -1.72 -16.40
N LYS A 69 -15.23 -2.25 -15.28
CA LYS A 69 -15.27 -1.50 -14.03
C LYS A 69 -13.94 -0.82 -13.76
N LYS A 70 -13.92 0.50 -13.91
CA LYS A 70 -12.74 1.28 -13.59
C LYS A 70 -12.81 1.72 -12.14
N VAL A 71 -12.12 1.00 -11.26
CA VAL A 71 -12.18 1.30 -9.84
C VAL A 71 -10.96 2.11 -9.40
N LYS A 72 -11.23 3.22 -8.73
CA LYS A 72 -10.17 4.09 -8.24
C LYS A 72 -9.71 3.62 -6.87
N ILE A 73 -8.60 2.89 -6.83
CA ILE A 73 -8.11 2.33 -5.59
C ILE A 73 -6.94 3.16 -5.04
N LYS A 74 -7.17 3.78 -3.90
CA LYS A 74 -6.16 4.62 -3.27
C LYS A 74 -5.18 3.76 -2.50
N LYS A 75 -3.89 3.91 -2.81
CA LYS A 75 -2.84 3.17 -2.11
C LYS A 75 -1.87 4.13 -1.44
N VAL A 76 -1.07 3.62 -0.52
CA VAL A 76 -0.18 4.45 0.28
C VAL A 76 1.27 4.00 0.13
N TYR A 77 2.21 4.94 0.22
CA TYR A 77 3.62 4.61 0.11
C TYR A 77 4.47 5.63 0.87
N PHE A 78 5.65 5.21 1.32
CA PHE A 78 6.61 6.13 1.90
C PHE A 78 7.92 6.04 1.13
N GLU A 79 8.71 7.10 1.20
CA GLU A 79 9.91 7.22 0.37
C GLU A 79 11.18 6.94 1.17
N THR A 80 12.19 6.43 0.49
CA THR A 80 13.49 6.20 1.10
C THR A 80 14.50 7.20 0.55
N LEU A 81 15.72 7.17 1.08
CA LEU A 81 16.77 8.06 0.61
C LEU A 81 17.17 7.76 -0.84
N ASP A 82 16.97 6.51 -1.25
CA ASP A 82 17.37 6.08 -2.59
C ASP A 82 16.30 6.45 -3.61
N ASN A 83 15.26 7.15 -3.16
CA ASN A 83 14.11 7.51 -4.00
C ASN A 83 13.26 6.29 -4.30
N VAL A 84 13.55 5.19 -3.62
CA VAL A 84 12.77 3.97 -3.77
C VAL A 84 11.55 4.05 -2.86
N ARG A 85 10.37 3.82 -3.40
CA ARG A 85 9.15 4.02 -2.65
C ARG A 85 8.50 2.70 -2.28
N VAL A 86 8.19 2.57 -0.99
CA VAL A 86 7.57 1.37 -0.46
C VAL A 86 6.06 1.50 -0.50
N VAL A 87 5.43 0.69 -1.34
CA VAL A 87 4.00 0.80 -1.59
C VAL A 87 3.24 -0.32 -0.90
N THR A 88 2.07 0.02 -0.36
CA THR A 88 1.17 -0.95 0.23
C THR A 88 -0.27 -0.43 0.11
N ASP A 89 -1.22 -1.35 -0.01
CA ASP A 89 -2.63 -0.97 -0.12
C ASP A 89 -3.10 -0.16 1.08
N TYR A 90 -3.73 0.97 0.78
CA TYR A 90 -4.20 1.90 1.79
C TYR A 90 -5.48 1.38 2.46
N SER A 91 -6.20 0.52 1.74
CA SER A 91 -7.44 -0.05 2.24
C SER A 91 -7.16 -0.94 3.45
N GLU A 92 -6.26 -1.90 3.28
CA GLU A 92 -5.89 -2.81 4.36
C GLU A 92 -5.07 -2.10 5.43
N PHE A 93 -4.34 -1.06 5.04
CA PHE A 93 -3.59 -0.27 6.01
C PHE A 93 -4.55 0.41 6.98
N GLN A 94 -5.57 1.07 6.43
CA GLN A 94 -6.60 1.68 7.24
C GLN A 94 -7.40 0.63 8.00
N LYS A 95 -7.55 -0.53 7.38
CA LYS A 95 -8.24 -1.66 8.00
C LYS A 95 -7.55 -2.06 9.31
N ILE A 96 -6.22 -2.11 9.28
CA ILE A 96 -5.46 -2.45 10.48
C ILE A 96 -5.55 -1.34 11.52
N LEU A 97 -5.62 -0.10 11.08
CA LEU A 97 -5.79 1.02 11.99
C LEU A 97 -7.11 0.89 12.75
N LYS A 98 -8.13 0.40 12.05
CA LYS A 98 -9.44 0.15 12.67
C LYS A 98 -9.36 -1.08 13.57
N LYS A 99 -8.62 -2.08 13.10
CA LYS A 99 -8.46 -3.35 13.82
C LYS A 99 -7.72 -3.15 15.14
N ARG A 100 -6.63 -2.40 15.09
CA ARG A 100 -5.81 -2.18 16.29
C ARG A 100 -6.28 -0.96 17.07
N GLY A 101 -7.20 -0.20 16.49
CA GLY A 101 -7.74 0.96 17.18
C GLY A 101 -6.77 2.13 17.19
N THR A 102 -5.90 2.19 16.20
CA THR A 102 -4.93 3.25 16.10
C THR A 102 -5.57 4.52 15.55
N LYS A 103 -6.67 4.35 14.83
CA LYS A 103 -7.39 5.49 14.26
C LYS A 103 -8.54 5.88 15.16
N LEU A 104 -8.28 6.82 16.06
CA LEU A 104 -9.30 7.30 16.98
C LEU A 104 -10.28 8.22 16.28
N GLU A 105 -11.54 8.16 16.70
CA GLU A 105 -12.59 8.97 16.11
C GLU A 105 -12.83 10.23 16.94
N HIS A 106 -12.65 10.11 18.24
CA HIS A 106 -12.77 11.25 19.13
C HIS A 106 -11.46 11.51 19.86
N HIS A 107 -10.90 12.67 19.60
CA HIS A 107 -9.62 13.05 20.20
C HIS A 107 -9.85 13.68 21.57
N HIS A 108 -11.09 14.04 21.84
CA HIS A 108 -11.44 14.63 23.12
C HIS A 108 -12.46 13.76 23.85
N HIS A 109 -12.20 13.52 25.13
CA HIS A 109 -13.09 12.74 25.98
C HIS A 109 -13.38 13.52 27.26
N HIS A 110 -14.26 12.99 28.12
CA HIS A 110 -14.53 13.65 29.40
C HIS A 110 -13.30 13.55 30.30
N HIS A 111 -12.63 12.40 30.22
CA HIS A 111 -11.41 12.12 30.97
C HIS A 111 -11.08 10.65 30.83
N MET A 1 15.48 6.14 6.71
CA MET A 1 16.05 4.86 6.20
C MET A 1 16.13 4.86 4.69
N ASN A 2 16.95 3.98 4.15
CA ASN A 2 17.00 3.72 2.73
C ASN A 2 16.54 2.29 2.47
N SER A 3 16.60 1.88 1.22
CA SER A 3 16.19 0.54 0.83
C SER A 3 17.05 -0.52 1.51
N GLU A 4 18.32 -0.18 1.68
CA GLU A 4 19.32 -1.08 2.26
C GLU A 4 18.90 -1.56 3.65
N VAL A 5 18.61 -0.62 4.55
CA VAL A 5 18.23 -0.95 5.92
C VAL A 5 16.99 -1.83 5.94
N ILE A 6 16.02 -1.49 5.09
CA ILE A 6 14.78 -2.26 5.01
C ILE A 6 15.05 -3.67 4.50
N LYS A 7 15.94 -3.78 3.51
CA LYS A 7 16.36 -5.08 3.00
C LYS A 7 16.95 -5.94 4.09
N GLU A 8 17.86 -5.36 4.88
CA GLU A 8 18.49 -6.08 5.97
C GLU A 8 17.45 -6.51 7.00
N PHE A 9 16.50 -5.61 7.29
CA PHE A 9 15.44 -5.90 8.25
C PHE A 9 14.59 -7.08 7.77
N LEU A 10 14.13 -6.99 6.53
CA LEU A 10 13.29 -8.03 5.93
C LEU A 10 14.05 -9.35 5.85
N GLU A 11 15.34 -9.27 5.53
CA GLU A 11 16.19 -10.44 5.45
C GLU A 11 16.36 -11.07 6.82
N ASP A 12 16.52 -10.23 7.83
CA ASP A 12 16.77 -10.69 9.20
C ASP A 12 15.53 -11.33 9.80
N ILE A 13 14.36 -10.82 9.45
CA ILE A 13 13.11 -11.39 9.95
C ILE A 13 12.63 -12.51 9.03
N GLY A 14 13.30 -12.67 7.90
CA GLY A 14 12.98 -13.74 6.97
C GLY A 14 11.60 -13.61 6.37
N GLU A 15 11.32 -12.45 5.81
CA GLU A 15 10.02 -12.17 5.23
C GLU A 15 10.11 -12.04 3.72
N ASP A 16 9.05 -12.42 3.03
CA ASP A 16 8.97 -12.29 1.58
C ASP A 16 8.46 -10.91 1.21
N TYR A 17 9.12 -10.26 0.27
CA TYR A 17 8.71 -8.95 -0.17
C TYR A 17 8.74 -8.85 -1.69
N ILE A 18 7.77 -8.14 -2.24
CA ILE A 18 7.67 -7.98 -3.68
C ILE A 18 8.44 -6.74 -4.12
N GLU A 19 9.64 -6.94 -4.63
CA GLU A 19 10.47 -5.84 -5.06
C GLU A 19 10.24 -5.51 -6.52
N LEU A 20 9.75 -4.31 -6.77
CA LEU A 20 9.62 -3.81 -8.12
C LEU A 20 10.54 -2.62 -8.29
N GLU A 21 10.64 -2.11 -9.51
CA GLU A 21 11.52 -0.99 -9.80
C GLU A 21 11.15 0.24 -8.98
N ASN A 22 11.96 0.51 -7.95
CA ASN A 22 11.77 1.64 -7.05
C ASN A 22 10.52 1.48 -6.20
N GLU A 23 10.01 0.26 -6.11
CA GLU A 23 8.82 -0.03 -5.32
C GLU A 23 9.01 -1.27 -4.47
N ILE A 24 9.05 -1.10 -3.16
CA ILE A 24 9.06 -2.23 -2.25
C ILE A 24 7.64 -2.48 -1.77
N HIS A 25 7.00 -3.50 -2.31
CA HIS A 25 5.63 -3.82 -1.94
C HIS A 25 5.64 -4.78 -0.76
N LEU A 26 5.21 -4.29 0.39
CA LEU A 26 5.26 -5.07 1.62
C LEU A 26 3.87 -5.54 2.03
N LYS A 27 3.85 -6.43 3.01
CA LYS A 27 2.62 -6.92 3.60
C LYS A 27 2.12 -5.91 4.62
N PRO A 28 0.79 -5.65 4.64
CA PRO A 28 0.17 -4.61 5.46
C PRO A 28 0.73 -4.50 6.88
N GLU A 29 0.78 -5.61 7.59
CA GLU A 29 1.20 -5.61 8.98
C GLU A 29 2.69 -5.32 9.10
N VAL A 30 3.47 -5.85 8.17
CA VAL A 30 4.91 -5.61 8.15
C VAL A 30 5.18 -4.13 7.87
N PHE A 31 4.42 -3.58 6.93
CA PHE A 31 4.51 -2.18 6.55
C PHE A 31 4.27 -1.28 7.77
N TYR A 32 3.29 -1.66 8.59
CA TYR A 32 2.94 -0.88 9.77
C TYR A 32 4.11 -0.74 10.73
N GLU A 33 4.80 -1.84 10.97
CA GLU A 33 5.95 -1.83 11.88
C GLU A 33 7.08 -0.97 11.34
N VAL A 34 7.25 -0.97 10.03
CA VAL A 34 8.28 -0.16 9.38
C VAL A 34 7.89 1.32 9.42
N TRP A 35 6.61 1.58 9.23
CA TRP A 35 6.07 2.94 9.25
C TRP A 35 6.40 3.66 10.57
N LYS A 36 6.17 2.98 11.68
CA LYS A 36 6.45 3.56 12.98
C LYS A 36 7.90 3.34 13.39
N TYR A 37 8.65 2.63 12.55
CA TYR A 37 10.06 2.40 12.80
C TYR A 37 10.85 3.64 12.41
N VAL A 38 10.40 4.31 11.34
CA VAL A 38 11.04 5.55 10.90
C VAL A 38 10.48 6.76 11.64
N GLY A 39 9.59 6.52 12.60
CA GLY A 39 9.10 7.59 13.45
C GLY A 39 7.76 8.16 12.99
N GLU A 40 7.06 7.39 12.15
CA GLU A 40 5.73 7.79 11.65
C GLU A 40 5.81 9.09 10.84
N PRO A 41 6.13 8.97 9.55
CA PRO A 41 6.11 10.10 8.64
C PRO A 41 4.74 10.25 7.96
N GLU A 42 4.49 11.42 7.39
CA GLU A 42 3.26 11.63 6.63
C GLU A 42 3.34 10.86 5.32
N LEU A 43 2.34 10.01 5.08
CA LEU A 43 2.39 9.08 3.97
C LEU A 43 1.79 9.65 2.70
N LYS A 44 2.30 9.19 1.57
CA LYS A 44 1.74 9.53 0.27
C LYS A 44 0.82 8.41 -0.18
N THR A 45 0.00 8.69 -1.17
CA THR A 45 -0.89 7.67 -1.71
C THR A 45 -0.60 7.43 -3.18
N TYR A 46 -0.75 6.19 -3.59
CA TYR A 46 -0.53 5.79 -4.97
C TYR A 46 -1.82 5.23 -5.54
N VAL A 47 -2.37 5.92 -6.52
CA VAL A 47 -3.63 5.53 -7.11
C VAL A 47 -3.42 4.78 -8.42
N ILE A 48 -3.90 3.55 -8.49
CA ILE A 48 -3.87 2.79 -9.72
C ILE A 48 -5.27 2.73 -10.32
N GLU A 49 -5.35 3.01 -11.61
CA GLU A 49 -6.63 3.02 -12.31
C GLU A 49 -6.65 1.92 -13.36
N ASP A 50 -7.34 0.82 -13.07
CA ASP A 50 -7.36 -0.32 -13.98
C ASP A 50 -8.63 -1.15 -13.83
N GLU A 51 -9.33 -1.31 -14.95
CA GLU A 51 -10.44 -2.27 -15.06
C GLU A 51 -11.02 -2.23 -16.47
N ILE A 52 -11.90 -1.26 -16.72
CA ILE A 52 -12.50 -1.11 -18.04
C ILE A 52 -12.12 0.24 -18.63
N VAL A 53 -11.15 0.23 -19.53
CA VAL A 53 -10.66 1.46 -20.11
C VAL A 53 -10.50 1.36 -21.63
N GLU A 54 -11.43 1.97 -22.34
CA GLU A 54 -11.32 2.08 -23.78
C GLU A 54 -10.58 3.37 -24.11
N PRO A 55 -9.37 3.26 -24.70
CA PRO A 55 -8.52 4.42 -25.00
C PRO A 55 -9.23 5.47 -25.83
N GLY A 56 -9.37 6.66 -25.25
CA GLY A 56 -10.06 7.73 -25.93
C GLY A 56 -9.51 9.08 -25.55
N GLU A 57 -8.27 9.10 -25.09
CA GLU A 57 -7.62 10.32 -24.65
C GLU A 57 -7.32 11.22 -25.84
N TYR A 58 -6.95 10.62 -26.96
CA TYR A 58 -6.68 11.38 -28.18
C TYR A 58 -7.58 10.88 -29.31
N ASP A 59 -8.44 9.93 -28.97
CA ASP A 59 -9.30 9.28 -29.95
C ASP A 59 -10.68 9.94 -29.96
N PRO A 60 -11.21 10.26 -31.15
CA PRO A 60 -12.50 10.96 -31.29
C PRO A 60 -13.68 10.19 -30.69
N PRO A 61 -14.44 10.83 -29.80
CA PRO A 61 -15.60 10.21 -29.15
C PRO A 61 -16.80 10.09 -30.09
N GLU A 62 -17.31 8.88 -30.25
CA GLU A 62 -18.47 8.65 -31.12
C GLU A 62 -19.73 8.42 -30.31
N MET A 63 -20.76 7.90 -30.97
CA MET A 63 -22.07 7.72 -30.35
C MET A 63 -22.09 6.52 -29.42
N LYS A 64 -21.15 5.60 -29.60
CA LYS A 64 -21.07 4.42 -28.76
C LYS A 64 -20.35 4.74 -27.45
N TYR A 65 -21.12 5.11 -26.44
CA TYR A 65 -20.58 5.42 -25.14
C TYR A 65 -20.62 4.18 -24.25
N THR A 66 -19.47 3.52 -24.14
CA THR A 66 -19.37 2.35 -23.30
C THR A 66 -19.17 2.77 -21.85
N ASN A 67 -19.62 1.95 -20.91
CA ASN A 67 -19.43 2.25 -19.50
C ASN A 67 -17.99 1.99 -19.10
N VAL A 68 -17.14 2.98 -19.38
CA VAL A 68 -15.73 2.92 -19.05
C VAL A 68 -15.55 3.06 -17.55
N LYS A 69 -15.15 1.99 -16.90
CA LYS A 69 -14.96 1.99 -15.46
C LYS A 69 -13.53 2.34 -15.12
N LYS A 70 -13.33 3.54 -14.62
CA LYS A 70 -12.04 3.96 -14.14
C LYS A 70 -11.99 3.77 -12.64
N VAL A 71 -11.45 2.63 -12.22
CA VAL A 71 -11.41 2.29 -10.81
C VAL A 71 -10.10 2.76 -10.20
N LYS A 72 -10.20 3.79 -9.38
CA LYS A 72 -9.04 4.38 -8.74
C LYS A 72 -8.78 3.72 -7.39
N ILE A 73 -7.81 2.81 -7.37
CA ILE A 73 -7.44 2.12 -6.15
C ILE A 73 -6.33 2.88 -5.44
N LYS A 74 -6.65 3.40 -4.27
CA LYS A 74 -5.74 4.29 -3.55
C LYS A 74 -4.93 3.50 -2.53
N LYS A 75 -3.67 3.22 -2.88
CA LYS A 75 -2.75 2.54 -1.98
C LYS A 75 -1.88 3.58 -1.28
N VAL A 76 -1.16 3.17 -0.26
CA VAL A 76 -0.33 4.09 0.51
C VAL A 76 1.14 3.70 0.38
N TYR A 77 2.04 4.69 0.44
CA TYR A 77 3.47 4.42 0.38
C TYR A 77 4.27 5.53 1.05
N PHE A 78 5.45 5.18 1.54
CA PHE A 78 6.39 6.19 2.03
C PHE A 78 7.67 6.12 1.20
N GLU A 79 8.45 7.20 1.24
CA GLU A 79 9.62 7.31 0.40
C GLU A 79 10.90 7.26 1.23
N THR A 80 11.89 6.55 0.72
CA THR A 80 13.21 6.54 1.33
C THR A 80 14.08 7.59 0.67
N LEU A 81 15.25 7.86 1.25
CA LEU A 81 16.18 8.82 0.67
C LEU A 81 16.86 8.23 -0.56
N ASP A 82 16.66 6.92 -0.74
CA ASP A 82 17.25 6.19 -1.86
C ASP A 82 16.29 6.16 -3.05
N ASN A 83 15.23 6.96 -2.96
CA ASN A 83 14.25 7.12 -4.05
C ASN A 83 13.44 5.84 -4.24
N VAL A 84 13.38 5.02 -3.22
CA VAL A 84 12.60 3.80 -3.26
C VAL A 84 11.29 3.98 -2.50
N ARG A 85 10.19 3.70 -3.16
CA ARG A 85 8.86 3.84 -2.57
C ARG A 85 8.39 2.52 -2.00
N VAL A 86 8.05 2.50 -0.72
CA VAL A 86 7.50 1.31 -0.09
C VAL A 86 5.98 1.36 -0.12
N VAL A 87 5.39 0.54 -0.98
CA VAL A 87 3.96 0.61 -1.27
C VAL A 87 3.19 -0.52 -0.59
N THR A 88 2.02 -0.17 -0.04
CA THR A 88 1.12 -1.13 0.58
C THR A 88 -0.32 -0.60 0.49
N ASP A 89 -1.31 -1.49 0.56
CA ASP A 89 -2.71 -1.08 0.43
C ASP A 89 -3.17 -0.24 1.62
N TYR A 90 -3.68 0.94 1.32
CA TYR A 90 -4.15 1.88 2.34
C TYR A 90 -5.40 1.34 3.01
N SER A 91 -6.21 0.61 2.25
CA SER A 91 -7.42 0.00 2.78
C SER A 91 -7.09 -0.92 3.96
N GLU A 92 -6.02 -1.68 3.85
CA GLU A 92 -5.61 -2.60 4.89
C GLU A 92 -4.80 -1.88 5.97
N PHE A 93 -4.08 -0.84 5.56
CA PHE A 93 -3.34 -0.02 6.51
C PHE A 93 -4.31 0.67 7.47
N GLN A 94 -5.36 1.26 6.90
CA GLN A 94 -6.44 1.85 7.68
C GLN A 94 -7.07 0.80 8.59
N LYS A 95 -7.24 -0.40 8.05
CA LYS A 95 -7.81 -1.51 8.78
C LYS A 95 -7.01 -1.81 10.05
N ILE A 96 -5.69 -1.83 9.93
CA ILE A 96 -4.81 -2.10 11.07
C ILE A 96 -4.92 -1.01 12.12
N LEU A 97 -4.88 0.24 11.69
CA LEU A 97 -4.96 1.36 12.61
C LEU A 97 -6.27 1.34 13.38
N LYS A 98 -7.38 1.22 12.66
CA LYS A 98 -8.70 1.30 13.27
C LYS A 98 -9.03 0.06 14.08
N LYS A 99 -8.47 -1.09 13.73
CA LYS A 99 -8.75 -2.31 14.46
C LYS A 99 -8.09 -2.27 15.84
N ARG A 100 -6.96 -1.56 15.94
CA ARG A 100 -6.34 -1.33 17.23
C ARG A 100 -7.08 -0.23 17.98
N GLY A 101 -7.42 0.83 17.24
CA GLY A 101 -8.10 1.96 17.84
C GLY A 101 -7.36 3.27 17.60
N THR A 102 -6.61 3.32 16.51
CA THR A 102 -5.84 4.50 16.16
C THR A 102 -6.60 5.36 15.14
N LYS A 103 -6.57 6.66 15.32
CA LYS A 103 -7.25 7.59 14.42
C LYS A 103 -6.27 8.16 13.40
N LEU A 104 -6.80 8.74 12.33
CA LEU A 104 -5.96 9.24 11.26
C LEU A 104 -5.56 10.70 11.50
N GLU A 105 -6.32 11.38 12.33
CA GLU A 105 -6.08 12.78 12.63
C GLU A 105 -5.36 12.94 13.96
N HIS A 106 -4.22 13.62 13.93
CA HIS A 106 -3.46 13.86 15.15
C HIS A 106 -4.01 15.09 15.86
N HIS A 107 -5.06 14.89 16.65
CA HIS A 107 -5.68 15.99 17.37
C HIS A 107 -5.10 16.12 18.77
N HIS A 108 -4.62 17.32 19.08
CA HIS A 108 -4.16 17.62 20.42
C HIS A 108 -5.23 18.39 21.16
N HIS A 109 -6.15 18.95 20.38
CA HIS A 109 -7.34 19.61 20.92
C HIS A 109 -8.59 18.84 20.53
N HIS A 110 -9.74 19.38 20.88
CA HIS A 110 -11.00 18.86 20.41
C HIS A 110 -11.55 19.82 19.37
N HIS A 111 -11.99 20.97 19.85
CA HIS A 111 -12.33 22.10 19.00
C HIS A 111 -11.94 23.39 19.71
N MET A 1 17.31 6.93 7.91
CA MET A 1 17.19 5.53 7.42
C MET A 1 16.99 5.51 5.92
N ASN A 2 17.25 4.34 5.32
CA ASN A 2 17.03 4.13 3.90
C ASN A 2 16.20 2.88 3.72
N SER A 3 15.87 2.54 2.48
CA SER A 3 15.11 1.33 2.19
C SER A 3 15.94 0.10 2.57
N GLU A 4 17.26 0.32 2.63
CA GLU A 4 18.20 -0.71 3.02
C GLU A 4 17.90 -1.18 4.45
N VAL A 5 17.50 -0.25 5.30
CA VAL A 5 17.17 -0.55 6.69
C VAL A 5 15.97 -1.48 6.75
N ILE A 6 15.04 -1.28 5.82
CA ILE A 6 13.86 -2.12 5.72
C ILE A 6 14.24 -3.53 5.31
N LYS A 7 15.20 -3.62 4.38
CA LYS A 7 15.71 -4.91 3.92
C LYS A 7 16.29 -5.69 5.10
N GLU A 8 17.06 -5.00 5.93
CA GLU A 8 17.68 -5.62 7.11
C GLU A 8 16.60 -6.15 8.05
N PHE A 9 15.56 -5.35 8.27
CA PHE A 9 14.46 -5.72 9.15
C PHE A 9 13.77 -6.97 8.63
N LEU A 10 13.46 -6.96 7.33
CA LEU A 10 12.79 -8.09 6.69
C LEU A 10 13.68 -9.34 6.74
N GLU A 11 14.98 -9.14 6.57
CA GLU A 11 15.94 -10.23 6.62
C GLU A 11 15.89 -10.92 7.99
N ASP A 12 15.97 -10.11 9.05
CA ASP A 12 16.03 -10.64 10.41
C ASP A 12 14.72 -11.31 10.82
N ILE A 13 13.59 -10.73 10.41
CA ILE A 13 12.30 -11.30 10.77
C ILE A 13 11.92 -12.45 9.85
N GLY A 14 12.64 -12.58 8.73
CA GLY A 14 12.40 -13.68 7.82
C GLY A 14 11.21 -13.44 6.91
N GLU A 15 11.14 -12.24 6.34
CA GLU A 15 10.07 -11.90 5.41
C GLU A 15 10.64 -11.54 4.04
N ASP A 16 9.77 -11.50 3.05
CA ASP A 16 10.16 -11.15 1.68
C ASP A 16 9.46 -9.87 1.25
N TYR A 17 9.99 -9.24 0.23
CA TYR A 17 9.40 -8.00 -0.29
C TYR A 17 9.23 -8.07 -1.80
N ILE A 18 8.19 -7.45 -2.31
CA ILE A 18 7.95 -7.41 -3.74
C ILE A 18 8.60 -6.18 -4.34
N GLU A 19 9.80 -6.35 -4.87
CA GLU A 19 10.56 -5.24 -5.42
C GLU A 19 10.39 -5.20 -6.94
N LEU A 20 9.64 -4.22 -7.40
CA LEU A 20 9.34 -4.10 -8.82
C LEU A 20 9.93 -2.81 -9.38
N GLU A 21 11.19 -2.89 -9.79
CA GLU A 21 11.89 -1.78 -10.43
C GLU A 21 11.93 -0.56 -9.51
N ASN A 22 12.56 -0.74 -8.35
CA ASN A 22 12.75 0.33 -7.36
C ASN A 22 11.46 0.64 -6.61
N GLU A 23 10.48 -0.25 -6.75
CA GLU A 23 9.28 -0.19 -5.94
C GLU A 23 9.25 -1.35 -4.97
N ILE A 24 9.35 -1.05 -3.69
CA ILE A 24 9.26 -2.09 -2.68
C ILE A 24 7.85 -2.18 -2.15
N HIS A 25 7.08 -3.11 -2.69
CA HIS A 25 5.72 -3.33 -2.24
C HIS A 25 5.70 -4.26 -1.05
N LEU A 26 5.42 -3.71 0.12
CA LEU A 26 5.49 -4.46 1.35
C LEU A 26 4.12 -5.00 1.74
N LYS A 27 4.12 -5.95 2.65
CA LYS A 27 2.90 -6.54 3.15
C LYS A 27 2.31 -5.64 4.23
N PRO A 28 1.00 -5.33 4.16
CA PRO A 28 0.34 -4.43 5.11
C PRO A 28 0.63 -4.76 6.57
N GLU A 29 0.66 -6.05 6.88
CA GLU A 29 0.94 -6.52 8.23
C GLU A 29 2.33 -6.07 8.69
N VAL A 30 3.32 -6.27 7.83
CA VAL A 30 4.70 -5.93 8.16
C VAL A 30 4.93 -4.42 8.07
N PHE A 31 4.34 -3.80 7.05
CA PHE A 31 4.48 -2.37 6.83
C PHE A 31 3.99 -1.58 8.03
N TYR A 32 2.91 -2.07 8.65
CA TYR A 32 2.36 -1.46 9.85
C TYR A 32 3.43 -1.27 10.93
N GLU A 33 4.31 -2.27 11.05
CA GLU A 33 5.36 -2.22 12.06
C GLU A 33 6.56 -1.42 11.57
N VAL A 34 6.91 -1.59 10.29
CA VAL A 34 8.03 -0.87 9.70
C VAL A 34 7.79 0.64 9.73
N TRP A 35 6.54 1.03 9.51
CA TRP A 35 6.16 2.44 9.50
C TRP A 35 6.63 3.14 10.77
N LYS A 36 6.17 2.67 11.92
CA LYS A 36 6.55 3.27 13.20
C LYS A 36 7.99 2.92 13.57
N TYR A 37 8.50 1.85 12.99
CA TYR A 37 9.88 1.41 13.23
C TYR A 37 10.87 2.46 12.73
N VAL A 38 10.49 3.20 11.70
CA VAL A 38 11.35 4.22 11.13
C VAL A 38 10.93 5.62 11.57
N GLY A 39 10.03 5.69 12.55
CA GLY A 39 9.61 6.97 13.08
C GLY A 39 8.32 7.47 12.46
N GLU A 40 7.68 6.59 11.68
CA GLU A 40 6.43 6.87 10.97
C GLU A 40 6.41 8.23 10.27
N PRO A 41 6.91 8.27 9.02
CA PRO A 41 6.88 9.48 8.21
C PRO A 41 5.49 9.73 7.64
N GLU A 42 5.26 10.93 7.14
CA GLU A 42 3.99 11.27 6.52
C GLU A 42 3.75 10.41 5.29
N LEU A 43 2.54 9.94 5.14
CA LEU A 43 2.20 9.01 4.08
C LEU A 43 1.81 9.73 2.81
N LYS A 44 2.18 9.16 1.68
CA LYS A 44 1.82 9.71 0.38
C LYS A 44 0.99 8.68 -0.37
N THR A 45 -0.23 9.04 -0.69
CA THR A 45 -1.17 8.11 -1.29
C THR A 45 -1.41 8.41 -2.75
N TYR A 46 -1.44 7.37 -3.58
CA TYR A 46 -1.73 7.51 -4.99
C TYR A 46 -2.96 6.70 -5.35
N VAL A 47 -3.79 7.25 -6.20
CA VAL A 47 -5.00 6.57 -6.63
C VAL A 47 -4.82 6.03 -8.05
N ILE A 48 -4.88 4.71 -8.18
CA ILE A 48 -4.77 4.07 -9.47
C ILE A 48 -6.15 3.74 -10.01
N GLU A 49 -6.43 4.27 -11.19
CA GLU A 49 -7.73 4.11 -11.83
C GLU A 49 -7.73 2.86 -12.71
N ASP A 50 -8.18 1.74 -12.17
CA ASP A 50 -8.20 0.49 -12.91
C ASP A 50 -9.61 0.19 -13.41
N GLU A 51 -9.74 -0.05 -14.70
CA GLU A 51 -11.03 -0.37 -15.28
C GLU A 51 -11.14 -1.87 -15.52
N ILE A 52 -11.96 -2.52 -14.70
CA ILE A 52 -12.13 -3.96 -14.79
C ILE A 52 -13.07 -4.32 -15.93
N VAL A 53 -12.71 -5.36 -16.67
CA VAL A 53 -13.57 -5.85 -17.73
C VAL A 53 -14.29 -7.12 -17.27
N GLU A 54 -15.60 -7.02 -17.14
CA GLU A 54 -16.40 -8.15 -16.70
C GLU A 54 -16.79 -9.00 -17.90
N PRO A 55 -16.30 -10.24 -17.96
CA PRO A 55 -16.49 -11.13 -19.10
C PRO A 55 -17.95 -11.52 -19.31
N GLY A 56 -18.28 -11.83 -20.55
CA GLY A 56 -19.61 -12.26 -20.91
C GLY A 56 -19.56 -13.47 -21.81
N GLU A 57 -18.70 -14.41 -21.44
CA GLU A 57 -18.38 -15.57 -22.26
C GLU A 57 -19.62 -16.41 -22.59
N TYR A 58 -20.60 -16.40 -21.69
CA TYR A 58 -21.85 -17.13 -21.92
C TYR A 58 -22.68 -16.44 -23.00
N ASP A 59 -22.30 -15.21 -23.31
CA ASP A 59 -23.02 -14.35 -24.24
C ASP A 59 -24.43 -14.11 -23.73
N PRO A 60 -24.58 -13.15 -22.79
CA PRO A 60 -25.87 -12.85 -22.16
C PRO A 60 -26.82 -12.13 -23.10
N PRO A 61 -28.14 -12.32 -22.90
CA PRO A 61 -29.17 -11.61 -23.66
C PRO A 61 -29.21 -10.13 -23.30
N GLU A 62 -28.51 -9.78 -22.25
CA GLU A 62 -28.36 -8.39 -21.83
C GLU A 62 -27.58 -7.61 -22.87
N MET A 63 -27.87 -6.33 -23.00
CA MET A 63 -27.13 -5.48 -23.92
C MET A 63 -25.65 -5.46 -23.57
N LYS A 64 -24.85 -5.88 -24.52
CA LYS A 64 -23.42 -6.03 -24.33
C LYS A 64 -22.75 -4.67 -24.32
N TYR A 65 -22.37 -4.22 -23.14
CA TYR A 65 -21.76 -2.91 -22.97
C TYR A 65 -20.30 -2.92 -23.37
N THR A 66 -19.91 -1.95 -24.17
CA THR A 66 -18.54 -1.81 -24.60
C THR A 66 -17.73 -0.99 -23.62
N ASN A 67 -18.41 -0.25 -22.75
CA ASN A 67 -17.76 0.52 -21.71
C ASN A 67 -17.63 -0.30 -20.44
N VAL A 68 -16.48 -0.20 -19.78
CA VAL A 68 -16.22 -0.95 -18.57
C VAL A 68 -16.39 -0.08 -17.33
N LYS A 69 -16.22 -0.69 -16.16
CA LYS A 69 -16.43 0.01 -14.90
C LYS A 69 -15.09 0.17 -14.16
N LYS A 70 -14.90 1.34 -13.58
CA LYS A 70 -13.65 1.65 -12.89
C LYS A 70 -13.70 1.20 -11.44
N VAL A 71 -12.60 0.62 -10.99
CA VAL A 71 -12.40 0.31 -9.58
C VAL A 71 -11.33 1.22 -9.03
N LYS A 72 -11.76 2.26 -8.34
CA LYS A 72 -10.85 3.28 -7.82
C LYS A 72 -10.11 2.74 -6.61
N ILE A 73 -8.87 2.32 -6.80
CA ILE A 73 -8.10 1.75 -5.71
C ILE A 73 -6.99 2.69 -5.28
N LYS A 74 -6.97 2.99 -4.00
CA LYS A 74 -6.00 3.93 -3.44
C LYS A 74 -4.96 3.17 -2.63
N LYS A 75 -3.70 3.47 -2.87
CA LYS A 75 -2.61 2.83 -2.14
C LYS A 75 -1.65 3.89 -1.61
N VAL A 76 -0.78 3.49 -0.68
CA VAL A 76 0.11 4.44 -0.03
C VAL A 76 1.57 4.05 -0.22
N TYR A 77 2.43 5.05 -0.34
CA TYR A 77 3.86 4.82 -0.50
C TYR A 77 4.66 5.92 0.19
N PHE A 78 5.95 5.66 0.39
CA PHE A 78 6.87 6.70 0.82
C PHE A 78 8.20 6.51 0.11
N GLU A 79 8.89 7.61 -0.15
CA GLU A 79 10.14 7.56 -0.89
C GLU A 79 11.32 7.67 0.04
N THR A 80 12.26 6.75 -0.09
CA THR A 80 13.47 6.80 0.71
C THR A 80 14.52 7.64 -0.01
N LEU A 81 15.70 7.76 0.59
CA LEU A 81 16.80 8.50 -0.03
C LEU A 81 17.33 7.75 -1.24
N ASP A 82 17.02 6.46 -1.31
CA ASP A 82 17.45 5.60 -2.41
C ASP A 82 16.69 5.96 -3.68
N ASN A 83 15.62 6.74 -3.53
CA ASN A 83 14.66 7.05 -4.60
C ASN A 83 13.73 5.85 -4.80
N VAL A 84 13.81 4.91 -3.88
CA VAL A 84 12.98 3.73 -3.91
C VAL A 84 11.60 4.03 -3.31
N ARG A 85 10.57 3.68 -4.05
CA ARG A 85 9.20 3.91 -3.62
C ARG A 85 8.67 2.69 -2.89
N VAL A 86 8.58 2.79 -1.58
CA VAL A 86 8.02 1.71 -0.77
C VAL A 86 6.51 1.83 -0.74
N VAL A 87 5.84 0.93 -1.47
CA VAL A 87 4.40 1.01 -1.64
C VAL A 87 3.71 -0.10 -0.86
N THR A 88 2.56 0.23 -0.28
CA THR A 88 1.75 -0.74 0.43
C THR A 88 0.27 -0.42 0.24
N ASP A 89 -0.57 -1.44 0.27
CA ASP A 89 -2.01 -1.27 0.11
C ASP A 89 -2.59 -0.41 1.23
N TYR A 90 -3.29 0.65 0.85
CA TYR A 90 -3.84 1.60 1.80
C TYR A 90 -5.00 0.99 2.58
N SER A 91 -5.80 0.18 1.92
CA SER A 91 -6.98 -0.42 2.54
C SER A 91 -6.60 -1.30 3.73
N GLU A 92 -5.75 -2.30 3.49
CA GLU A 92 -5.35 -3.23 4.53
C GLU A 92 -4.49 -2.55 5.60
N PHE A 93 -3.73 -1.53 5.21
CA PHE A 93 -2.92 -0.79 6.17
C PHE A 93 -3.82 -0.01 7.13
N GLN A 94 -4.78 0.73 6.58
CA GLN A 94 -5.73 1.49 7.39
C GLN A 94 -6.63 0.55 8.18
N LYS A 95 -6.78 -0.66 7.67
CA LYS A 95 -7.51 -1.71 8.36
C LYS A 95 -6.88 -2.01 9.71
N ILE A 96 -5.58 -2.20 9.70
CA ILE A 96 -4.83 -2.51 10.92
C ILE A 96 -4.81 -1.32 11.86
N LEU A 97 -4.79 -0.12 11.29
CA LEU A 97 -4.82 1.11 12.08
C LEU A 97 -6.15 1.21 12.83
N LYS A 98 -7.25 0.84 12.17
CA LYS A 98 -8.55 0.81 12.82
C LYS A 98 -8.60 -0.33 13.83
N LYS A 99 -7.91 -1.41 13.49
CA LYS A 99 -7.84 -2.59 14.34
C LYS A 99 -7.31 -2.23 15.73
N ARG A 100 -6.11 -1.66 15.78
CA ARG A 100 -5.51 -1.29 17.06
C ARG A 100 -6.17 -0.04 17.64
N GLY A 101 -6.77 0.77 16.77
CA GLY A 101 -7.35 2.02 17.20
C GLY A 101 -6.37 3.16 17.04
N THR A 102 -6.47 3.86 15.92
CA THR A 102 -5.55 4.95 15.61
C THR A 102 -6.32 6.22 15.28
N LYS A 103 -7.42 6.06 14.56
CA LYS A 103 -8.27 7.18 14.20
C LYS A 103 -9.57 7.09 14.99
N LEU A 104 -9.80 8.06 15.85
CA LEU A 104 -10.97 8.05 16.72
C LEU A 104 -12.13 8.78 16.08
N GLU A 105 -13.31 8.55 16.63
CA GLU A 105 -14.54 9.15 16.12
C GLU A 105 -14.61 10.64 16.45
N HIS A 106 -15.51 11.34 15.78
CA HIS A 106 -15.77 12.73 16.07
C HIS A 106 -17.27 12.92 16.28
N HIS A 107 -17.64 13.51 17.42
CA HIS A 107 -19.06 13.73 17.72
C HIS A 107 -19.68 14.62 16.66
N HIS A 108 -18.93 15.63 16.24
CA HIS A 108 -19.32 16.44 15.10
C HIS A 108 -18.49 16.01 13.91
N HIS A 109 -19.16 15.64 12.83
CA HIS A 109 -18.46 15.12 11.64
C HIS A 109 -17.74 16.26 10.93
N HIS A 110 -18.14 17.48 11.23
CA HIS A 110 -17.46 18.66 10.72
C HIS A 110 -17.11 19.57 11.90
N HIS A 111 -15.84 19.95 11.98
CA HIS A 111 -15.39 20.83 13.04
C HIS A 111 -15.50 22.28 12.60
N MET A 1 16.97 7.15 7.14
CA MET A 1 17.42 5.80 6.73
C MET A 1 17.19 5.60 5.24
N ASN A 2 18.04 4.79 4.63
CA ASN A 2 17.86 4.42 3.24
C ASN A 2 17.12 3.09 3.16
N SER A 3 16.79 2.66 1.95
CA SER A 3 16.04 1.44 1.73
C SER A 3 16.81 0.22 2.24
N GLU A 4 18.12 0.36 2.31
CA GLU A 4 18.99 -0.71 2.79
C GLU A 4 18.66 -1.09 4.23
N VAL A 5 18.33 -0.09 5.04
CA VAL A 5 17.99 -0.31 6.45
C VAL A 5 16.66 -1.06 6.55
N ILE A 6 15.76 -0.77 5.63
CA ILE A 6 14.48 -1.47 5.58
C ILE A 6 14.71 -2.95 5.32
N LYS A 7 15.62 -3.24 4.39
CA LYS A 7 16.00 -4.60 4.07
C LYS A 7 16.56 -5.33 5.28
N GLU A 8 17.34 -4.61 6.08
CA GLU A 8 17.92 -5.17 7.31
C GLU A 8 16.83 -5.70 8.23
N PHE A 9 15.81 -4.88 8.46
CA PHE A 9 14.71 -5.25 9.34
C PHE A 9 13.90 -6.41 8.74
N LEU A 10 13.63 -6.33 7.44
CA LEU A 10 12.82 -7.33 6.76
C LEU A 10 13.54 -8.67 6.70
N GLU A 11 14.82 -8.65 6.39
CA GLU A 11 15.61 -9.87 6.29
C GLU A 11 15.81 -10.49 7.68
N ASP A 12 15.90 -9.63 8.69
CA ASP A 12 16.05 -10.08 10.07
C ASP A 12 14.86 -10.91 10.52
N ILE A 13 13.65 -10.41 10.26
CA ILE A 13 12.44 -11.10 10.66
C ILE A 13 12.08 -12.19 9.66
N GLY A 14 12.73 -12.18 8.51
CA GLY A 14 12.48 -13.19 7.50
C GLY A 14 11.26 -12.87 6.66
N GLU A 15 11.06 -11.60 6.36
CA GLU A 15 9.93 -11.17 5.55
C GLU A 15 10.32 -11.13 4.08
N ASP A 16 9.64 -11.94 3.29
CA ASP A 16 9.91 -12.00 1.86
C ASP A 16 8.91 -11.13 1.11
N TYR A 17 9.37 -9.96 0.70
CA TYR A 17 8.51 -8.99 0.06
C TYR A 17 8.63 -9.04 -1.46
N ILE A 18 7.75 -8.32 -2.12
CA ILE A 18 7.78 -8.23 -3.58
C ILE A 18 8.56 -7.00 -4.01
N GLU A 19 9.82 -7.22 -4.40
CA GLU A 19 10.67 -6.13 -4.85
C GLU A 19 10.53 -5.94 -6.36
N LEU A 20 10.42 -4.70 -6.76
CA LEU A 20 10.37 -4.35 -8.17
C LEU A 20 11.32 -3.19 -8.41
N GLU A 21 11.46 -2.77 -9.66
CA GLU A 21 12.36 -1.68 -10.00
C GLU A 21 11.94 -0.39 -9.30
N ASN A 22 12.66 -0.05 -8.23
CA ASN A 22 12.41 1.15 -7.43
C ASN A 22 11.13 1.03 -6.60
N GLU A 23 10.64 -0.19 -6.44
CA GLU A 23 9.43 -0.42 -5.63
C GLU A 23 9.64 -1.57 -4.66
N ILE A 24 9.22 -1.36 -3.43
CA ILE A 24 9.19 -2.41 -2.43
C ILE A 24 7.74 -2.61 -1.98
N HIS A 25 7.13 -3.71 -2.40
CA HIS A 25 5.74 -3.97 -2.06
C HIS A 25 5.66 -4.83 -0.81
N LEU A 26 5.20 -4.22 0.27
CA LEU A 26 5.10 -4.91 1.55
C LEU A 26 3.65 -5.14 1.92
N LYS A 27 3.40 -6.21 2.67
CA LYS A 27 2.08 -6.45 3.25
C LYS A 27 1.76 -5.34 4.23
N PRO A 28 0.55 -4.79 4.20
CA PRO A 28 0.14 -3.67 5.07
C PRO A 28 0.38 -3.99 6.55
N GLU A 29 0.31 -5.27 6.87
CA GLU A 29 0.56 -5.77 8.22
C GLU A 29 1.99 -5.45 8.65
N VAL A 30 2.96 -5.91 7.85
CA VAL A 30 4.36 -5.68 8.12
C VAL A 30 4.71 -4.20 7.95
N PHE A 31 4.10 -3.60 6.93
CA PHE A 31 4.31 -2.19 6.60
C PHE A 31 4.12 -1.30 7.83
N TYR A 32 3.04 -1.53 8.56
CA TYR A 32 2.73 -0.75 9.76
C TYR A 32 3.84 -0.87 10.79
N GLU A 33 4.33 -2.08 10.99
CA GLU A 33 5.32 -2.34 12.03
C GLU A 33 6.72 -1.89 11.61
N VAL A 34 6.87 -1.49 10.35
CA VAL A 34 8.09 -0.85 9.88
C VAL A 34 7.95 0.66 9.98
N TRP A 35 6.77 1.15 9.57
CA TRP A 35 6.42 2.56 9.64
C TRP A 35 6.58 3.10 11.06
N LYS A 36 5.96 2.42 12.01
CA LYS A 36 5.98 2.85 13.40
C LYS A 36 7.31 2.49 14.07
N TYR A 37 8.06 1.61 13.43
CA TYR A 37 9.36 1.17 13.95
C TYR A 37 10.39 2.28 13.85
N VAL A 38 10.43 2.95 12.71
CA VAL A 38 11.40 4.00 12.49
C VAL A 38 10.82 5.37 12.83
N GLY A 39 9.56 5.40 13.20
CA GLY A 39 8.92 6.63 13.60
C GLY A 39 7.54 6.78 13.01
N GLU A 40 7.48 7.29 11.78
CA GLU A 40 6.23 7.60 11.10
C GLU A 40 6.48 8.38 9.81
N PRO A 41 7.23 7.79 8.85
CA PRO A 41 7.47 8.43 7.55
C PRO A 41 6.18 8.92 6.91
N GLU A 42 6.17 10.19 6.50
CA GLU A 42 4.98 10.79 5.92
C GLU A 42 4.57 10.06 4.66
N LEU A 43 3.41 9.44 4.71
CA LEU A 43 2.95 8.54 3.66
C LEU A 43 2.35 9.29 2.48
N LYS A 44 2.86 9.02 1.30
CA LYS A 44 2.33 9.58 0.06
C LYS A 44 1.29 8.63 -0.51
N THR A 45 0.19 9.17 -1.01
CA THR A 45 -0.86 8.34 -1.57
C THR A 45 -1.05 8.66 -3.05
N TYR A 46 -1.39 7.67 -3.85
CA TYR A 46 -1.69 7.89 -5.24
C TYR A 46 -2.97 7.16 -5.63
N VAL A 47 -3.75 7.78 -6.50
CA VAL A 47 -5.01 7.21 -6.93
C VAL A 47 -4.83 6.44 -8.22
N ILE A 48 -4.95 5.13 -8.13
CA ILE A 48 -4.84 4.28 -9.30
C ILE A 48 -6.13 3.51 -9.53
N GLU A 49 -6.84 3.86 -10.59
CA GLU A 49 -8.05 3.15 -10.95
C GLU A 49 -7.68 1.84 -11.60
N ASP A 50 -8.19 0.75 -11.06
CA ASP A 50 -7.87 -0.57 -11.55
C ASP A 50 -8.89 -0.98 -12.59
N GLU A 51 -8.41 -1.22 -13.80
CA GLU A 51 -9.28 -1.50 -14.93
C GLU A 51 -9.27 -2.97 -15.26
N ILE A 52 -10.45 -3.57 -15.29
CA ILE A 52 -10.63 -4.98 -15.62
C ILE A 52 -10.06 -5.86 -14.51
N VAL A 53 -10.94 -6.26 -13.59
CA VAL A 53 -10.54 -7.13 -12.51
C VAL A 53 -10.75 -8.59 -12.94
N GLU A 54 -9.80 -9.44 -12.60
CA GLU A 54 -9.83 -10.83 -13.05
C GLU A 54 -10.62 -11.71 -12.08
N PRO A 55 -11.79 -12.20 -12.53
CA PRO A 55 -12.61 -13.11 -11.77
C PRO A 55 -12.30 -14.58 -12.07
N GLY A 56 -12.41 -15.42 -11.06
CA GLY A 56 -12.16 -16.83 -11.25
C GLY A 56 -13.21 -17.67 -10.56
N GLU A 57 -14.18 -17.00 -9.94
CA GLU A 57 -15.24 -17.69 -9.21
C GLU A 57 -16.34 -18.13 -10.17
N TYR A 58 -16.71 -17.24 -11.09
CA TYR A 58 -17.77 -17.52 -12.04
C TYR A 58 -17.30 -17.21 -13.47
N ASP A 59 -18.13 -17.52 -14.45
CA ASP A 59 -17.83 -17.24 -15.85
C ASP A 59 -19.06 -16.70 -16.55
N PRO A 60 -18.86 -15.84 -17.57
CA PRO A 60 -19.97 -15.29 -18.34
C PRO A 60 -20.54 -16.29 -19.34
N PRO A 61 -21.87 -16.34 -19.48
CA PRO A 61 -22.55 -17.26 -20.41
C PRO A 61 -21.96 -17.20 -21.80
N GLU A 62 -21.78 -16.00 -22.31
CA GLU A 62 -21.11 -15.80 -23.58
C GLU A 62 -19.74 -15.19 -23.34
N MET A 63 -18.71 -15.92 -23.74
CA MET A 63 -17.32 -15.49 -23.53
C MET A 63 -16.95 -14.35 -24.48
N LYS A 64 -17.96 -13.81 -25.15
CA LYS A 64 -17.77 -12.73 -26.10
C LYS A 64 -17.79 -11.38 -25.38
N TYR A 65 -18.26 -11.41 -24.13
CA TYR A 65 -18.41 -10.18 -23.36
C TYR A 65 -17.44 -10.17 -22.19
N THR A 66 -17.00 -8.98 -21.83
CA THR A 66 -16.12 -8.79 -20.68
C THR A 66 -16.52 -7.54 -19.92
N ASN A 67 -17.12 -7.74 -18.75
CA ASN A 67 -17.54 -6.61 -17.91
C ASN A 67 -16.34 -5.81 -17.44
N VAL A 68 -16.25 -4.57 -17.92
CA VAL A 68 -15.15 -3.71 -17.58
C VAL A 68 -15.39 -3.03 -16.24
N LYS A 69 -14.69 -3.49 -15.22
CA LYS A 69 -14.76 -2.87 -13.91
C LYS A 69 -13.61 -1.89 -13.74
N LYS A 70 -13.92 -0.67 -13.36
CA LYS A 70 -12.90 0.34 -13.12
C LYS A 70 -13.09 0.94 -11.73
N VAL A 71 -12.27 0.50 -10.80
CA VAL A 71 -12.42 0.91 -9.41
C VAL A 71 -11.27 1.84 -9.00
N LYS A 72 -11.63 2.96 -8.37
CA LYS A 72 -10.64 3.91 -7.87
C LYS A 72 -9.94 3.35 -6.62
N ILE A 73 -8.74 2.83 -6.81
CA ILE A 73 -7.98 2.27 -5.70
C ILE A 73 -6.94 3.26 -5.21
N LYS A 74 -7.06 3.64 -3.96
CA LYS A 74 -6.09 4.53 -3.33
C LYS A 74 -5.03 3.69 -2.63
N LYS A 75 -3.78 3.84 -3.06
CA LYS A 75 -2.68 3.10 -2.44
C LYS A 75 -1.68 4.07 -1.84
N VAL A 76 -0.87 3.58 -0.91
CA VAL A 76 0.00 4.45 -0.12
C VAL A 76 1.42 3.91 -0.10
N TYR A 77 2.39 4.82 -0.04
CA TYR A 77 3.80 4.44 -0.02
C TYR A 77 4.63 5.52 0.66
N PHE A 78 5.79 5.13 1.18
CA PHE A 78 6.75 6.12 1.63
C PHE A 78 8.01 6.02 0.78
N GLU A 79 8.57 7.17 0.44
CA GLU A 79 9.64 7.23 -0.53
C GLU A 79 10.97 7.56 0.15
N THR A 80 11.97 6.74 -0.11
CA THR A 80 13.26 6.87 0.56
C THR A 80 14.20 7.80 -0.21
N LEU A 81 15.40 7.98 0.32
CA LEU A 81 16.42 8.80 -0.32
C LEU A 81 16.94 8.13 -1.58
N ASP A 82 16.79 6.82 -1.64
CA ASP A 82 17.23 6.04 -2.80
C ASP A 82 16.26 6.23 -3.96
N ASN A 83 15.12 6.87 -3.68
CA ASN A 83 14.01 6.99 -4.62
C ASN A 83 13.36 5.63 -4.84
N VAL A 84 13.44 4.80 -3.81
CA VAL A 84 12.76 3.52 -3.81
C VAL A 84 11.46 3.66 -3.01
N ARG A 85 10.36 3.29 -3.63
CA ARG A 85 9.06 3.51 -3.03
C ARG A 85 8.51 2.24 -2.40
N VAL A 86 8.37 2.26 -1.09
CA VAL A 86 7.77 1.16 -0.37
C VAL A 86 6.27 1.29 -0.40
N VAL A 87 5.64 0.55 -1.30
CA VAL A 87 4.23 0.69 -1.59
C VAL A 87 3.41 -0.42 -0.93
N THR A 88 2.27 -0.04 -0.40
CA THR A 88 1.33 -0.99 0.15
C THR A 88 -0.09 -0.52 -0.14
N ASP A 89 -1.09 -1.25 0.32
CA ASP A 89 -2.47 -0.90 0.02
C ASP A 89 -3.05 -0.03 1.12
N TYR A 90 -3.52 1.16 0.75
CA TYR A 90 -4.05 2.13 1.70
C TYR A 90 -5.36 1.64 2.32
N SER A 91 -6.16 0.95 1.53
CA SER A 91 -7.45 0.46 1.99
C SER A 91 -7.25 -0.57 3.10
N GLU A 92 -6.39 -1.54 2.84
CA GLU A 92 -6.07 -2.56 3.83
C GLU A 92 -5.34 -1.95 5.03
N PHE A 93 -4.46 -1.00 4.76
CA PHE A 93 -3.69 -0.34 5.81
C PHE A 93 -4.63 0.39 6.78
N GLN A 94 -5.59 1.12 6.23
CA GLN A 94 -6.57 1.84 7.04
C GLN A 94 -7.35 0.87 7.94
N LYS A 95 -7.68 -0.29 7.38
CA LYS A 95 -8.38 -1.33 8.13
C LYS A 95 -7.52 -1.84 9.29
N ILE A 96 -6.24 -2.04 9.04
CA ILE A 96 -5.32 -2.51 10.06
C ILE A 96 -5.10 -1.43 11.12
N LEU A 97 -5.12 -0.17 10.70
CA LEU A 97 -5.03 0.94 11.64
C LEU A 97 -6.16 0.87 12.66
N LYS A 98 -7.33 0.46 12.19
CA LYS A 98 -8.49 0.30 13.07
C LYS A 98 -8.33 -0.94 13.93
N LYS A 99 -7.71 -1.97 13.37
CA LYS A 99 -7.42 -3.21 14.11
C LYS A 99 -6.46 -2.93 15.26
N ARG A 100 -5.40 -2.21 14.96
CA ARG A 100 -4.40 -1.85 15.97
C ARG A 100 -4.96 -0.80 16.91
N GLY A 101 -5.97 -0.07 16.46
CA GLY A 101 -6.60 0.94 17.28
C GLY A 101 -5.78 2.22 17.33
N THR A 102 -5.13 2.54 16.23
CA THR A 102 -4.30 3.73 16.17
C THR A 102 -5.15 4.95 15.77
N LYS A 103 -6.08 5.30 16.65
CA LYS A 103 -6.93 6.48 16.47
C LYS A 103 -7.85 6.63 17.67
N LEU A 104 -8.09 7.86 18.08
CA LEU A 104 -9.04 8.15 19.14
C LEU A 104 -10.43 8.35 18.55
N GLU A 105 -11.46 8.03 19.32
CA GLU A 105 -12.84 8.22 18.88
C GLU A 105 -13.22 9.69 18.98
N HIS A 106 -12.97 10.27 20.14
CA HIS A 106 -13.30 11.65 20.42
C HIS A 106 -12.11 12.54 20.09
N HIS A 107 -12.26 13.84 20.33
CA HIS A 107 -11.19 14.78 20.01
C HIS A 107 -10.96 15.77 21.14
N HIS A 108 -11.99 16.02 21.95
CA HIS A 108 -11.85 16.92 23.09
C HIS A 108 -11.47 16.10 24.32
N HIS A 109 -11.55 14.79 24.18
CA HIS A 109 -11.15 13.84 25.20
C HIS A 109 -10.27 12.78 24.57
N HIS A 110 -9.22 12.37 25.25
CA HIS A 110 -8.34 11.33 24.72
C HIS A 110 -8.97 9.94 24.88
N HIS A 111 -9.89 9.65 23.98
CA HIS A 111 -10.54 8.36 23.92
C HIS A 111 -11.07 8.14 22.52
N MET A 1 17.17 7.20 6.81
CA MET A 1 17.34 5.76 6.57
C MET A 1 17.22 5.44 5.09
N ASN A 2 18.00 4.49 4.64
CA ASN A 2 17.92 4.02 3.26
C ASN A 2 16.99 2.80 3.17
N SER A 3 16.70 2.40 1.94
CA SER A 3 15.93 1.19 1.70
C SER A 3 16.68 -0.02 2.24
N GLU A 4 18.01 0.09 2.24
CA GLU A 4 18.89 -0.93 2.80
C GLU A 4 18.49 -1.27 4.23
N VAL A 5 18.19 -0.23 5.00
CA VAL A 5 17.81 -0.39 6.40
C VAL A 5 16.51 -1.19 6.53
N ILE A 6 15.59 -0.94 5.60
CA ILE A 6 14.31 -1.63 5.59
C ILE A 6 14.52 -3.11 5.26
N LYS A 7 15.36 -3.37 4.26
CA LYS A 7 15.63 -4.73 3.83
C LYS A 7 16.32 -5.52 4.94
N GLU A 8 17.18 -4.83 5.70
CA GLU A 8 17.82 -5.43 6.87
C GLU A 8 16.79 -5.97 7.84
N PHE A 9 15.80 -5.14 8.17
CA PHE A 9 14.73 -5.53 9.08
C PHE A 9 13.95 -6.73 8.53
N LEU A 10 13.66 -6.71 7.24
CA LEU A 10 12.89 -7.75 6.59
C LEU A 10 13.62 -9.09 6.65
N GLU A 11 14.88 -9.10 6.30
CA GLU A 11 15.68 -10.32 6.29
C GLU A 11 16.03 -10.73 7.71
N ASP A 12 15.96 -9.79 8.64
CA ASP A 12 16.23 -10.07 10.05
C ASP A 12 15.09 -10.87 10.66
N ILE A 13 13.85 -10.46 10.37
CA ILE A 13 12.68 -11.19 10.87
C ILE A 13 12.50 -12.49 10.10
N GLY A 14 13.15 -12.57 8.94
CA GLY A 14 13.16 -13.81 8.19
C GLY A 14 12.00 -13.94 7.23
N GLU A 15 11.52 -12.80 6.74
CA GLU A 15 10.44 -12.80 5.78
C GLU A 15 10.95 -12.26 4.45
N ASP A 16 10.17 -12.40 3.40
CA ASP A 16 10.62 -12.01 2.07
C ASP A 16 9.81 -10.82 1.55
N TYR A 17 10.41 -10.08 0.65
CA TYR A 17 9.83 -8.83 0.16
C TYR A 17 9.73 -8.83 -1.36
N ILE A 18 8.71 -8.16 -1.88
CA ILE A 18 8.54 -8.05 -3.32
C ILE A 18 9.27 -6.81 -3.82
N GLU A 19 10.51 -7.01 -4.26
CA GLU A 19 11.34 -5.90 -4.70
C GLU A 19 11.33 -5.77 -6.21
N LEU A 20 10.81 -4.64 -6.67
CA LEU A 20 10.89 -4.27 -8.07
C LEU A 20 11.82 -3.08 -8.21
N GLU A 21 11.96 -2.54 -9.40
CA GLU A 21 12.83 -1.39 -9.59
C GLU A 21 12.18 -0.15 -8.98
N ASN A 22 12.76 0.32 -7.88
CA ASN A 22 12.29 1.51 -7.17
C ASN A 22 10.92 1.29 -6.55
N GLU A 23 10.50 0.03 -6.45
CA GLU A 23 9.21 -0.31 -5.87
C GLU A 23 9.32 -1.52 -4.98
N ILE A 24 9.11 -1.34 -3.69
CA ILE A 24 9.03 -2.45 -2.77
C ILE A 24 7.61 -2.60 -2.28
N HIS A 25 6.96 -3.67 -2.68
CA HIS A 25 5.58 -3.92 -2.28
C HIS A 25 5.55 -4.87 -1.11
N LEU A 26 5.04 -4.39 0.02
CA LEU A 26 5.03 -5.17 1.24
C LEU A 26 3.61 -5.49 1.67
N LYS A 27 3.51 -6.32 2.70
CA LYS A 27 2.22 -6.70 3.26
C LYS A 27 1.78 -5.64 4.27
N PRO A 28 0.46 -5.45 4.42
CA PRO A 28 -0.10 -4.45 5.35
C PRO A 28 0.48 -4.58 6.76
N GLU A 29 0.62 -5.81 7.23
CA GLU A 29 1.15 -6.06 8.58
C GLU A 29 2.59 -5.61 8.67
N VAL A 30 3.38 -5.96 7.65
CA VAL A 30 4.79 -5.60 7.61
C VAL A 30 4.94 -4.08 7.52
N PHE A 31 4.14 -3.48 6.65
CA PHE A 31 4.17 -2.05 6.42
C PHE A 31 3.90 -1.28 7.71
N TYR A 32 2.96 -1.78 8.50
CA TYR A 32 2.61 -1.16 9.78
C TYR A 32 3.82 -1.05 10.69
N GLU A 33 4.62 -2.11 10.75
CA GLU A 33 5.78 -2.14 11.62
C GLU A 33 6.92 -1.29 11.04
N VAL A 34 7.12 -1.38 9.73
CA VAL A 34 8.16 -0.61 9.06
C VAL A 34 7.84 0.88 9.14
N TRP A 35 6.55 1.21 9.13
CA TRP A 35 6.10 2.59 9.23
C TRP A 35 6.71 3.28 10.44
N LYS A 36 6.59 2.68 11.61
CA LYS A 36 7.14 3.25 12.82
C LYS A 36 8.66 3.06 12.88
N TYR A 37 9.14 2.02 12.20
CA TYR A 37 10.57 1.72 12.16
C TYR A 37 11.35 2.81 11.41
N VAL A 38 10.72 3.38 10.40
CA VAL A 38 11.36 4.43 9.60
C VAL A 38 11.08 5.82 10.18
N GLY A 39 10.51 5.86 11.38
CA GLY A 39 10.31 7.11 12.08
C GLY A 39 8.89 7.66 11.97
N GLU A 40 7.97 6.81 11.54
CA GLU A 40 6.55 7.17 11.42
C GLU A 40 6.37 8.49 10.68
N PRO A 41 6.58 8.48 9.35
CA PRO A 41 6.44 9.67 8.53
C PRO A 41 5.04 9.83 7.98
N GLU A 42 4.73 11.03 7.50
CA GLU A 42 3.47 11.28 6.81
C GLU A 42 3.52 10.60 5.45
N LEU A 43 2.78 9.52 5.34
CA LEU A 43 2.82 8.65 4.16
C LEU A 43 2.14 9.29 2.96
N LYS A 44 2.67 9.02 1.78
CA LYS A 44 2.09 9.48 0.54
C LYS A 44 1.05 8.49 0.05
N THR A 45 -0.07 9.00 -0.43
CA THR A 45 -1.10 8.15 -0.99
C THR A 45 -1.48 8.63 -2.38
N TYR A 46 -1.54 7.72 -3.33
CA TYR A 46 -1.86 8.06 -4.70
C TYR A 46 -3.13 7.33 -5.12
N VAL A 47 -3.93 7.99 -5.94
CA VAL A 47 -5.17 7.40 -6.42
C VAL A 47 -4.93 6.72 -7.76
N ILE A 48 -4.88 5.41 -7.73
CA ILE A 48 -4.68 4.63 -8.95
C ILE A 48 -5.98 3.97 -9.37
N GLU A 49 -6.33 4.13 -10.63
CA GLU A 49 -7.53 3.50 -11.15
C GLU A 49 -7.19 2.12 -11.67
N ASP A 50 -7.60 1.11 -10.94
CA ASP A 50 -7.24 -0.25 -11.25
C ASP A 50 -8.32 -0.88 -12.11
N GLU A 51 -7.98 -1.13 -13.36
CA GLU A 51 -8.93 -1.71 -14.30
C GLU A 51 -9.01 -3.21 -14.10
N ILE A 52 -9.96 -3.62 -13.28
CA ILE A 52 -10.07 -5.01 -12.84
C ILE A 52 -10.34 -5.96 -14.01
N VAL A 53 -10.95 -5.44 -15.06
CA VAL A 53 -11.26 -6.26 -16.22
C VAL A 53 -10.68 -5.62 -17.49
N GLU A 54 -9.86 -6.40 -18.20
CA GLU A 54 -9.28 -5.94 -19.45
C GLU A 54 -9.44 -7.01 -20.53
N PRO A 55 -10.41 -6.82 -21.42
CA PRO A 55 -10.64 -7.75 -22.55
C PRO A 55 -9.46 -7.73 -23.53
N GLY A 56 -8.84 -8.90 -23.72
CA GLY A 56 -7.72 -8.98 -24.62
C GLY A 56 -7.80 -10.20 -25.51
N GLU A 57 -8.31 -11.30 -24.95
CA GLU A 57 -8.55 -12.50 -25.73
C GLU A 57 -9.73 -12.25 -26.65
N TYR A 58 -10.87 -12.02 -26.03
CA TYR A 58 -12.07 -11.56 -26.72
C TYR A 58 -12.67 -10.41 -25.94
N ASP A 59 -13.65 -9.74 -26.52
CA ASP A 59 -14.25 -8.59 -25.87
C ASP A 59 -15.76 -8.74 -25.74
N PRO A 60 -16.20 -9.49 -24.71
CA PRO A 60 -17.62 -9.60 -24.36
C PRO A 60 -18.29 -8.26 -24.01
N PRO A 61 -17.64 -7.35 -23.24
CA PRO A 61 -18.23 -6.05 -22.87
C PRO A 61 -18.55 -5.15 -24.07
N GLU A 62 -18.20 -5.60 -25.28
CA GLU A 62 -18.59 -4.88 -26.50
C GLU A 62 -20.11 -4.80 -26.59
N MET A 63 -20.77 -5.77 -25.97
CA MET A 63 -22.23 -5.80 -25.93
C MET A 63 -22.77 -4.64 -25.09
N LYS A 64 -21.90 -4.06 -24.28
CA LYS A 64 -22.27 -2.98 -23.38
C LYS A 64 -21.45 -1.74 -23.68
N TYR A 65 -21.41 -0.81 -22.75
CA TYR A 65 -20.77 0.48 -23.00
C TYR A 65 -19.52 0.65 -22.14
N THR A 66 -19.17 -0.41 -21.42
CA THR A 66 -18.03 -0.36 -20.52
C THR A 66 -17.21 -1.64 -20.61
N ASN A 67 -16.06 -1.55 -21.28
CA ASN A 67 -15.19 -2.71 -21.48
C ASN A 67 -14.30 -2.93 -20.27
N VAL A 68 -13.78 -1.83 -19.74
CA VAL A 68 -12.90 -1.89 -18.58
C VAL A 68 -13.51 -1.12 -17.40
N LYS A 69 -13.29 -1.60 -16.20
CA LYS A 69 -13.82 -0.93 -15.02
C LYS A 69 -12.67 -0.38 -14.17
N LYS A 70 -12.53 0.94 -14.17
CA LYS A 70 -11.50 1.61 -13.41
C LYS A 70 -11.97 1.85 -11.98
N VAL A 71 -11.39 1.12 -11.03
CA VAL A 71 -11.70 1.35 -9.63
C VAL A 71 -10.63 2.24 -8.99
N LYS A 72 -11.06 3.37 -8.45
CA LYS A 72 -10.15 4.33 -7.85
C LYS A 72 -9.68 3.84 -6.49
N ILE A 73 -8.44 3.35 -6.43
CA ILE A 73 -7.86 2.87 -5.19
C ILE A 73 -6.76 3.81 -4.71
N LYS A 74 -6.99 4.41 -3.55
CA LYS A 74 -6.02 5.32 -2.96
C LYS A 74 -5.02 4.53 -2.11
N LYS A 75 -3.91 4.12 -2.73
CA LYS A 75 -2.91 3.28 -2.08
C LYS A 75 -1.83 4.12 -1.42
N VAL A 76 -1.10 3.54 -0.48
CA VAL A 76 -0.14 4.27 0.32
C VAL A 76 1.29 3.79 0.04
N TYR A 77 2.23 4.72 0.07
CA TYR A 77 3.63 4.40 -0.10
C TYR A 77 4.51 5.45 0.56
N PHE A 78 5.78 5.12 0.79
CA PHE A 78 6.76 6.08 1.22
C PHE A 78 8.06 5.85 0.46
N GLU A 79 8.81 6.93 0.25
CA GLU A 79 10.00 6.86 -0.58
C GLU A 79 11.23 7.26 0.22
N THR A 80 12.30 6.51 0.08
CA THR A 80 13.56 6.83 0.75
C THR A 80 14.46 7.64 -0.18
N LEU A 81 15.67 7.94 0.29
CA LEU A 81 16.64 8.70 -0.50
C LEU A 81 17.07 7.90 -1.73
N ASP A 82 16.75 6.61 -1.72
CA ASP A 82 17.09 5.71 -2.81
C ASP A 82 16.13 5.88 -3.98
N ASN A 83 15.06 6.65 -3.75
CA ASN A 83 13.97 6.82 -4.70
C ASN A 83 13.18 5.53 -4.84
N VAL A 84 13.36 4.64 -3.87
CA VAL A 84 12.61 3.41 -3.81
C VAL A 84 11.33 3.63 -3.02
N ARG A 85 10.21 3.36 -3.66
CA ARG A 85 8.91 3.59 -3.07
C ARG A 85 8.33 2.29 -2.53
N VAL A 86 8.14 2.24 -1.23
CA VAL A 86 7.52 1.09 -0.58
C VAL A 86 6.01 1.25 -0.60
N VAL A 87 5.36 0.51 -1.49
CA VAL A 87 3.92 0.63 -1.70
C VAL A 87 3.17 -0.50 -0.99
N THR A 88 2.01 -0.15 -0.44
CA THR A 88 1.17 -1.13 0.24
C THR A 88 -0.29 -0.68 0.12
N ASP A 89 -1.22 -1.62 0.23
CA ASP A 89 -2.63 -1.30 0.11
C ASP A 89 -3.11 -0.50 1.31
N TYR A 90 -3.61 0.69 1.04
CA TYR A 90 -4.00 1.63 2.10
C TYR A 90 -5.32 1.22 2.73
N SER A 91 -6.16 0.52 1.98
CA SER A 91 -7.43 0.05 2.48
C SER A 91 -7.18 -1.07 3.50
N GLU A 92 -6.27 -1.98 3.15
CA GLU A 92 -5.86 -3.04 4.07
C GLU A 92 -5.17 -2.44 5.30
N PHE A 93 -4.32 -1.44 5.06
CA PHE A 93 -3.58 -0.79 6.13
C PHE A 93 -4.54 -0.09 7.10
N GLN A 94 -5.50 0.64 6.55
CA GLN A 94 -6.50 1.33 7.38
C GLN A 94 -7.38 0.32 8.10
N LYS A 95 -7.58 -0.84 7.51
CA LYS A 95 -8.35 -1.91 8.13
C LYS A 95 -7.64 -2.39 9.40
N ILE A 96 -6.32 -2.36 9.38
CA ILE A 96 -5.52 -2.71 10.55
C ILE A 96 -5.56 -1.59 11.59
N LEU A 97 -5.51 -0.34 11.12
CA LEU A 97 -5.62 0.81 12.00
C LEU A 97 -7.01 0.86 12.64
N LYS A 98 -7.99 0.35 11.90
CA LYS A 98 -9.36 0.22 12.38
C LYS A 98 -9.43 -0.81 13.50
N LYS A 99 -8.65 -1.88 13.36
CA LYS A 99 -8.54 -2.89 14.40
C LYS A 99 -7.92 -2.30 15.67
N ARG A 100 -6.83 -1.58 15.47
CA ARG A 100 -6.09 -0.98 16.58
C ARG A 100 -6.91 0.13 17.24
N GLY A 101 -7.60 0.90 16.42
CA GLY A 101 -8.34 2.04 16.92
C GLY A 101 -7.48 3.27 16.98
N THR A 102 -6.66 3.45 15.95
CA THR A 102 -5.73 4.56 15.88
C THR A 102 -6.47 5.91 15.84
N LYS A 103 -6.05 6.81 16.71
CA LYS A 103 -6.68 8.13 16.88
C LYS A 103 -6.57 8.98 15.61
N LEU A 104 -5.66 8.61 14.71
CA LEU A 104 -5.47 9.34 13.45
C LEU A 104 -6.77 9.40 12.66
N GLU A 105 -7.52 8.30 12.66
CA GLU A 105 -8.83 8.27 12.02
C GLU A 105 -9.91 8.64 13.03
N HIS A 106 -10.04 7.82 14.05
CA HIS A 106 -11.02 8.08 15.10
C HIS A 106 -10.43 9.04 16.12
N HIS A 107 -10.67 10.32 15.91
CA HIS A 107 -10.13 11.36 16.78
C HIS A 107 -10.71 11.25 18.17
N HIS A 108 -11.98 10.87 18.22
CA HIS A 108 -12.62 10.53 19.48
C HIS A 108 -12.73 9.02 19.58
N HIS A 109 -12.02 8.45 20.54
CA HIS A 109 -11.89 6.99 20.66
C HIS A 109 -13.27 6.33 20.80
N HIS A 110 -13.89 6.50 21.96
CA HIS A 110 -15.22 5.98 22.28
C HIS A 110 -15.53 6.24 23.74
N HIS A 111 -14.80 5.57 24.61
CA HIS A 111 -14.85 5.82 26.04
C HIS A 111 -13.49 6.29 26.50
N MET A 1 17.01 6.53 8.09
CA MET A 1 17.05 5.16 7.54
C MET A 1 17.11 5.18 6.02
N ASN A 2 17.21 4.01 5.43
CA ASN A 2 17.21 3.85 3.98
C ASN A 2 16.38 2.61 3.60
N SER A 3 16.18 2.39 2.32
CA SER A 3 15.47 1.19 1.87
C SER A 3 16.36 -0.01 2.13
N GLU A 4 17.67 0.25 2.14
CA GLU A 4 18.66 -0.76 2.51
C GLU A 4 18.39 -1.27 3.93
N VAL A 5 17.95 -0.36 4.79
CA VAL A 5 17.63 -0.71 6.17
C VAL A 5 16.38 -1.59 6.22
N ILE A 6 15.38 -1.23 5.43
CA ILE A 6 14.17 -2.02 5.33
C ILE A 6 14.50 -3.42 4.82
N LYS A 7 15.32 -3.48 3.79
CA LYS A 7 15.81 -4.75 3.25
C LYS A 7 16.49 -5.57 4.34
N GLU A 8 17.45 -4.94 5.01
CA GLU A 8 18.22 -5.60 6.07
C GLU A 8 17.30 -6.13 7.17
N PHE A 9 16.36 -5.31 7.59
CA PHE A 9 15.43 -5.67 8.66
C PHE A 9 14.55 -6.86 8.26
N LEU A 10 14.01 -6.81 7.05
CA LEU A 10 13.11 -7.86 6.58
C LEU A 10 13.87 -9.15 6.31
N GLU A 11 15.10 -9.04 5.84
CA GLU A 11 15.95 -10.22 5.65
C GLU A 11 16.35 -10.81 6.99
N ASP A 12 16.53 -9.95 7.97
CA ASP A 12 16.89 -10.36 9.32
C ASP A 12 15.78 -11.21 9.93
N ILE A 13 14.57 -10.69 9.91
CA ILE A 13 13.42 -11.39 10.50
C ILE A 13 12.93 -12.51 9.59
N GLY A 14 13.30 -12.47 8.32
CA GLY A 14 12.88 -13.49 7.38
C GLY A 14 11.45 -13.28 6.93
N GLU A 15 11.19 -12.14 6.31
CA GLU A 15 9.85 -11.81 5.86
C GLU A 15 9.80 -11.79 4.33
N ASP A 16 8.61 -11.93 3.77
CA ASP A 16 8.43 -11.90 2.32
C ASP A 16 8.64 -10.49 1.78
N TYR A 17 9.64 -10.34 0.93
CA TYR A 17 10.01 -9.06 0.38
C TYR A 17 9.81 -9.05 -1.13
N ILE A 18 8.97 -8.15 -1.61
CA ILE A 18 8.70 -8.06 -3.04
C ILE A 18 9.06 -6.69 -3.58
N GLU A 19 10.15 -6.62 -4.34
CA GLU A 19 10.54 -5.39 -5.00
C GLU A 19 10.71 -5.63 -6.49
N LEU A 20 10.01 -4.84 -7.28
CA LEU A 20 10.08 -4.91 -8.73
C LEU A 20 11.08 -3.90 -9.25
N GLU A 21 12.24 -3.87 -8.61
CA GLU A 21 13.31 -2.93 -8.92
C GLU A 21 12.89 -1.50 -8.60
N ASN A 22 13.25 -1.05 -7.40
CA ASN A 22 12.96 0.31 -6.91
C ASN A 22 11.49 0.46 -6.56
N GLU A 23 10.67 -0.54 -6.88
CA GLU A 23 9.27 -0.53 -6.50
C GLU A 23 9.02 -1.63 -5.48
N ILE A 24 8.69 -1.26 -4.26
CA ILE A 24 8.49 -2.22 -3.19
C ILE A 24 7.01 -2.35 -2.87
N HIS A 25 6.54 -3.57 -2.76
CA HIS A 25 5.18 -3.84 -2.31
C HIS A 25 5.24 -4.79 -1.12
N LEU A 26 5.01 -4.26 0.07
CA LEU A 26 5.27 -4.99 1.30
C LEU A 26 4.03 -5.70 1.84
N LYS A 27 4.24 -6.38 2.97
CA LYS A 27 3.20 -7.13 3.64
C LYS A 27 2.43 -6.23 4.60
N PRO A 28 1.09 -6.28 4.56
CA PRO A 28 0.20 -5.37 5.32
C PRO A 28 0.64 -5.10 6.75
N GLU A 29 0.53 -6.09 7.63
CA GLU A 29 0.78 -5.88 9.06
C GLU A 29 2.25 -5.77 9.37
N VAL A 30 3.09 -5.94 8.36
CA VAL A 30 4.53 -5.76 8.53
C VAL A 30 4.90 -4.31 8.25
N PHE A 31 4.34 -3.77 7.16
CA PHE A 31 4.57 -2.37 6.79
C PHE A 31 4.12 -1.44 7.89
N TYR A 32 3.06 -1.83 8.59
CA TYR A 32 2.53 -1.05 9.71
C TYR A 32 3.61 -0.76 10.75
N GLU A 33 4.44 -1.75 11.03
CA GLU A 33 5.49 -1.60 12.03
C GLU A 33 6.72 -0.92 11.45
N VAL A 34 6.94 -1.11 10.15
CA VAL A 34 8.01 -0.41 9.44
C VAL A 34 7.70 1.09 9.41
N TRP A 35 6.43 1.40 9.25
CA TRP A 35 5.95 2.77 9.30
C TRP A 35 6.33 3.43 10.61
N LYS A 36 6.00 2.80 11.73
CA LYS A 36 6.36 3.31 13.05
C LYS A 36 7.88 3.28 13.25
N TYR A 37 8.53 2.31 12.62
CA TYR A 37 9.98 2.15 12.72
C TYR A 37 10.70 3.41 12.22
N VAL A 38 10.18 3.97 11.13
CA VAL A 38 10.83 5.12 10.50
C VAL A 38 10.34 6.44 11.09
N GLY A 39 9.56 6.37 12.16
CA GLY A 39 9.12 7.58 12.83
C GLY A 39 7.64 7.85 12.64
N GLU A 40 6.98 6.95 11.91
CA GLU A 40 5.54 7.05 11.61
C GLU A 40 5.10 8.45 11.17
N PRO A 41 5.55 8.89 9.98
CA PRO A 41 5.15 10.18 9.41
C PRO A 41 3.95 10.04 8.48
N GLU A 42 3.53 11.15 7.90
CA GLU A 42 2.45 11.15 6.93
C GLU A 42 2.91 10.51 5.61
N LEU A 43 2.31 9.37 5.29
CA LEU A 43 2.65 8.66 4.07
C LEU A 43 1.98 9.32 2.85
N LYS A 44 2.46 8.97 1.66
CA LYS A 44 1.97 9.57 0.44
C LYS A 44 1.09 8.58 -0.32
N THR A 45 -0.14 8.97 -0.59
CA THR A 45 -1.08 8.08 -1.26
C THR A 45 -1.25 8.45 -2.74
N TYR A 46 -1.50 7.45 -3.57
CA TYR A 46 -1.75 7.67 -4.99
C TYR A 46 -3.02 6.95 -5.41
N VAL A 47 -3.76 7.54 -6.33
CA VAL A 47 -5.00 6.96 -6.82
C VAL A 47 -4.81 6.35 -8.20
N ILE A 48 -4.92 5.03 -8.28
CA ILE A 48 -4.82 4.35 -9.56
C ILE A 48 -6.18 3.77 -9.96
N GLU A 49 -6.75 4.32 -11.02
CA GLU A 49 -8.02 3.85 -11.52
C GLU A 49 -7.86 2.56 -12.31
N ASP A 50 -8.28 1.46 -11.72
CA ASP A 50 -8.16 0.15 -12.35
C ASP A 50 -9.44 -0.16 -13.12
N GLU A 51 -9.29 -0.48 -14.38
CA GLU A 51 -10.43 -0.67 -15.26
C GLU A 51 -10.82 -2.15 -15.32
N ILE A 52 -11.90 -2.50 -14.63
CA ILE A 52 -12.41 -3.86 -14.63
C ILE A 52 -13.34 -4.08 -15.82
N VAL A 53 -12.89 -4.88 -16.78
CA VAL A 53 -13.69 -5.18 -17.94
C VAL A 53 -13.69 -6.68 -18.21
N GLU A 54 -14.80 -7.19 -18.70
CA GLU A 54 -14.87 -8.56 -19.16
C GLU A 54 -14.70 -8.59 -20.67
N PRO A 55 -13.64 -9.25 -21.16
CA PRO A 55 -13.28 -9.25 -22.57
C PRO A 55 -14.27 -10.05 -23.43
N GLY A 56 -13.93 -10.15 -24.71
CA GLY A 56 -14.79 -10.84 -25.66
C GLY A 56 -13.98 -11.74 -26.55
N GLU A 57 -13.07 -12.47 -25.94
CA GLU A 57 -12.15 -13.37 -26.64
C GLU A 57 -12.89 -14.24 -27.65
N TYR A 58 -14.04 -14.76 -27.25
CA TYR A 58 -14.84 -15.60 -28.13
C TYR A 58 -16.25 -15.02 -28.27
N ASP A 59 -16.46 -14.24 -29.31
CA ASP A 59 -17.76 -13.60 -29.54
C ASP A 59 -18.59 -14.42 -30.51
N PRO A 60 -19.72 -14.97 -30.03
CA PRO A 60 -20.69 -15.66 -30.88
C PRO A 60 -21.47 -14.67 -31.75
N PRO A 61 -22.18 -15.16 -32.79
CA PRO A 61 -22.98 -14.31 -33.67
C PRO A 61 -24.26 -13.81 -33.00
N GLU A 62 -24.13 -13.38 -31.75
CA GLU A 62 -25.25 -12.88 -30.97
C GLU A 62 -24.97 -11.47 -30.50
N MET A 63 -25.88 -10.92 -29.70
CA MET A 63 -25.66 -9.61 -29.10
C MET A 63 -25.54 -9.76 -27.58
N LYS A 64 -24.33 -10.09 -27.13
CA LYS A 64 -24.07 -10.21 -25.70
C LYS A 64 -23.53 -8.88 -25.18
N TYR A 65 -24.07 -8.41 -24.08
CA TYR A 65 -23.73 -7.09 -23.58
C TYR A 65 -22.86 -7.15 -22.33
N THR A 66 -21.98 -6.17 -22.21
CA THR A 66 -21.10 -6.04 -21.07
C THR A 66 -20.54 -4.61 -21.04
N ASN A 67 -20.16 -4.12 -19.87
CA ASN A 67 -19.75 -2.73 -19.75
C ASN A 67 -18.48 -2.57 -18.92
N VAL A 68 -17.82 -1.43 -19.08
CA VAL A 68 -16.60 -1.12 -18.36
C VAL A 68 -16.91 -0.57 -16.97
N LYS A 69 -16.23 -1.08 -15.95
CA LYS A 69 -16.38 -0.58 -14.59
C LYS A 69 -15.01 -0.27 -14.00
N LYS A 70 -14.72 1.01 -13.85
CA LYS A 70 -13.42 1.45 -13.34
C LYS A 70 -13.50 1.63 -11.82
N VAL A 71 -12.52 1.10 -11.11
CA VAL A 71 -12.45 1.26 -9.67
C VAL A 71 -11.21 2.06 -9.28
N LYS A 72 -11.40 3.10 -8.49
CA LYS A 72 -10.29 3.95 -8.08
C LYS A 72 -9.64 3.40 -6.83
N ILE A 73 -8.52 2.72 -7.02
CA ILE A 73 -7.79 2.12 -5.92
C ILE A 73 -6.73 3.09 -5.42
N LYS A 74 -6.89 3.54 -4.19
CA LYS A 74 -5.93 4.46 -3.59
C LYS A 74 -4.98 3.68 -2.70
N LYS A 75 -3.71 3.66 -3.07
CA LYS A 75 -2.70 2.95 -2.31
C LYS A 75 -1.74 3.95 -1.69
N VAL A 76 -0.91 3.49 -0.75
CA VAL A 76 -0.08 4.38 0.02
C VAL A 76 1.39 3.95 -0.06
N TYR A 77 2.30 4.92 -0.09
CA TYR A 77 3.72 4.63 -0.14
C TYR A 77 4.54 5.78 0.43
N PHE A 78 5.83 5.57 0.55
CA PHE A 78 6.75 6.64 0.88
C PHE A 78 8.08 6.40 0.16
N GLU A 79 8.79 7.47 -0.14
CA GLU A 79 10.02 7.35 -0.89
C GLU A 79 11.21 7.48 0.05
N THR A 80 12.13 6.53 -0.04
CA THR A 80 13.32 6.54 0.78
C THR A 80 14.42 7.41 0.17
N LEU A 81 15.51 7.61 0.92
CA LEU A 81 16.59 8.48 0.50
C LEU A 81 17.32 7.92 -0.71
N ASP A 82 17.15 6.62 -0.96
CA ASP A 82 17.80 5.95 -2.07
C ASP A 82 16.89 5.88 -3.29
N ASN A 83 15.82 6.70 -3.27
CA ASN A 83 14.92 6.87 -4.41
C ASN A 83 14.06 5.63 -4.66
N VAL A 84 13.88 4.82 -3.63
CA VAL A 84 13.05 3.62 -3.75
C VAL A 84 11.66 3.89 -3.18
N ARG A 85 10.65 3.33 -3.83
CA ARG A 85 9.26 3.51 -3.41
C ARG A 85 8.77 2.32 -2.59
N VAL A 86 8.43 2.58 -1.34
CA VAL A 86 7.88 1.56 -0.47
C VAL A 86 6.35 1.64 -0.48
N VAL A 87 5.71 0.81 -1.29
CA VAL A 87 4.28 0.90 -1.51
C VAL A 87 3.52 -0.22 -0.77
N THR A 88 2.35 0.11 -0.27
CA THR A 88 1.46 -0.84 0.38
C THR A 88 0.02 -0.37 0.19
N ASP A 89 -0.95 -1.26 0.33
CA ASP A 89 -2.34 -0.89 0.10
C ASP A 89 -2.87 -0.02 1.21
N TYR A 90 -3.51 1.09 0.84
CA TYR A 90 -4.02 2.07 1.79
C TYR A 90 -5.26 1.56 2.51
N SER A 91 -6.03 0.72 1.84
CA SER A 91 -7.25 0.17 2.43
C SER A 91 -6.86 -0.81 3.52
N GLU A 92 -5.88 -1.65 3.23
CA GLU A 92 -5.39 -2.64 4.18
C GLU A 92 -4.63 -1.94 5.31
N PHE A 93 -3.93 -0.86 4.96
CA PHE A 93 -3.21 -0.06 5.96
C PHE A 93 -4.19 0.55 6.96
N GLN A 94 -5.23 1.20 6.44
CA GLN A 94 -6.26 1.81 7.28
C GLN A 94 -7.01 0.74 8.07
N LYS A 95 -7.11 -0.45 7.48
CA LYS A 95 -7.70 -1.60 8.15
C LYS A 95 -6.99 -1.87 9.47
N ILE A 96 -5.67 -1.86 9.44
CA ILE A 96 -4.86 -2.13 10.63
C ILE A 96 -4.97 -0.98 11.63
N LEU A 97 -5.01 0.24 11.13
CA LEU A 97 -5.15 1.42 11.99
C LEU A 97 -6.43 1.34 12.81
N LYS A 98 -7.52 0.98 12.16
CA LYS A 98 -8.80 0.83 12.83
C LYS A 98 -8.83 -0.44 13.67
N LYS A 99 -8.08 -1.44 13.22
CA LYS A 99 -8.03 -2.75 13.87
C LYS A 99 -7.56 -2.65 15.32
N ARG A 100 -6.50 -1.89 15.56
CA ARG A 100 -5.98 -1.75 16.91
C ARG A 100 -6.35 -0.40 17.51
N GLY A 101 -6.94 0.47 16.70
CA GLY A 101 -7.35 1.77 17.19
C GLY A 101 -6.18 2.69 17.46
N THR A 102 -5.25 2.73 16.51
CA THR A 102 -4.03 3.52 16.67
C THR A 102 -4.33 5.01 16.56
N LYS A 103 -5.40 5.35 15.86
CA LYS A 103 -5.84 6.73 15.75
C LYS A 103 -7.08 6.93 16.62
N LEU A 104 -6.87 6.90 17.92
CA LEU A 104 -7.95 7.07 18.88
C LEU A 104 -7.36 7.48 20.22
N GLU A 105 -7.82 8.61 20.74
CA GLU A 105 -7.35 9.10 22.03
C GLU A 105 -8.49 9.07 23.03
N HIS A 106 -8.36 8.20 24.03
CA HIS A 106 -9.41 7.96 25.02
C HIS A 106 -9.79 9.25 25.75
N HIS A 107 -8.84 10.15 25.91
CA HIS A 107 -9.11 11.42 26.57
C HIS A 107 -8.86 12.57 25.59
N HIS A 108 -9.83 13.46 25.47
CA HIS A 108 -9.71 14.63 24.62
C HIS A 108 -9.64 15.90 25.44
N HIS A 109 -8.67 16.74 25.15
CA HIS A 109 -8.55 18.03 25.81
C HIS A 109 -9.46 19.04 25.13
N HIS A 110 -10.17 19.82 25.95
CA HIS A 110 -11.19 20.75 25.46
C HIS A 110 -12.38 19.97 24.88
N HIS A 111 -12.24 19.53 23.64
CA HIS A 111 -13.23 18.68 22.98
C HIS A 111 -12.79 18.37 21.56
N MET A 1 19.03 5.45 6.45
CA MET A 1 18.12 4.35 6.07
C MET A 1 17.83 4.38 4.57
N ASN A 2 18.11 3.27 3.90
CA ASN A 2 17.76 3.10 2.51
C ASN A 2 16.99 1.81 2.35
N SER A 3 16.61 1.46 1.12
CA SER A 3 15.90 0.21 0.87
C SER A 3 16.71 -0.98 1.38
N GLU A 4 18.04 -0.85 1.34
CA GLU A 4 18.95 -1.87 1.86
C GLU A 4 18.66 -2.14 3.34
N VAL A 5 18.64 -1.08 4.13
CA VAL A 5 18.39 -1.19 5.57
C VAL A 5 17.01 -1.80 5.83
N ILE A 6 16.02 -1.36 5.07
CA ILE A 6 14.68 -1.93 5.13
C ILE A 6 14.73 -3.46 4.94
N LYS A 7 15.51 -3.90 3.94
CA LYS A 7 15.64 -5.33 3.66
C LYS A 7 16.26 -6.06 4.84
N GLU A 8 17.28 -5.46 5.46
CA GLU A 8 17.90 -6.04 6.64
C GLU A 8 16.89 -6.23 7.75
N PHE A 9 16.03 -5.23 7.93
CA PHE A 9 14.99 -5.27 8.95
C PHE A 9 13.98 -6.37 8.64
N LEU A 10 13.58 -6.45 7.38
CA LEU A 10 12.63 -7.46 6.94
C LEU A 10 13.20 -8.86 7.09
N GLU A 11 14.48 -9.02 6.77
CA GLU A 11 15.16 -10.30 6.90
C GLU A 11 15.28 -10.70 8.37
N ASP A 12 15.58 -9.73 9.22
CA ASP A 12 15.67 -9.95 10.66
C ASP A 12 14.34 -10.46 11.21
N ILE A 13 13.25 -9.84 10.77
CA ILE A 13 11.92 -10.27 11.18
C ILE A 13 11.58 -11.62 10.54
N GLY A 14 11.93 -11.78 9.28
CA GLY A 14 11.63 -13.01 8.57
C GLY A 14 10.38 -12.88 7.73
N GLU A 15 10.18 -11.70 7.16
CA GLU A 15 9.01 -11.41 6.35
C GLU A 15 9.36 -11.40 4.87
N ASP A 16 8.34 -11.21 4.05
CA ASP A 16 8.50 -11.21 2.60
C ASP A 16 8.31 -9.80 2.06
N TYR A 17 8.99 -9.49 0.96
CA TYR A 17 8.84 -8.20 0.32
C TYR A 17 8.95 -8.36 -1.19
N ILE A 18 8.18 -7.57 -1.93
CA ILE A 18 8.23 -7.61 -3.37
C ILE A 18 8.80 -6.30 -3.91
N GLU A 19 10.05 -6.33 -4.32
CA GLU A 19 10.71 -5.15 -4.84
C GLU A 19 10.57 -5.05 -6.35
N LEU A 20 10.21 -3.87 -6.81
CA LEU A 20 10.06 -3.57 -8.21
C LEU A 20 11.00 -2.42 -8.58
N GLU A 21 10.76 -1.78 -9.72
CA GLU A 21 11.57 -0.64 -10.11
C GLU A 21 11.27 0.56 -9.22
N ASN A 22 12.15 0.81 -8.26
CA ASN A 22 12.05 1.95 -7.36
C ASN A 22 10.85 1.80 -6.43
N GLU A 23 10.38 0.58 -6.26
CA GLU A 23 9.24 0.31 -5.39
C GLU A 23 9.48 -0.93 -4.55
N ILE A 24 9.09 -0.87 -3.28
CA ILE A 24 9.07 -2.04 -2.43
C ILE A 24 7.67 -2.25 -1.88
N HIS A 25 7.02 -3.32 -2.30
CA HIS A 25 5.67 -3.61 -1.85
C HIS A 25 5.70 -4.57 -0.67
N LEU A 26 5.09 -4.16 0.43
CA LEU A 26 5.12 -4.92 1.66
C LEU A 26 3.72 -5.41 2.03
N LYS A 27 3.67 -6.16 3.12
CA LYS A 27 2.40 -6.61 3.68
C LYS A 27 1.88 -5.53 4.64
N PRO A 28 0.57 -5.23 4.59
CA PRO A 28 -0.03 -4.18 5.43
C PRO A 28 0.30 -4.32 6.91
N GLU A 29 0.33 -5.56 7.39
CA GLU A 29 0.58 -5.84 8.80
C GLU A 29 2.05 -5.61 9.16
N VAL A 30 2.93 -5.81 8.19
CA VAL A 30 4.36 -5.61 8.39
C VAL A 30 4.72 -4.15 8.20
N PHE A 31 4.08 -3.53 7.22
CA PHE A 31 4.30 -2.12 6.89
C PHE A 31 4.02 -1.24 8.10
N TYR A 32 3.09 -1.68 8.95
CA TYR A 32 2.75 -0.95 10.17
C TYR A 32 3.98 -0.69 11.02
N GLU A 33 4.82 -1.71 11.20
CA GLU A 33 6.00 -1.58 12.03
C GLU A 33 7.15 -0.93 11.26
N VAL A 34 7.18 -1.12 9.95
CA VAL A 34 8.19 -0.48 9.10
C VAL A 34 7.96 1.03 9.07
N TRP A 35 6.69 1.41 8.97
CA TRP A 35 6.28 2.80 9.02
C TRP A 35 6.77 3.46 10.30
N LYS A 36 6.58 2.77 11.42
CA LYS A 36 7.02 3.29 12.71
C LYS A 36 8.53 3.16 12.88
N TYR A 37 9.14 2.25 12.12
CA TYR A 37 10.58 2.05 12.18
C TYR A 37 11.30 3.29 11.65
N VAL A 38 10.71 3.93 10.66
CA VAL A 38 11.29 5.13 10.06
C VAL A 38 10.72 6.40 10.72
N GLY A 39 10.03 6.22 11.84
CA GLY A 39 9.55 7.36 12.62
C GLY A 39 8.20 7.87 12.16
N GLU A 40 7.38 6.98 11.61
CA GLU A 40 6.03 7.28 11.12
C GLU A 40 5.92 8.66 10.47
N PRO A 41 6.43 8.80 9.24
CA PRO A 41 6.43 10.05 8.51
C PRO A 41 5.17 10.23 7.66
N GLU A 42 5.25 11.10 6.65
CA GLU A 42 4.13 11.40 5.79
C GLU A 42 3.78 10.22 4.88
N LEU A 43 2.55 9.77 4.96
CA LEU A 43 2.06 8.72 4.09
C LEU A 43 1.49 9.30 2.81
N LYS A 44 2.10 8.96 1.69
CA LYS A 44 1.68 9.47 0.40
C LYS A 44 0.75 8.48 -0.27
N THR A 45 -0.47 8.92 -0.54
CA THR A 45 -1.45 8.08 -1.20
C THR A 45 -1.65 8.52 -2.65
N TYR A 46 -1.67 7.56 -3.56
CA TYR A 46 -1.90 7.85 -4.96
C TYR A 46 -3.02 6.98 -5.50
N VAL A 47 -3.86 7.57 -6.35
CA VAL A 47 -4.97 6.84 -6.92
C VAL A 47 -4.64 6.37 -8.32
N ILE A 48 -4.49 5.07 -8.48
CA ILE A 48 -4.26 4.49 -9.78
C ILE A 48 -5.52 3.76 -10.25
N GLU A 49 -6.21 4.35 -11.21
CA GLU A 49 -7.43 3.76 -11.72
C GLU A 49 -7.11 2.69 -12.75
N ASP A 50 -7.25 1.44 -12.33
CA ASP A 50 -6.99 0.31 -13.21
C ASP A 50 -8.31 -0.26 -13.68
N GLU A 51 -8.35 -0.78 -14.89
CA GLU A 51 -9.60 -1.24 -15.48
C GLU A 51 -9.74 -2.75 -15.35
N ILE A 52 -10.84 -3.19 -14.76
CA ILE A 52 -11.12 -4.59 -14.51
C ILE A 52 -10.09 -5.18 -13.54
N VAL A 53 -10.36 -5.03 -12.26
CA VAL A 53 -9.47 -5.58 -11.23
C VAL A 53 -10.16 -6.74 -10.53
N GLU A 54 -9.85 -7.94 -10.97
CA GLU A 54 -10.44 -9.15 -10.40
C GLU A 54 -9.53 -9.76 -9.35
N PRO A 55 -10.08 -10.59 -8.44
CA PRO A 55 -9.31 -11.25 -7.38
C PRO A 55 -8.12 -12.05 -7.90
N GLY A 56 -8.25 -12.62 -9.09
CA GLY A 56 -7.17 -13.39 -9.66
C GLY A 56 -7.53 -14.05 -10.98
N GLU A 57 -8.77 -14.48 -11.11
CA GLU A 57 -9.21 -15.18 -12.31
C GLU A 57 -10.24 -14.36 -13.09
N TYR A 58 -10.19 -14.45 -14.40
CA TYR A 58 -11.16 -13.78 -15.26
C TYR A 58 -12.16 -14.80 -15.80
N ASP A 59 -13.18 -14.32 -16.51
CA ASP A 59 -14.16 -15.22 -17.11
C ASP A 59 -13.63 -15.75 -18.45
N PRO A 60 -14.13 -16.91 -18.90
CA PRO A 60 -13.66 -17.60 -20.11
C PRO A 60 -13.42 -16.65 -21.30
N PRO A 61 -12.20 -16.69 -21.86
CA PRO A 61 -11.80 -15.82 -22.97
C PRO A 61 -12.50 -16.21 -24.28
N GLU A 62 -13.68 -15.65 -24.49
CA GLU A 62 -14.46 -15.89 -25.69
C GLU A 62 -14.73 -14.57 -26.39
N MET A 63 -15.47 -14.63 -27.49
CA MET A 63 -15.93 -13.42 -28.15
C MET A 63 -17.06 -12.79 -27.33
N LYS A 64 -16.66 -12.06 -26.31
CA LYS A 64 -17.59 -11.52 -25.32
C LYS A 64 -16.99 -10.27 -24.70
N TYR A 65 -17.80 -9.24 -24.51
CA TYR A 65 -17.32 -8.03 -23.90
C TYR A 65 -17.43 -8.10 -22.38
N THR A 66 -16.31 -8.39 -21.73
CA THR A 66 -16.23 -8.27 -20.29
C THR A 66 -16.25 -6.79 -19.92
N ASN A 67 -17.25 -6.38 -19.17
CA ASN A 67 -17.44 -4.97 -18.84
C ASN A 67 -16.18 -4.35 -18.26
N VAL A 68 -15.59 -3.43 -19.01
CA VAL A 68 -14.40 -2.73 -18.57
C VAL A 68 -14.77 -1.69 -17.53
N LYS A 69 -14.82 -2.12 -16.28
CA LYS A 69 -15.19 -1.25 -15.19
C LYS A 69 -13.94 -0.71 -14.51
N LYS A 70 -13.86 0.61 -14.39
CA LYS A 70 -12.69 1.27 -13.85
C LYS A 70 -12.66 1.20 -12.33
N VAL A 71 -11.53 0.76 -11.80
CA VAL A 71 -11.35 0.65 -10.35
C VAL A 71 -10.26 1.60 -9.87
N LYS A 72 -10.66 2.64 -9.15
CA LYS A 72 -9.69 3.59 -8.59
C LYS A 72 -9.01 2.98 -7.37
N ILE A 73 -7.80 2.48 -7.57
CA ILE A 73 -7.03 1.88 -6.49
C ILE A 73 -6.17 2.93 -5.80
N LYS A 74 -6.55 3.28 -4.59
CA LYS A 74 -5.80 4.25 -3.80
C LYS A 74 -4.78 3.52 -2.93
N LYS A 75 -3.52 3.61 -3.31
CA LYS A 75 -2.45 2.93 -2.58
C LYS A 75 -1.65 3.94 -1.77
N VAL A 76 -0.90 3.46 -0.79
CA VAL A 76 -0.12 4.33 0.08
C VAL A 76 1.36 3.93 0.06
N TYR A 77 2.24 4.92 0.11
CA TYR A 77 3.67 4.67 0.09
C TYR A 77 4.44 5.80 0.77
N PHE A 78 5.71 5.56 1.03
CA PHE A 78 6.62 6.63 1.45
C PHE A 78 7.94 6.47 0.70
N GLU A 79 8.63 7.58 0.46
CA GLU A 79 9.84 7.56 -0.33
C GLU A 79 11.08 7.63 0.53
N THR A 80 12.03 6.75 0.27
CA THR A 80 13.28 6.70 1.00
C THR A 80 14.29 7.70 0.43
N LEU A 81 15.52 7.64 0.93
CA LEU A 81 16.58 8.52 0.45
C LEU A 81 17.04 8.08 -0.94
N ASP A 82 17.02 6.77 -1.16
CA ASP A 82 17.48 6.20 -2.41
C ASP A 82 16.34 6.05 -3.42
N ASN A 83 15.31 6.87 -3.25
CA ASN A 83 14.22 7.03 -4.23
C ASN A 83 13.33 5.80 -4.33
N VAL A 84 13.33 4.96 -3.30
CA VAL A 84 12.51 3.78 -3.32
C VAL A 84 11.17 4.05 -2.63
N ARG A 85 10.09 3.80 -3.34
CA ARG A 85 8.76 3.99 -2.79
C ARG A 85 8.29 2.71 -2.12
N VAL A 86 8.18 2.75 -0.80
CA VAL A 86 7.65 1.61 -0.07
C VAL A 86 6.13 1.66 -0.12
N VAL A 87 5.57 0.86 -1.02
CA VAL A 87 4.14 0.91 -1.30
C VAL A 87 3.41 -0.26 -0.63
N THR A 88 2.25 0.02 -0.08
CA THR A 88 1.42 -0.99 0.54
C THR A 88 -0.06 -0.66 0.29
N ASP A 89 -0.92 -1.67 0.38
CA ASP A 89 -2.35 -1.46 0.17
C ASP A 89 -2.96 -0.61 1.27
N TYR A 90 -3.57 0.49 0.86
CA TYR A 90 -4.18 1.45 1.78
C TYR A 90 -5.41 0.86 2.44
N SER A 91 -6.10 -0.03 1.72
CA SER A 91 -7.33 -0.63 2.21
C SER A 91 -7.09 -1.44 3.49
N GLU A 92 -6.36 -2.53 3.36
CA GLU A 92 -6.14 -3.43 4.48
C GLU A 92 -5.27 -2.77 5.55
N PHE A 93 -4.39 -1.87 5.15
CA PHE A 93 -3.54 -1.16 6.10
C PHE A 93 -4.38 -0.34 7.09
N GLN A 94 -5.34 0.42 6.55
CA GLN A 94 -6.21 1.24 7.38
C GLN A 94 -7.07 0.37 8.29
N LYS A 95 -7.48 -0.79 7.78
CA LYS A 95 -8.25 -1.73 8.57
C LYS A 95 -7.46 -2.19 9.79
N ILE A 96 -6.18 -2.49 9.57
CA ILE A 96 -5.32 -2.94 10.66
C ILE A 96 -5.08 -1.83 11.67
N LEU A 97 -4.96 -0.60 11.19
CA LEU A 97 -4.83 0.56 12.07
C LEU A 97 -6.04 0.66 12.99
N LYS A 98 -7.23 0.58 12.41
CA LYS A 98 -8.47 0.61 13.16
C LYS A 98 -8.58 -0.60 14.08
N LYS A 99 -8.20 -1.75 13.54
CA LYS A 99 -8.29 -3.03 14.24
C LYS A 99 -7.45 -2.99 15.52
N ARG A 100 -6.18 -2.65 15.38
CA ARG A 100 -5.26 -2.69 16.53
C ARG A 100 -5.37 -1.42 17.37
N GLY A 101 -6.15 -0.45 16.89
CA GLY A 101 -6.46 0.73 17.70
C GLY A 101 -5.36 1.77 17.67
N THR A 102 -4.77 1.98 16.50
CA THR A 102 -3.71 2.96 16.34
C THR A 102 -4.29 4.37 16.27
N LYS A 103 -3.70 5.30 17.02
CA LYS A 103 -4.23 6.65 17.09
C LYS A 103 -3.50 7.57 16.10
N LEU A 104 -4.26 8.12 15.17
CA LEU A 104 -3.71 9.06 14.20
C LEU A 104 -4.15 10.48 14.54
N GLU A 105 -3.49 11.46 13.94
CA GLU A 105 -3.77 12.87 14.26
C GLU A 105 -5.12 13.32 13.72
N HIS A 106 -5.82 14.09 14.55
CA HIS A 106 -7.06 14.74 14.14
C HIS A 106 -6.97 16.22 14.44
N HIS A 107 -6.74 17.01 13.41
CA HIS A 107 -6.53 18.44 13.56
C HIS A 107 -7.79 19.22 13.23
N HIS A 108 -7.83 20.48 13.63
CA HIS A 108 -8.96 21.35 13.32
C HIS A 108 -8.72 22.01 11.97
N HIS A 109 -7.50 21.87 11.49
CA HIS A 109 -7.12 22.30 10.14
C HIS A 109 -6.30 21.20 9.48
N HIS A 110 -6.66 20.83 8.26
CA HIS A 110 -5.85 19.87 7.51
C HIS A 110 -4.48 20.49 7.21
N HIS A 111 -4.50 21.78 6.93
CA HIS A 111 -3.30 22.58 6.70
C HIS A 111 -3.69 24.05 6.59
#